data_7L29
#
_entry.id   7L29
#
_cell.length_a   82.415
_cell.length_b   58.783
_cell.length_c   156.996
_cell.angle_alpha   90.000
_cell.angle_beta   90.740
_cell.angle_gamma   90.000
#
_symmetry.space_group_name_H-M   'P 1 21 1'
#
loop_
_entity.id
_entity.type
_entity.pdbx_description
1 polymer "cGMP-inhibited 3',5'-cyclic phosphodiesterase A"
2 non-polymer 'ADENOSINE MONOPHOSPHATE'
3 non-polymer 'MANGANESE (II) ION'
4 non-polymer 'MAGNESIUM ION'
5 non-polymer 'CALCIUM ION'
6 non-polymer 'ACETATE ION'
7 water water
#
_entity_poly.entity_id   1
_entity_poly.type   'polypeptide(L)'
_entity_poly.pdbx_seq_one_letter_code
;GKPILAPEPLVMDNLDSIMEQLNTWNFPIFDLVENIGRKCGRILSQVSYRLFEDMGLFEAFKIPIREFMNYFHALEIGYR
DIPYHNRIHATDVLHAVWYLTTQPIPGLSTVIGGSGGSYVFSKTYNVTDDKYGCLSGNIPALELMALYVAAAMHDYDHPG
RTNAFLVATSAPQAVLYNDRSVLENHHAAAAWNLFMSRPEYNFLINLDHVEFKHFRFLVIEAILATDLKKHFDFVAKFNG
KVNDDVGIDWTNENDRLLVCQMCIKLADINGPAKCKELHLQWTDGIVNEFYEQGDEEASLGLPISPFMDRSAPQLANLQE
SFISHIVGPLCNSYDSAGLMPGKWVEGGSGGSRRKIYCQITQHLLQNHKMWKKVIEEEQR
;
_entity_poly.pdbx_strand_id   A,B,C,D
#
loop_
_chem_comp.id
_chem_comp.type
_chem_comp.name
_chem_comp.formula
ACT non-polymer 'ACETATE ION' 'C2 H3 O2 -1'
AMP non-polymer 'ADENOSINE MONOPHOSPHATE' 'C10 H14 N5 O7 P'
CA non-polymer 'CALCIUM ION' 'Ca 2'
MG non-polymer 'MAGNESIUM ION' 'Mg 2'
MN non-polymer 'MANGANESE (II) ION' 'Mn 2'
#
# COMPACT_ATOMS: atom_id res chain seq x y z
N LYS A 2 54.17 16.08 7.06
CA LYS A 2 55.47 15.81 6.39
C LYS A 2 55.76 14.30 6.39
N PRO A 3 56.24 13.73 5.27
CA PRO A 3 56.65 12.32 5.26
C PRO A 3 57.92 12.09 6.12
N ILE A 4 57.96 10.96 6.80
CA ILE A 4 59.18 10.43 7.36
C ILE A 4 59.88 9.72 6.20
N LEU A 5 61.08 10.18 5.85
CA LEU A 5 61.88 9.60 4.79
C LEU A 5 63.03 8.81 5.39
N ALA A 6 63.49 7.79 4.65
CA ALA A 6 64.61 6.95 5.09
C ALA A 6 65.88 7.77 5.25
N PRO A 7 66.72 7.57 6.31
CA PRO A 7 67.88 8.42 6.57
C PRO A 7 69.24 8.17 5.89
N GLU A 8 70.14 9.19 5.86
CA GLU A 8 71.54 9.07 5.35
C GLU A 8 71.60 8.29 4.04
N PRO A 9 72.71 7.59 3.66
CA PRO A 9 72.66 6.65 2.54
C PRO A 9 71.63 5.58 2.92
N LEU A 10 70.77 5.16 2.00
CA LEU A 10 69.66 4.22 2.31
C LEU A 10 70.17 2.98 3.04
N VAL A 11 71.14 2.27 2.47
CA VAL A 11 71.71 1.05 3.11
C VAL A 11 72.92 1.44 3.96
N MET A 12 72.96 1.03 5.23
CA MET A 12 74.12 1.28 6.10
C MET A 12 75.27 0.33 5.71
N ASP A 13 76.51 0.84 5.64
CA ASP A 13 77.66 0.04 5.21
C ASP A 13 78.41 -0.77 6.28
N ASN A 14 78.27 -0.36 7.54
CA ASN A 14 79.12 -0.83 8.65
C ASN A 14 78.58 -2.09 9.38
N LEU A 15 77.47 -2.65 8.87
CA LEU A 15 76.78 -3.74 9.52
C LEU A 15 77.01 -5.10 8.85
N ASP A 16 77.97 -5.18 7.93
CA ASP A 16 78.12 -6.36 7.05
C ASP A 16 78.36 -7.67 7.81
N SER A 17 79.18 -7.63 8.86
CA SER A 17 79.59 -8.84 9.57
C SER A 17 78.49 -9.42 10.46
N ILE A 18 77.63 -8.55 11.00
CA ILE A 18 76.46 -9.02 11.71
C ILE A 18 75.38 -9.52 10.74
N MET A 19 75.17 -8.83 9.61
CA MET A 19 74.11 -9.16 8.67
C MET A 19 74.32 -10.51 7.97
N GLU A 20 75.58 -10.92 7.84
CA GLU A 20 75.90 -12.22 7.19
C GLU A 20 75.40 -13.39 8.06
N GLN A 21 75.12 -13.13 9.33
CA GLN A 21 74.67 -14.19 10.27
C GLN A 21 73.14 -14.25 10.36
N LEU A 22 72.42 -13.67 9.39
CA LEU A 22 70.94 -13.71 9.40
C LEU A 22 70.49 -15.14 9.07
N ASN A 23 71.33 -15.91 8.38
CA ASN A 23 71.02 -17.32 8.02
C ASN A 23 71.09 -18.25 9.23
N THR A 24 71.19 -17.68 10.43
CA THR A 24 71.19 -18.51 11.67
C THR A 24 69.88 -18.29 12.44
N TRP A 25 69.43 -19.32 13.15
CA TRP A 25 68.18 -19.21 13.97
C TRP A 25 68.42 -18.26 15.13
N ASN A 26 69.50 -18.47 15.89
CA ASN A 26 69.80 -17.61 17.01
C ASN A 26 70.61 -16.39 16.53
N PHE A 27 70.00 -15.61 15.63
CA PHE A 27 70.61 -14.41 15.10
C PHE A 27 70.88 -13.47 16.28
N PRO A 28 72.09 -12.90 16.44
CA PRO A 28 72.38 -12.02 17.58
C PRO A 28 71.82 -10.63 17.36
N ILE A 29 70.50 -10.54 17.50
CA ILE A 29 69.76 -9.34 17.24
C ILE A 29 70.10 -8.18 18.18
N PHE A 30 70.40 -8.50 19.45
CA PHE A 30 70.81 -7.49 20.45
C PHE A 30 72.18 -6.91 20.20
N ASP A 31 73.09 -7.70 19.63
CA ASP A 31 74.36 -7.18 19.11
C ASP A 31 74.12 -6.22 17.92
N LEU A 32 73.14 -6.54 17.05
CA LEU A 32 72.85 -5.65 15.96
C LEU A 32 72.29 -4.31 16.47
N VAL A 33 71.44 -4.38 17.50
CA VAL A 33 70.89 -3.20 18.17
C VAL A 33 71.99 -2.26 18.67
N GLU A 34 73.01 -2.85 19.33
CA GLU A 34 74.14 -2.10 19.88
C GLU A 34 74.99 -1.46 18.80
N ASN A 35 75.21 -2.23 17.72
CA ASN A 35 75.96 -1.80 16.55
C ASN A 35 75.31 -0.58 15.88
N ILE A 36 73.98 -0.59 15.72
CA ILE A 36 73.24 0.51 15.11
C ILE A 36 73.11 1.71 16.06
N GLY A 37 72.91 1.43 17.35
CA GLY A 37 72.46 2.42 18.33
C GLY A 37 71.03 2.12 18.79
N ARG A 38 70.82 2.10 20.11
CA ARG A 38 69.62 1.56 20.75
C ARG A 38 68.26 2.17 20.34
N LYS A 39 68.21 3.50 20.20
CA LYS A 39 66.98 4.23 19.82
C LYS A 39 67.13 4.93 18.47
N CYS A 40 68.08 4.45 17.66
CA CYS A 40 68.40 5.01 16.36
C CYS A 40 67.23 4.91 15.36
N GLY A 41 66.44 3.85 15.50
CA GLY A 41 65.25 3.65 14.72
C GLY A 41 65.52 3.24 13.29
N ARG A 42 66.40 2.26 13.06
CA ARG A 42 66.79 1.85 11.68
C ARG A 42 66.92 0.32 11.55
N ILE A 43 66.79 -0.45 12.62
CA ILE A 43 67.02 -1.86 12.60
C ILE A 43 66.04 -2.59 11.67
N LEU A 44 64.75 -2.25 11.75
CA LEU A 44 63.74 -2.92 10.94
C LEU A 44 63.96 -2.71 9.43
N SER A 45 64.20 -1.45 9.02
CA SER A 45 64.39 -1.17 7.60
C SER A 45 65.69 -1.79 7.05
N GLN A 46 66.74 -1.83 7.87
CA GLN A 46 68.02 -2.38 7.44
C GLN A 46 67.95 -3.90 7.27
N VAL A 47 67.31 -4.60 8.22
CA VAL A 47 67.13 -6.04 8.09
C VAL A 47 66.20 -6.36 6.92
N SER A 48 65.11 -5.59 6.80
CA SER A 48 64.13 -5.80 5.73
C SER A 48 64.80 -5.68 4.36
N TYR A 49 65.60 -4.64 4.17
CA TYR A 49 66.34 -4.50 2.95
C TYR A 49 67.15 -5.78 2.63
N ARG A 50 67.89 -6.29 3.64
CA ARG A 50 68.79 -7.42 3.40
C ARG A 50 67.99 -8.68 3.05
N LEU A 51 66.88 -8.91 3.76
CA LEU A 51 66.10 -10.11 3.50
C LEU A 51 65.39 -10.06 2.14
N PHE A 52 64.85 -8.89 1.78
CA PHE A 52 64.23 -8.71 0.47
C PHE A 52 65.26 -8.90 -0.66
N GLU A 53 66.47 -8.38 -0.46
CA GLU A 53 67.54 -8.57 -1.43
C GLU A 53 67.99 -10.04 -1.49
N ASP A 54 68.15 -10.69 -0.33
CA ASP A 54 68.46 -12.11 -0.27
C ASP A 54 67.50 -12.99 -1.11
N MET A 55 66.22 -12.60 -1.10
CA MET A 55 65.16 -13.32 -1.83
C MET A 55 64.95 -12.89 -3.26
N GLY A 56 65.60 -11.81 -3.70
CA GLY A 56 65.38 -11.26 -5.03
C GLY A 56 63.97 -10.70 -5.22
N LEU A 57 63.33 -10.27 -4.13
CA LEU A 57 61.98 -9.70 -4.20
C LEU A 57 61.89 -8.33 -4.89
N PHE A 58 62.98 -7.56 -4.86
CA PHE A 58 63.05 -6.26 -5.51
C PHE A 58 62.93 -6.41 -7.02
N GLU A 59 63.67 -7.38 -7.58
CA GLU A 59 63.56 -7.69 -9.00
C GLU A 59 62.22 -8.35 -9.37
N ALA A 60 61.79 -9.33 -8.56
CA ALA A 60 60.54 -10.06 -8.77
C ALA A 60 59.30 -9.17 -8.89
N PHE A 61 59.24 -8.08 -8.10
CA PHE A 61 58.11 -7.16 -8.13
C PHE A 61 58.46 -5.74 -8.53
N LYS A 62 59.63 -5.56 -9.14
CA LYS A 62 60.10 -4.26 -9.62
C LYS A 62 59.84 -3.18 -8.55
N ILE A 63 60.26 -3.50 -7.32
CA ILE A 63 60.05 -2.64 -6.17
C ILE A 63 61.09 -1.54 -6.18
N PRO A 64 60.68 -0.25 -6.15
CA PRO A 64 61.65 0.83 -6.04
C PRO A 64 62.19 0.91 -4.60
N ILE A 65 63.51 0.93 -4.45
CA ILE A 65 64.13 0.76 -3.15
C ILE A 65 63.92 1.93 -2.24
N ARG A 66 63.91 3.13 -2.81
CA ARG A 66 63.73 4.34 -2.03
C ARG A 66 62.39 4.34 -1.30
N GLU A 67 61.32 4.01 -2.04
CA GLU A 67 59.97 4.00 -1.48
C GLU A 67 59.84 2.88 -0.43
N PHE A 68 60.51 1.76 -0.70
CA PHE A 68 60.53 0.62 0.23
C PHE A 68 61.17 1.07 1.54
N MET A 69 62.32 1.74 1.44
CA MET A 69 63.03 2.17 2.65
C MET A 69 62.28 3.29 3.36
N ASN A 70 61.66 4.21 2.60
CA ASN A 70 60.81 5.24 3.17
C ASN A 70 59.72 4.62 4.04
N TYR A 71 59.02 3.63 3.50
CA TYR A 71 57.93 3.02 4.22
C TYR A 71 58.41 2.26 5.47
N PHE A 72 59.42 1.40 5.32
CA PHE A 72 59.90 0.62 6.44
C PHE A 72 60.52 1.45 7.54
N HIS A 73 61.09 2.61 7.17
CA HIS A 73 61.56 3.55 8.16
C HIS A 73 60.40 4.23 8.88
N ALA A 74 59.38 4.68 8.13
CA ALA A 74 58.22 5.29 8.76
C ALA A 74 57.56 4.30 9.71
N LEU A 75 57.46 3.05 9.28
CA LEU A 75 56.89 1.98 10.05
C LEU A 75 57.66 1.77 11.36
N GLU A 76 58.98 1.67 11.26
CA GLU A 76 59.78 1.42 12.45
C GLU A 76 59.72 2.55 13.43
N ILE A 77 59.60 3.77 12.93
CA ILE A 77 59.47 4.97 13.78
C ILE A 77 58.17 4.98 14.59
N GLY A 78 57.13 4.31 14.10
CA GLY A 78 55.84 4.23 14.79
C GLY A 78 55.67 3.06 15.74
N TYR A 79 56.69 2.20 15.81
CA TYR A 79 56.81 1.27 16.94
C TYR A 79 57.32 2.14 18.09
N ARG A 80 56.67 2.03 19.24
CA ARG A 80 56.99 2.84 20.39
C ARG A 80 58.21 2.33 21.12
N ASP A 81 58.78 3.20 21.96
CA ASP A 81 59.95 2.88 22.78
C ASP A 81 59.44 2.24 24.04
N ILE A 82 59.00 0.98 23.93
CA ILE A 82 58.47 0.22 25.04
C ILE A 82 59.29 -1.06 25.12
N PRO A 83 59.32 -1.76 26.28
CA PRO A 83 60.25 -2.86 26.49
C PRO A 83 60.18 -4.09 25.56
N TYR A 84 59.00 -4.40 25.01
CA TYR A 84 58.88 -5.60 24.16
C TYR A 84 58.29 -5.36 22.76
N HIS A 85 57.10 -4.75 22.67
CA HIS A 85 56.43 -4.57 21.38
C HIS A 85 56.99 -3.39 20.63
N ASN A 86 58.26 -3.49 20.29
CA ASN A 86 59.03 -2.42 19.68
C ASN A 86 59.57 -2.91 18.32
N ARG A 87 60.35 -2.06 17.64
CA ARG A 87 60.82 -2.36 16.32
C ARG A 87 61.80 -3.53 16.29
N ILE A 88 62.41 -3.82 17.44
CA ILE A 88 63.34 -4.92 17.58
C ILE A 88 62.57 -6.23 17.55
N HIS A 89 61.43 -6.30 18.25
CA HIS A 89 60.56 -7.45 18.17
C HIS A 89 60.01 -7.68 16.76
N ALA A 90 59.62 -6.61 16.07
CA ALA A 90 59.13 -6.71 14.70
C ALA A 90 60.21 -7.32 13.81
N THR A 91 61.45 -6.83 13.97
CA THR A 91 62.58 -7.32 13.20
C THR A 91 62.81 -8.82 13.45
N ASP A 92 62.74 -9.21 14.74
CA ASP A 92 62.86 -10.59 15.17
C ASP A 92 61.82 -11.52 14.52
N VAL A 93 60.58 -11.05 14.45
CA VAL A 93 59.50 -11.85 13.87
C VAL A 93 59.68 -11.98 12.37
N LEU A 94 60.13 -10.90 11.73
CA LEU A 94 60.41 -10.91 10.32
C LEU A 94 61.54 -11.91 10.03
N HIS A 95 62.59 -11.85 10.85
CA HIS A 95 63.71 -12.75 10.67
C HIS A 95 63.25 -14.21 10.83
N ALA A 96 62.41 -14.48 11.85
CA ALA A 96 61.89 -15.80 12.07
C ALA A 96 61.00 -16.33 10.91
N VAL A 97 60.11 -15.50 10.35
CA VAL A 97 59.29 -15.99 9.21
C VAL A 97 60.16 -16.23 8.01
N TRP A 98 61.18 -15.41 7.81
CA TRP A 98 62.14 -15.65 6.70
C TRP A 98 62.87 -16.97 6.91
N TYR A 99 63.41 -17.21 8.09
CA TYR A 99 64.11 -18.48 8.40
C TYR A 99 63.17 -19.66 8.13
N LEU A 100 61.99 -19.60 8.72
CA LEU A 100 61.08 -20.73 8.58
C LEU A 100 60.68 -21.03 7.14
N THR A 101 60.65 -20.00 6.29
CA THR A 101 60.22 -20.14 4.90
C THR A 101 61.35 -20.39 3.91
N THR A 102 62.61 -20.21 4.33
CA THR A 102 63.73 -20.28 3.37
C THR A 102 64.73 -21.39 3.65
N GLN A 103 64.72 -21.79 4.92
CA GLN A 103 65.71 -22.75 5.39
C GLN A 103 65.37 -24.22 5.04
N PRO A 104 66.37 -25.12 4.87
CA PRO A 104 66.10 -26.50 4.49
C PRO A 104 65.22 -27.24 5.48
N ILE A 105 64.21 -27.92 4.95
CA ILE A 105 63.26 -28.70 5.71
C ILE A 105 63.42 -30.13 5.22
N PRO A 106 63.86 -31.06 6.10
CA PRO A 106 64.09 -32.43 5.69
C PRO A 106 62.82 -33.13 5.16
N GLY A 107 62.96 -33.71 3.96
CA GLY A 107 61.91 -34.47 3.32
C GLY A 107 60.70 -33.70 2.82
N LEU A 108 60.79 -32.39 2.72
CA LEU A 108 59.74 -31.59 2.11
C LEU A 108 59.92 -31.60 0.62
N SER A 109 58.86 -31.90 -0.13
CA SER A 109 58.87 -31.81 -1.59
C SER A 109 58.62 -30.37 -2.08
N THR A 110 59.41 -29.93 -3.08
CA THR A 110 59.38 -28.56 -3.62
C THR A 110 59.00 -28.48 -5.11
N VAL A 111 58.27 -27.42 -5.49
CA VAL A 111 57.94 -27.19 -6.89
C VAL A 111 59.16 -27.06 -7.79
N ILE A 112 60.12 -26.17 -7.48
CA ILE A 112 61.28 -25.93 -8.36
C ILE A 112 62.56 -26.65 -7.90
N GLY A 113 63.19 -26.15 -6.82
CA GLY A 113 64.48 -26.63 -6.32
C GLY A 113 65.58 -25.63 -6.65
N GLY A 117 59.63 -19.79 -11.22
CA GLY A 117 58.84 -18.83 -11.98
C GLY A 117 58.23 -17.77 -11.08
N SER A 118 57.03 -18.02 -10.57
CA SER A 118 56.34 -17.18 -9.57
C SER A 118 56.80 -17.49 -8.12
N TYR A 119 57.95 -18.18 -8.02
CA TYR A 119 58.59 -18.57 -6.76
C TYR A 119 59.98 -17.94 -6.63
N VAL A 120 60.41 -17.69 -5.39
CA VAL A 120 61.70 -17.10 -5.14
C VAL A 120 62.40 -17.99 -4.11
N PHE A 121 63.75 -17.92 -4.08
CA PHE A 121 64.61 -18.71 -3.21
C PHE A 121 65.73 -17.84 -2.60
N SER A 122 66.07 -18.10 -1.33
CA SER A 122 67.15 -17.40 -0.63
C SER A 122 68.48 -17.75 -1.27
N LYS A 123 69.38 -16.76 -1.34
CA LYS A 123 70.78 -17.01 -1.74
C LYS A 123 71.53 -17.92 -0.74
N THR A 124 70.98 -18.07 0.46
CA THR A 124 71.61 -18.88 1.54
C THR A 124 71.20 -20.35 1.44
N TYR A 125 70.39 -20.70 0.45
CA TYR A 125 69.91 -22.08 0.30
C TYR A 125 70.85 -22.93 -0.58
N ASN A 126 71.75 -23.68 0.09
CA ASN A 126 72.94 -24.29 -0.52
C ASN A 126 72.82 -25.79 -0.78
N VAL A 127 71.97 -26.47 -0.01
CA VAL A 127 71.66 -27.90 -0.19
C VAL A 127 71.09 -28.17 -1.61
N THR A 128 71.67 -29.19 -2.24
CA THR A 128 71.23 -29.64 -3.58
C THR A 128 70.64 -31.04 -3.37
N ASP A 129 70.71 -31.52 -2.13
CA ASP A 129 70.14 -32.84 -1.80
C ASP A 129 68.62 -32.81 -2.03
N ASP A 130 68.08 -33.81 -2.70
CA ASP A 130 66.63 -33.87 -3.01
C ASP A 130 65.87 -34.19 -1.74
N LYS A 131 66.57 -34.56 -0.68
CA LYS A 131 65.93 -34.90 0.62
C LYS A 131 65.71 -33.63 1.43
N TYR A 132 65.84 -32.46 0.81
CA TYR A 132 65.55 -31.19 1.52
C TYR A 132 64.76 -30.25 0.62
N GLY A 133 63.72 -29.59 1.16
CA GLY A 133 63.04 -28.52 0.46
C GLY A 133 62.90 -27.33 1.38
N CYS A 134 62.20 -26.30 0.92
CA CYS A 134 61.88 -25.12 1.74
C CYS A 134 60.51 -24.61 1.36
N LEU A 135 59.88 -23.86 2.27
CA LEU A 135 58.53 -23.38 2.04
C LEU A 135 58.46 -22.45 0.83
N SER A 136 59.54 -21.71 0.56
CA SER A 136 59.54 -20.74 -0.54
C SER A 136 59.45 -21.43 -1.92
N GLY A 137 59.69 -22.75 -1.95
CA GLY A 137 59.46 -23.58 -3.11
C GLY A 137 58.03 -24.01 -3.31
N ASN A 138 57.19 -23.80 -2.29
CA ASN A 138 55.79 -24.24 -2.27
C ASN A 138 54.76 -23.11 -2.17
N ILE A 139 55.21 -21.93 -1.76
CA ILE A 139 54.36 -20.76 -1.55
C ILE A 139 54.83 -19.66 -2.52
N PRO A 140 53.95 -19.21 -3.45
CA PRO A 140 54.36 -18.23 -4.44
C PRO A 140 54.92 -16.97 -3.79
N ALA A 141 55.82 -16.30 -4.52
CA ALA A 141 56.51 -15.11 -4.06
C ALA A 141 55.61 -14.00 -3.54
N LEU A 142 54.47 -13.78 -4.20
CA LEU A 142 53.53 -12.75 -3.77
C LEU A 142 53.03 -13.01 -2.36
N GLU A 143 52.71 -14.27 -2.08
CA GLU A 143 52.20 -14.68 -0.78
C GLU A 143 53.28 -14.67 0.27
N LEU A 144 54.50 -15.02 -0.12
CA LEU A 144 55.63 -14.94 0.78
C LEU A 144 55.92 -13.50 1.16
N MET A 145 55.91 -12.61 0.16
CA MET A 145 56.14 -11.19 0.40
C MET A 145 55.10 -10.61 1.37
N ALA A 146 53.84 -11.04 1.20
CA ALA A 146 52.78 -10.61 2.11
C ALA A 146 53.07 -11.02 3.55
N LEU A 147 53.53 -12.26 3.73
CA LEU A 147 53.91 -12.75 5.05
C LEU A 147 55.05 -11.92 5.70
N TYR A 148 56.06 -11.58 4.89
CA TYR A 148 57.18 -10.80 5.39
C TYR A 148 56.75 -9.39 5.78
N VAL A 149 55.96 -8.75 4.91
CA VAL A 149 55.43 -7.43 5.17
C VAL A 149 54.51 -7.45 6.40
N ALA A 150 53.67 -8.48 6.49
CA ALA A 150 52.85 -8.66 7.69
C ALA A 150 53.69 -8.72 8.99
N ALA A 151 54.78 -9.50 8.97
CA ALA A 151 55.65 -9.60 10.14
C ALA A 151 56.23 -8.24 10.55
N ALA A 152 56.71 -7.48 9.58
CA ALA A 152 57.19 -6.13 9.85
C ALA A 152 56.12 -5.21 10.47
N MET A 153 54.88 -5.34 10.02
CA MET A 153 53.76 -4.50 10.47
C MET A 153 53.05 -4.96 11.75
N HIS A 154 53.27 -6.20 12.19
CA HIS A 154 52.23 -6.93 12.95
C HIS A 154 51.93 -6.40 14.35
N ASP A 155 52.86 -5.60 14.91
CA ASP A 155 52.67 -4.97 16.22
C ASP A 155 52.83 -3.43 16.17
N TYR A 156 52.64 -2.84 14.98
CA TYR A 156 52.77 -1.41 14.77
C TYR A 156 51.95 -0.61 15.77
N ASP A 157 52.58 0.37 16.41
CA ASP A 157 51.96 1.29 17.36
C ASP A 157 51.30 0.57 18.54
N HIS A 158 51.95 -0.50 19.02
CA HIS A 158 51.49 -1.22 20.17
C HIS A 158 51.60 -0.32 21.39
N PRO A 159 50.54 -0.22 22.24
CA PRO A 159 50.59 0.65 23.42
C PRO A 159 51.22 0.02 24.68
N GLY A 160 51.69 -1.23 24.62
CA GLY A 160 52.22 -1.89 25.80
C GLY A 160 51.16 -2.40 26.78
N ARG A 161 49.95 -2.63 26.29
CA ARG A 161 48.84 -3.17 27.08
C ARG A 161 48.23 -4.31 26.27
N THR A 162 47.59 -5.26 26.97
CA THR A 162 46.96 -6.41 26.35
C THR A 162 45.55 -6.01 25.89
N ASN A 163 44.98 -6.85 25.04
CA ASN A 163 43.59 -6.63 24.55
C ASN A 163 42.64 -6.62 25.76
N ALA A 164 42.83 -7.56 26.69
CA ALA A 164 41.92 -7.65 27.85
C ALA A 164 41.92 -6.34 28.68
N PHE A 165 43.09 -5.68 28.77
CA PHE A 165 43.21 -4.42 29.50
C PHE A 165 42.44 -3.32 28.78
N LEU A 166 42.64 -3.24 27.46
CA LEU A 166 41.94 -2.26 26.63
C LEU A 166 40.45 -2.44 26.75
N VAL A 167 40.01 -3.70 26.73
CA VAL A 167 38.59 -4.03 26.80
C VAL A 167 38.02 -3.70 28.18
N ALA A 168 38.72 -4.15 29.24
CA ALA A 168 38.28 -3.92 30.62
C ALA A 168 38.19 -2.44 30.99
N THR A 169 39.01 -1.58 30.36
CA THR A 169 39.03 -0.16 30.65
C THR A 169 38.23 0.70 29.65
N SER A 170 37.56 0.05 28.69
CA SER A 170 36.82 0.72 27.61
C SER A 170 37.66 1.74 26.90
N ALA A 171 38.90 1.34 26.59
CA ALA A 171 39.80 2.21 25.89
C ALA A 171 39.14 2.61 24.59
N PRO A 172 39.36 3.84 24.09
CA PRO A 172 38.85 4.24 22.77
C PRO A 172 39.08 3.22 21.65
N GLN A 173 40.19 2.49 21.65
CA GLN A 173 40.45 1.47 20.64
C GLN A 173 39.54 0.24 20.76
N ALA A 174 39.23 -0.14 22.01
CA ALA A 174 38.33 -1.26 22.27
C ALA A 174 36.92 -0.92 21.80
N VAL A 175 36.48 0.33 22.04
CA VAL A 175 35.18 0.79 21.56
C VAL A 175 35.16 0.81 20.04
N LEU A 176 36.23 1.32 19.44
CA LEU A 176 36.36 1.43 18.00
C LEU A 176 36.26 0.10 17.29
N TYR A 177 36.91 -0.93 17.85
CA TYR A 177 36.91 -2.28 17.26
C TYR A 177 35.96 -3.27 17.91
N ASN A 178 34.97 -2.76 18.66
CA ASN A 178 33.94 -3.57 19.27
C ASN A 178 34.47 -4.77 20.05
N ASP A 179 35.56 -4.56 20.79
CA ASP A 179 36.20 -5.58 21.66
C ASP A 179 36.79 -6.77 20.88
N ARG A 180 36.86 -6.69 19.56
CA ARG A 180 37.31 -7.83 18.73
C ARG A 180 38.74 -7.60 18.20
N SER A 181 39.69 -8.48 18.55
CA SER A 181 41.12 -8.36 18.13
C SER A 181 41.55 -6.89 18.07
N VAL A 182 41.38 -6.15 19.16
CA VAL A 182 41.60 -4.69 19.19
C VAL A 182 43.01 -4.31 18.71
N LEU A 183 44.03 -4.84 19.35
CA LEU A 183 45.43 -4.50 18.99
C LEU A 183 45.72 -4.91 17.56
N GLU A 184 45.39 -6.13 17.17
CA GLU A 184 45.72 -6.67 15.83
C GLU A 184 45.02 -5.88 14.73
N ASN A 185 43.75 -5.52 14.93
CA ASN A 185 43.02 -4.68 13.95
C ASN A 185 43.73 -3.34 13.86
N HIS A 186 44.10 -2.78 15.00
CA HIS A 186 44.82 -1.52 15.00
C HIS A 186 46.17 -1.58 14.28
N HIS A 187 46.99 -2.58 14.60
CA HIS A 187 48.28 -2.76 13.94
C HIS A 187 48.11 -2.74 12.41
N ALA A 188 47.19 -3.56 11.90
CA ALA A 188 46.99 -3.68 10.48
C ALA A 188 46.45 -2.39 9.88
N ALA A 189 45.48 -1.77 10.57
CA ALA A 189 44.82 -0.62 10.04
C ALA A 189 45.71 0.60 10.03
N ALA A 190 46.43 0.82 11.13
CA ALA A 190 47.34 1.93 11.23
C ALA A 190 48.55 1.77 10.28
N ALA A 191 49.06 0.55 10.12
CA ALA A 191 50.18 0.33 9.17
C ALA A 191 49.73 0.53 7.73
N TRP A 192 48.50 0.08 7.40
CA TRP A 192 47.98 0.28 6.03
C TRP A 192 47.65 1.74 5.75
N ASN A 193 47.13 2.44 6.76
CA ASN A 193 46.85 3.85 6.65
C ASN A 193 48.13 4.64 6.39
N LEU A 194 49.18 4.31 7.14
CA LEU A 194 50.49 4.90 6.96
C LEU A 194 50.92 4.68 5.51
N PHE A 195 50.85 3.43 5.05
CA PHE A 195 51.26 3.08 3.70
C PHE A 195 50.57 3.94 2.65
N MET A 196 49.24 4.10 2.75
CA MET A 196 48.45 4.82 1.71
C MET A 196 48.54 6.34 1.86
N SER A 197 49.03 6.85 2.99
CA SER A 197 49.05 8.27 3.25
C SER A 197 50.00 9.08 2.35
N ARG A 198 51.03 8.45 1.78
CA ARG A 198 52.04 9.16 1.00
C ARG A 198 52.49 8.37 -0.23
N PRO A 199 52.66 9.03 -1.39
CA PRO A 199 53.25 8.36 -2.56
C PRO A 199 54.73 7.94 -2.37
N GLU A 200 55.43 8.61 -1.44
CA GLU A 200 56.82 8.30 -1.09
C GLU A 200 56.94 6.93 -0.47
N TYR A 201 55.81 6.34 -0.03
CA TYR A 201 55.81 5.01 0.57
C TYR A 201 55.37 3.88 -0.37
N ASN A 202 54.95 4.20 -1.60
CA ASN A 202 54.33 3.19 -2.47
C ASN A 202 55.36 2.27 -3.19
N PHE A 203 55.87 1.29 -2.46
CA PHE A 203 56.79 0.32 -2.99
C PHE A 203 56.11 -0.82 -3.77
N LEU A 204 54.78 -0.87 -3.69
CA LEU A 204 53.98 -1.88 -4.36
C LEU A 204 53.42 -1.38 -5.68
N ILE A 205 53.92 -0.24 -6.15
CA ILE A 205 53.41 0.41 -7.36
C ILE A 205 53.31 -0.46 -8.62
N ASN A 206 54.18 -1.48 -8.74
CA ASN A 206 54.14 -2.35 -9.90
C ASN A 206 53.37 -3.67 -9.77
N LEU A 207 52.66 -3.87 -8.65
CA LEU A 207 51.60 -4.85 -8.62
C LEU A 207 50.42 -4.27 -9.42
N ASP A 208 49.73 -5.11 -10.21
CA ASP A 208 48.45 -4.68 -10.77
C ASP A 208 47.38 -4.61 -9.63
N HIS A 209 46.21 -4.08 -9.96
CA HIS A 209 45.11 -3.91 -9.01
C HIS A 209 44.67 -5.24 -8.34
N VAL A 210 44.55 -6.31 -9.13
CA VAL A 210 44.14 -7.63 -8.64
C VAL A 210 45.16 -8.17 -7.63
N GLU A 211 46.44 -8.16 -8.03
CA GLU A 211 47.56 -8.53 -7.17
C GLU A 211 47.58 -7.71 -5.89
N PHE A 212 47.41 -6.40 -5.99
CA PHE A 212 47.46 -5.53 -4.83
C PHE A 212 46.36 -5.88 -3.83
N LYS A 213 45.14 -6.09 -4.33
CA LYS A 213 44.01 -6.42 -3.46
C LYS A 213 44.24 -7.74 -2.74
N HIS A 214 44.74 -8.73 -3.47
CA HIS A 214 45.03 -10.02 -2.87
C HIS A 214 46.18 -9.93 -1.84
N PHE A 215 47.20 -9.15 -2.16
CA PHE A 215 48.32 -8.88 -1.25
C PHE A 215 47.84 -8.31 0.08
N ARG A 216 46.98 -7.28 -0.03
CA ARG A 216 46.44 -6.60 1.14
C ARG A 216 45.66 -7.58 2.02
N PHE A 217 44.81 -8.37 1.38
CA PHE A 217 44.03 -9.43 2.06
C PHE A 217 44.93 -10.40 2.83
N LEU A 218 46.00 -10.90 2.18
CA LEU A 218 46.95 -11.80 2.83
C LEU A 218 47.67 -11.18 4.02
N VAL A 219 48.06 -9.91 3.90
CA VAL A 219 48.74 -9.21 4.97
C VAL A 219 47.84 -9.11 6.19
N ILE A 220 46.59 -8.70 5.96
CA ILE A 220 45.62 -8.56 7.03
C ILE A 220 45.35 -9.90 7.70
N GLU A 221 45.16 -10.95 6.90
CA GLU A 221 44.90 -12.30 7.45
C GLU A 221 46.06 -12.76 8.33
N ALA A 222 47.30 -12.44 7.93
CA ALA A 222 48.46 -12.86 8.68
C ALA A 222 48.54 -12.10 9.98
N ILE A 223 48.37 -10.78 9.93
CA ILE A 223 48.46 -9.95 11.14
C ILE A 223 47.36 -10.35 12.14
N LEU A 224 46.15 -10.58 11.64
CA LEU A 224 45.01 -10.90 12.53
C LEU A 224 45.18 -12.29 13.14
N ALA A 225 45.95 -13.17 12.49
CA ALA A 225 46.26 -14.49 13.04
C ALA A 225 47.16 -14.46 14.27
N THR A 226 47.83 -13.33 14.53
CA THR A 226 48.63 -13.20 15.73
C THR A 226 47.87 -12.98 17.06
N ASP A 227 46.54 -12.84 16.99
CA ASP A 227 45.70 -12.74 18.21
C ASP A 227 45.62 -14.12 18.86
N LEU A 228 46.16 -14.28 20.06
CA LEU A 228 46.19 -15.57 20.74
C LEU A 228 44.82 -16.11 21.19
N LYS A 229 43.80 -15.26 21.21
CA LYS A 229 42.44 -15.68 21.45
C LYS A 229 41.96 -16.69 20.39
N LYS A 230 42.54 -16.63 19.19
CA LYS A 230 42.25 -17.53 18.09
C LYS A 230 43.20 -18.71 17.95
N HIS A 231 44.15 -18.83 18.89
CA HIS A 231 45.24 -19.77 18.81
C HIS A 231 44.76 -21.22 18.65
N PHE A 232 43.85 -21.64 19.53
CA PHE A 232 43.42 -23.02 19.54
C PHE A 232 42.64 -23.40 18.29
N ASP A 233 41.88 -22.43 17.76
CA ASP A 233 41.16 -22.61 16.50
C ASP A 233 42.12 -22.83 15.33
N PHE A 234 43.17 -22.01 15.23
CA PHE A 234 44.17 -22.18 14.16
C PHE A 234 44.84 -23.52 14.25
N VAL A 235 45.22 -23.90 15.47
CA VAL A 235 45.93 -25.15 15.71
C VAL A 235 45.04 -26.36 15.37
N ALA A 236 43.78 -26.34 15.85
CA ALA A 236 42.82 -27.41 15.52
C ALA A 236 42.57 -27.52 14.01
N LYS A 237 42.38 -26.37 13.36
CA LYS A 237 42.15 -26.34 11.94
C LYS A 237 43.36 -26.93 11.22
N PHE A 238 44.56 -26.54 11.63
CA PHE A 238 45.76 -27.03 10.98
C PHE A 238 45.93 -28.54 11.16
N ASN A 239 45.81 -29.01 12.42
CA ASN A 239 45.87 -30.43 12.73
C ASN A 239 44.82 -31.25 11.94
N GLY A 240 43.63 -30.66 11.76
CA GLY A 240 42.57 -31.29 10.98
C GLY A 240 42.98 -31.47 9.52
N LYS A 241 43.52 -30.40 8.92
CA LYS A 241 43.98 -30.41 7.53
C LYS A 241 45.19 -31.35 7.28
N VAL A 242 46.06 -31.48 8.28
CA VAL A 242 47.22 -32.35 8.19
C VAL A 242 46.83 -33.83 8.20
N ASN A 243 45.82 -34.20 9.01
CA ASN A 243 45.41 -35.57 9.25
C ASN A 243 44.19 -36.11 8.43
N ASP A 244 43.89 -35.37 7.35
CA ASP A 244 42.77 -35.75 6.44
C ASP A 244 43.25 -36.67 5.33
N ASP A 245 42.42 -36.86 4.30
CA ASP A 245 42.72 -37.84 3.23
C ASP A 245 43.94 -37.50 2.37
N VAL A 246 44.24 -36.21 2.15
CA VAL A 246 45.36 -35.83 1.26
C VAL A 246 46.45 -35.08 2.03
N GLY A 247 46.10 -34.40 3.12
CA GLY A 247 47.07 -33.58 3.84
C GLY A 247 47.16 -32.18 3.26
N ILE A 248 48.24 -31.45 3.56
CA ILE A 248 48.44 -30.13 2.96
C ILE A 248 48.51 -30.27 1.44
N ASP A 249 47.68 -29.49 0.75
CA ASP A 249 47.63 -29.45 -0.71
C ASP A 249 48.19 -28.08 -1.10
N TRP A 250 49.43 -28.06 -1.59
CA TRP A 250 50.11 -26.80 -1.89
C TRP A 250 49.52 -26.06 -3.07
N THR A 251 48.66 -26.72 -3.87
CA THR A 251 47.95 -26.08 -4.99
C THR A 251 46.65 -25.38 -4.56
N ASN A 252 46.26 -25.55 -3.29
CA ASN A 252 45.06 -24.97 -2.73
C ASN A 252 45.41 -23.70 -1.95
N GLU A 253 44.82 -22.57 -2.36
CA GLU A 253 45.18 -21.25 -1.82
C GLU A 253 44.84 -21.12 -0.32
N ASN A 254 43.83 -21.83 0.14
CA ASN A 254 43.39 -21.79 1.54
C ASN A 254 44.31 -22.56 2.45
N ASP A 255 44.82 -23.70 1.95
CA ASP A 255 45.88 -24.48 2.63
C ASP A 255 47.15 -23.64 2.79
N ARG A 256 47.58 -22.98 1.70
CA ARG A 256 48.77 -22.11 1.75
C ARG A 256 48.61 -20.96 2.73
N LEU A 257 47.41 -20.37 2.78
CA LEU A 257 47.14 -19.29 3.71
C LEU A 257 47.30 -19.80 5.14
N LEU A 258 46.70 -20.96 5.42
CA LEU A 258 46.78 -21.57 6.74
C LEU A 258 48.22 -21.85 7.15
N VAL A 259 49.05 -22.34 6.22
CA VAL A 259 50.46 -22.57 6.49
C VAL A 259 51.16 -21.26 6.85
N CYS A 260 50.93 -20.21 6.06
CA CYS A 260 51.47 -18.88 6.36
C CYS A 260 51.06 -18.34 7.72
N GLN A 261 49.79 -18.54 8.09
CA GLN A 261 49.31 -18.12 9.40
C GLN A 261 50.02 -18.88 10.54
N MET A 262 50.24 -20.19 10.39
CA MET A 262 50.99 -20.97 11.38
C MET A 262 52.43 -20.46 11.49
N CYS A 263 53.01 -20.12 10.34
CA CYS A 263 54.35 -19.60 10.25
CA CYS A 263 54.36 -19.58 10.26
C CYS A 263 54.50 -18.30 11.05
N ILE A 264 53.65 -17.31 10.75
CA ILE A 264 53.73 -16.05 11.47
C ILE A 264 53.39 -16.23 12.93
N LYS A 265 52.47 -17.15 13.26
CA LYS A 265 52.16 -17.45 14.65
C LYS A 265 53.41 -17.96 15.41
N LEU A 266 54.13 -18.89 14.81
CA LEU A 266 55.31 -19.47 15.40
C LEU A 266 56.43 -18.41 15.49
N ALA A 267 56.60 -17.61 14.42
CA ALA A 267 57.57 -16.53 14.40
C ALA A 267 57.32 -15.53 15.53
N ASP A 268 56.04 -15.22 15.78
CA ASP A 268 55.68 -14.24 16.78
C ASP A 268 56.03 -14.66 18.21
N ILE A 269 55.93 -15.96 18.50
CA ILE A 269 56.19 -16.50 19.83
C ILE A 269 57.44 -17.39 19.83
N ASN A 270 58.42 -17.03 19.00
CA ASN A 270 59.62 -17.83 18.79
C ASN A 270 60.58 -17.87 20.00
N GLY A 271 60.46 -16.88 20.90
CA GLY A 271 61.40 -16.61 21.98
C GLY A 271 61.79 -17.87 22.76
N PRO A 272 60.80 -18.61 23.30
CA PRO A 272 61.09 -19.85 24.03
C PRO A 272 61.71 -20.96 23.21
N ALA A 273 61.75 -20.81 21.88
CA ALA A 273 62.44 -21.75 21.01
C ALA A 273 63.80 -21.27 20.50
N LYS A 274 64.32 -20.20 21.10
CA LYS A 274 65.68 -19.69 20.86
C LYS A 274 66.62 -20.18 21.99
N CYS A 275 67.93 -19.98 21.82
CA CYS A 275 68.91 -20.26 22.88
C CYS A 275 68.53 -19.51 24.14
N LYS A 276 68.99 -20.05 25.29
CA LYS A 276 68.74 -19.49 26.60
C LYS A 276 68.95 -17.98 26.66
N GLU A 277 70.08 -17.52 26.12
CA GLU A 277 70.50 -16.13 26.22
C GLU A 277 69.52 -15.18 25.54
N LEU A 278 69.08 -15.51 24.33
CA LEU A 278 68.04 -14.74 23.64
C LEU A 278 66.69 -14.84 24.37
N HIS A 279 66.27 -16.07 24.69
CA HIS A 279 64.97 -16.33 25.33
C HIS A 279 64.86 -15.49 26.61
N LEU A 280 65.89 -15.49 27.45
CA LEU A 280 65.87 -14.73 28.70
C LEU A 280 65.75 -13.22 28.51
N GLN A 281 66.49 -12.65 27.53
CA GLN A 281 66.37 -11.21 27.26
C GLN A 281 64.95 -10.84 26.83
N TRP A 282 64.36 -11.62 25.92
CA TRP A 282 63.03 -11.36 25.43
C TRP A 282 62.01 -11.46 26.57
N THR A 283 62.22 -12.45 27.45
CA THR A 283 61.37 -12.69 28.60
C THR A 283 61.37 -11.48 29.54
N ASP A 284 62.56 -10.94 29.80
CA ASP A 284 62.68 -9.71 30.56
C ASP A 284 61.84 -8.56 29.99
N GLY A 285 61.90 -8.39 28.67
CA GLY A 285 61.10 -7.41 27.97
C GLY A 285 59.62 -7.56 28.21
N ILE A 286 59.09 -8.78 27.98
CA ILE A 286 57.63 -9.01 28.06
C ILE A 286 57.13 -8.77 29.49
N VAL A 287 57.88 -9.21 30.49
CA VAL A 287 57.43 -9.03 31.86
C VAL A 287 57.53 -7.60 32.31
N ASN A 288 58.50 -6.84 31.79
CA ASN A 288 58.54 -5.41 32.09
C ASN A 288 57.28 -4.68 31.53
N GLU A 289 56.80 -5.07 30.35
CA GLU A 289 55.54 -4.52 29.85
C GLU A 289 54.38 -4.91 30.75
N PHE A 290 54.28 -6.20 31.10
CA PHE A 290 53.26 -6.68 32.03
C PHE A 290 53.24 -5.88 33.31
N TYR A 291 54.42 -5.60 33.89
CA TYR A 291 54.52 -4.89 35.16
C TYR A 291 54.03 -3.45 35.05
N GLU A 292 54.36 -2.77 33.94
CA GLU A 292 53.83 -1.43 33.68
C GLU A 292 52.28 -1.45 33.67
N GLN A 293 51.71 -2.49 33.05
CA GLN A 293 50.25 -2.66 32.97
C GLN A 293 49.67 -2.91 34.35
N GLY A 294 50.33 -3.77 35.13
CA GLY A 294 49.94 -4.07 36.49
C GLY A 294 49.87 -2.82 37.34
N ASP A 295 50.84 -1.93 37.17
CA ASP A 295 50.89 -0.66 37.89
C ASP A 295 49.69 0.18 37.49
N GLU A 296 49.40 0.23 36.18
CA GLU A 296 48.25 0.99 35.73
C GLU A 296 46.93 0.39 36.25
N GLU A 297 46.80 -0.94 36.19
CA GLU A 297 45.64 -1.63 36.76
C GLU A 297 45.38 -1.23 38.23
N ALA A 298 46.43 -1.30 39.06
CA ALA A 298 46.35 -0.92 40.47
C ALA A 298 45.88 0.52 40.64
N SER A 299 46.48 1.43 39.89
CA SER A 299 46.14 2.85 39.98
C SER A 299 44.70 3.13 39.53
N LEU A 300 44.16 2.25 38.68
CA LEU A 300 42.77 2.33 38.24
C LEU A 300 41.79 1.57 39.16
N GLY A 301 42.32 0.90 40.19
CA GLY A 301 41.51 0.16 41.14
C GLY A 301 41.03 -1.20 40.64
N LEU A 302 41.59 -1.65 39.50
CA LEU A 302 41.33 -2.99 38.97
C LEU A 302 42.20 -4.04 39.67
N PRO A 303 41.83 -5.33 39.63
CA PRO A 303 42.70 -6.38 40.15
C PRO A 303 43.86 -6.57 39.18
N ILE A 304 45.07 -6.74 39.72
CA ILE A 304 46.26 -6.91 38.92
C ILE A 304 46.15 -8.28 38.25
N SER A 305 46.33 -8.31 36.92
CA SER A 305 46.20 -9.53 36.16
C SER A 305 47.25 -10.55 36.59
N PRO A 306 46.98 -11.87 36.42
CA PRO A 306 47.98 -12.90 36.66
C PRO A 306 49.30 -12.59 35.97
N PHE A 307 50.39 -12.73 36.73
CA PHE A 307 51.79 -12.57 36.30
C PHE A 307 52.22 -11.13 36.05
N MET A 308 51.41 -10.15 36.45
CA MET A 308 51.70 -8.75 36.14
C MET A 308 52.00 -7.89 37.36
N ASP A 309 52.14 -8.55 38.51
CA ASP A 309 52.39 -7.90 39.77
C ASP A 309 53.88 -7.97 40.07
N ARG A 310 54.57 -6.84 39.88
CA ARG A 310 56.03 -6.77 40.04
C ARG A 310 56.51 -7.15 41.44
N SER A 311 55.66 -6.94 42.44
CA SER A 311 55.99 -7.24 43.84
C SER A 311 55.65 -8.69 44.25
N ALA A 312 55.10 -9.46 43.31
CA ALA A 312 54.90 -10.90 43.47
C ALA A 312 55.03 -11.54 42.09
N PRO A 313 56.26 -11.54 41.51
CA PRO A 313 56.47 -12.10 40.17
C PRO A 313 56.40 -13.61 40.23
N GLN A 314 55.93 -14.21 39.14
CA GLN A 314 55.88 -15.66 39.01
C GLN A 314 56.39 -15.97 37.62
N LEU A 315 57.61 -15.50 37.35
CA LEU A 315 58.22 -15.56 36.03
C LEU A 315 58.27 -17.00 35.49
N ALA A 316 58.81 -17.89 36.32
CA ALA A 316 59.03 -19.27 35.92
C ALA A 316 57.69 -19.93 35.58
N ASN A 317 56.65 -19.68 36.39
CA ASN A 317 55.33 -20.25 36.15
C ASN A 317 54.72 -19.73 34.85
N LEU A 318 54.89 -18.42 34.59
CA LEU A 318 54.45 -17.82 33.35
C LEU A 318 55.08 -18.50 32.13
N GLN A 319 56.41 -18.64 32.14
CA GLN A 319 57.12 -19.20 31.00
C GLN A 319 56.82 -20.67 30.82
N GLU A 320 56.79 -21.42 31.91
CA GLU A 320 56.46 -22.83 31.86
C GLU A 320 55.04 -23.08 31.28
N SER A 321 54.06 -22.31 31.74
CA SER A 321 52.70 -22.52 31.30
C SER A 321 52.48 -22.00 29.86
N PHE A 322 53.16 -20.91 29.49
CA PHE A 322 53.16 -20.45 28.11
C PHE A 322 53.73 -21.49 27.15
N ILE A 323 54.82 -22.17 27.55
CA ILE A 323 55.40 -23.20 26.71
C ILE A 323 54.48 -24.42 26.66
N SER A 324 53.97 -24.88 27.81
CA SER A 324 53.20 -26.10 27.81
C SER A 324 51.81 -25.94 27.12
N HIS A 325 51.17 -24.76 27.25
CA HIS A 325 49.83 -24.51 26.72
C HIS A 325 49.75 -23.90 25.31
N ILE A 326 50.75 -23.07 24.95
CA ILE A 326 50.73 -22.34 23.70
C ILE A 326 51.83 -22.77 22.71
N VAL A 327 53.10 -22.58 23.09
CA VAL A 327 54.20 -22.74 22.14
C VAL A 327 54.41 -24.21 21.82
N GLY A 328 54.40 -25.05 22.86
CA GLY A 328 54.58 -26.48 22.73
C GLY A 328 53.64 -27.13 21.72
N PRO A 329 52.30 -27.03 21.93
CA PRO A 329 51.34 -27.56 20.96
C PRO A 329 51.48 -26.97 19.56
N LEU A 330 51.81 -25.69 19.45
CA LEU A 330 52.01 -25.06 18.16
C LEU A 330 53.22 -25.68 17.42
N CYS A 331 54.36 -25.79 18.12
CA CYS A 331 55.54 -26.46 17.56
C CYS A 331 55.30 -27.92 17.19
N ASN A 332 54.61 -28.65 18.07
CA ASN A 332 54.25 -30.05 17.80
C ASN A 332 53.41 -30.19 16.54
N SER A 333 52.40 -29.31 16.38
CA SER A 333 51.54 -29.31 15.18
C SER A 333 52.36 -29.06 13.94
N TYR A 334 53.18 -28.01 13.98
CA TYR A 334 54.01 -27.59 12.85
C TYR A 334 55.00 -28.70 12.49
N ASP A 335 55.61 -29.29 13.52
CA ASP A 335 56.56 -30.37 13.36
C ASP A 335 55.87 -31.63 12.76
N SER A 336 54.64 -31.93 13.21
CA SER A 336 53.89 -33.08 12.71
C SER A 336 53.50 -32.98 11.26
N ALA A 337 53.34 -31.75 10.76
CA ALA A 337 53.14 -31.50 9.34
C ALA A 337 54.41 -31.67 8.54
N GLY A 338 55.54 -31.81 9.24
CA GLY A 338 56.86 -31.92 8.62
C GLY A 338 57.39 -30.62 8.04
N LEU A 339 57.01 -29.48 8.66
CA LEU A 339 57.42 -28.15 8.20
C LEU A 339 58.59 -27.49 8.98
N MET A 340 59.07 -28.14 10.04
CA MET A 340 60.14 -27.59 10.87
C MET A 340 61.47 -27.66 10.12
N PRO A 341 62.24 -26.56 10.02
CA PRO A 341 63.64 -26.67 9.55
C PRO A 341 64.42 -27.62 10.43
N GLY A 342 65.41 -28.32 9.86
CA GLY A 342 66.19 -29.33 10.54
C GLY A 342 67.19 -29.95 9.58
N LYS A 343 67.98 -30.89 10.10
CA LYS A 343 69.03 -31.59 9.35
C LYS A 343 68.87 -33.08 9.53
N TRP A 344 69.15 -33.83 8.47
CA TRP A 344 69.36 -35.27 8.57
C TRP A 344 70.70 -35.48 9.29
N VAL A 345 70.73 -36.40 10.26
CA VAL A 345 71.94 -36.64 11.08
C VAL A 345 72.42 -38.09 11.21
N ARG A 354 68.87 -41.01 8.50
CA ARG A 354 67.67 -41.73 8.93
C ARG A 354 66.87 -40.95 9.99
N LYS A 355 67.58 -40.34 10.95
CA LYS A 355 66.96 -39.41 11.94
C LYS A 355 67.08 -37.94 11.55
N ILE A 356 66.27 -37.10 12.20
CA ILE A 356 66.29 -35.66 12.00
C ILE A 356 66.67 -34.95 13.29
N TYR A 357 67.59 -33.98 13.19
CA TYR A 357 67.91 -33.09 14.29
C TYR A 357 67.24 -31.76 14.03
N CYS A 358 66.37 -31.34 14.94
CA CYS A 358 65.65 -30.08 14.83
C CYS A 358 66.02 -29.15 15.97
N GLN A 359 66.78 -28.09 15.64
CA GLN A 359 67.31 -27.12 16.59
C GLN A 359 66.18 -26.42 17.33
N ILE A 360 65.14 -26.04 16.58
CA ILE A 360 64.06 -25.27 17.15
C ILE A 360 63.35 -26.02 18.28
N THR A 361 62.98 -27.28 18.04
CA THR A 361 62.28 -28.05 19.05
C THR A 361 63.22 -28.45 20.18
N GLN A 362 64.51 -28.67 19.87
CA GLN A 362 65.51 -28.93 20.90
C GLN A 362 65.61 -27.78 21.88
N HIS A 363 65.69 -26.54 21.36
CA HIS A 363 65.74 -25.35 22.22
C HIS A 363 64.52 -25.25 23.10
N LEU A 364 63.34 -25.48 22.50
CA LEU A 364 62.07 -25.39 23.24
C LEU A 364 62.05 -26.38 24.39
N LEU A 365 62.48 -27.61 24.13
CA LEU A 365 62.56 -28.66 25.14
C LEU A 365 63.55 -28.27 26.28
N GLN A 366 64.71 -27.70 25.91
CA GLN A 366 65.72 -27.29 26.90
C GLN A 366 65.19 -26.16 27.75
N ASN A 367 64.58 -25.15 27.12
CA ASN A 367 64.02 -24.03 27.86
C ASN A 367 62.87 -24.46 28.78
N HIS A 368 62.08 -25.43 28.34
CA HIS A 368 60.99 -25.95 29.16
C HIS A 368 61.54 -26.63 30.42
N LYS A 369 62.56 -27.47 30.24
CA LYS A 369 63.26 -28.13 31.34
C LYS A 369 63.89 -27.14 32.32
N MET A 370 64.48 -26.08 31.79
CA MET A 370 65.07 -25.04 32.62
C MET A 370 64.04 -24.39 33.56
N TRP A 371 62.88 -23.99 33.01
CA TRP A 371 61.86 -23.36 33.84
C TRP A 371 61.24 -24.32 34.85
N LYS A 372 61.08 -25.58 34.44
CA LYS A 372 60.61 -26.62 35.35
C LYS A 372 61.51 -26.75 36.54
N LYS A 373 62.82 -26.79 36.28
CA LYS A 373 63.82 -26.91 37.34
C LYS A 373 63.74 -25.74 38.32
N VAL A 374 63.59 -24.51 37.79
CA VAL A 374 63.42 -23.31 38.62
C VAL A 374 62.19 -23.46 39.54
N ILE A 375 61.08 -23.97 38.97
CA ILE A 375 59.85 -24.15 39.72
C ILE A 375 60.04 -25.15 40.86
N GLU A 376 60.77 -26.25 40.63
CA GLU A 376 61.07 -27.25 41.67
C GLU A 376 61.81 -26.68 42.88
N GLU A 377 62.77 -25.78 42.63
CA GLU A 377 63.57 -25.17 43.69
C GLU A 377 62.72 -24.24 44.55
N GLU A 378 61.95 -23.37 43.88
CA GLU A 378 61.05 -22.41 44.55
C GLU A 378 60.12 -23.06 45.57
N LYS B 2 28.80 17.82 22.75
CA LYS B 2 27.69 18.60 23.42
C LYS B 2 26.40 17.79 23.38
N PRO B 3 25.67 17.65 24.51
CA PRO B 3 24.59 16.68 24.57
C PRO B 3 23.39 17.10 23.70
N ILE B 4 22.90 16.12 22.91
CA ILE B 4 21.65 16.31 22.12
C ILE B 4 20.57 15.79 23.07
N LEU B 5 19.60 16.62 23.46
CA LEU B 5 18.64 16.16 24.48
C LEU B 5 17.25 15.91 23.89
N ALA B 6 16.53 14.95 24.47
CA ALA B 6 15.17 14.61 24.01
C ALA B 6 14.28 15.85 24.07
N PRO B 7 13.51 16.22 23.01
CA PRO B 7 12.76 17.48 23.03
C PRO B 7 11.41 17.55 23.73
N GLU B 8 11.04 18.72 24.29
CA GLU B 8 9.67 19.00 24.82
C GLU B 8 9.11 17.85 25.66
N PRO B 9 7.78 17.68 25.85
CA PRO B 9 7.25 16.48 26.47
C PRO B 9 7.94 15.28 25.80
N LEU B 10 8.52 14.39 26.58
CA LEU B 10 9.27 13.24 26.03
C LEU B 10 8.37 12.38 25.14
N VAL B 11 7.12 12.17 25.53
CA VAL B 11 6.17 11.37 24.71
C VAL B 11 5.23 12.31 23.95
N MET B 12 5.29 12.30 22.62
CA MET B 12 4.33 13.10 21.81
C MET B 12 2.95 12.50 22.06
N ASP B 13 1.93 13.35 22.28
CA ASP B 13 0.59 12.81 22.69
C ASP B 13 -0.47 12.55 21.63
N ASN B 14 -0.31 13.01 20.39
CA ASN B 14 -1.48 12.83 19.47
C ASN B 14 -1.25 11.75 18.41
N LEU B 15 -0.69 10.60 18.79
CA LEU B 15 -0.36 9.56 17.78
C LEU B 15 -0.91 8.20 18.21
N ASP B 16 -1.84 8.17 19.16
CA ASP B 16 -2.32 6.86 19.69
C ASP B 16 -3.05 6.04 18.63
N SER B 17 -3.52 6.65 17.55
CA SER B 17 -4.32 5.88 16.57
C SER B 17 -3.37 5.06 15.72
N ILE B 18 -2.24 5.66 15.33
CA ILE B 18 -1.24 4.91 14.53
C ILE B 18 -0.44 3.99 15.47
N MET B 19 -0.17 4.44 16.69
CA MET B 19 0.67 3.63 17.60
C MET B 19 -0.06 2.37 18.06
N GLU B 20 -1.39 2.41 18.13
CA GLU B 20 -2.18 1.22 18.53
C GLU B 20 -1.95 0.10 17.53
N GLN B 21 -1.55 0.45 16.30
CA GLN B 21 -1.35 -0.56 15.23
C GLN B 21 0.08 -1.15 15.22
N LEU B 22 0.85 -0.94 16.28
CA LEU B 22 2.20 -1.55 16.35
C LEU B 22 2.04 -3.07 16.43
N ASN B 23 0.88 -3.55 16.87
CA ASN B 23 0.68 -5.02 17.02
C ASN B 23 0.44 -5.66 15.64
N THR B 24 0.29 -4.86 14.59
CA THR B 24 0.12 -5.40 13.21
C THR B 24 1.49 -5.52 12.53
N TRP B 25 1.70 -6.62 11.80
CA TRP B 25 2.98 -6.83 11.06
C TRP B 25 3.14 -5.72 10.03
N ASN B 26 2.13 -5.50 9.20
CA ASN B 26 2.13 -4.41 8.19
C ASN B 26 1.87 -3.07 8.88
N PHE B 27 2.68 -2.74 9.89
CA PHE B 27 2.56 -1.43 10.58
C PHE B 27 2.66 -0.30 9.54
N PRO B 28 1.74 0.70 9.46
CA PRO B 28 1.87 1.74 8.44
C PRO B 28 2.89 2.79 8.88
N ILE B 29 4.16 2.41 8.74
CA ILE B 29 5.27 3.21 9.21
C ILE B 29 5.42 4.55 8.47
N PHE B 30 5.11 4.56 7.18
CA PHE B 30 5.17 5.79 6.38
C PHE B 30 4.06 6.78 6.69
N ASP B 31 2.89 6.28 7.09
CA ASP B 31 1.88 7.12 7.67
C ASP B 31 2.34 7.71 9.01
N LEU B 32 3.03 6.93 9.84
CA LEU B 32 3.56 7.49 11.13
C LEU B 32 4.57 8.60 10.82
N VAL B 33 5.42 8.39 9.84
CA VAL B 33 6.39 9.41 9.42
C VAL B 33 5.72 10.74 9.08
N GLU B 34 4.62 10.68 8.32
CA GLU B 34 3.86 11.85 7.92
C GLU B 34 3.19 12.54 9.09
N ASN B 35 2.67 11.72 10.00
CA ASN B 35 1.97 12.16 11.22
C ASN B 35 2.92 12.94 12.12
N ILE B 36 4.16 12.43 12.28
CA ILE B 36 5.18 13.08 13.11
C ILE B 36 5.78 14.31 12.41
N GLY B 37 5.98 14.22 11.10
CA GLY B 37 6.72 15.21 10.32
C GLY B 37 8.00 14.57 9.79
N ARG B 38 8.25 14.71 8.47
CA ARG B 38 9.47 14.19 7.86
C ARG B 38 10.60 15.10 8.36
N LYS B 39 11.66 14.45 8.85
CA LYS B 39 12.86 15.12 9.37
C LYS B 39 12.55 16.01 10.57
N CYS B 40 11.42 15.75 11.24
CA CYS B 40 11.26 16.05 12.66
C CYS B 40 12.33 15.35 13.52
N GLY B 41 12.74 14.15 13.10
CA GLY B 41 13.79 13.39 13.81
C GLY B 41 13.32 12.82 15.13
N ARG B 42 12.15 12.19 15.18
CA ARG B 42 11.61 11.70 16.48
C ARG B 42 10.99 10.30 16.36
N ILE B 43 10.82 9.77 15.15
CA ILE B 43 10.13 8.47 14.94
C ILE B 43 10.79 7.35 15.76
N LEU B 44 12.12 7.24 15.72
CA LEU B 44 12.79 6.15 16.41
C LEU B 44 12.60 6.19 17.93
N SER B 45 12.81 7.36 18.54
CA SER B 45 12.69 7.47 19.99
C SER B 45 11.23 7.27 20.47
N GLN B 46 10.27 7.72 19.67
CA GLN B 46 8.84 7.61 20.05
C GLN B 46 8.43 6.13 20.03
N VAL B 47 8.72 5.42 18.95
CA VAL B 47 8.39 3.97 18.85
C VAL B 47 9.19 3.19 19.90
N SER B 48 10.46 3.52 20.11
CA SER B 48 11.26 2.84 21.12
C SER B 48 10.63 2.95 22.49
N TYR B 49 10.25 4.17 22.87
CA TYR B 49 9.56 4.36 24.12
C TYR B 49 8.34 3.41 24.24
N ARG B 50 7.48 3.40 23.22
CA ARG B 50 6.23 2.60 23.29
C ARG B 50 6.55 1.11 23.42
N LEU B 51 7.53 0.61 22.66
CA LEU B 51 7.80 -0.82 22.69
C LEU B 51 8.46 -1.23 24.03
N PHE B 52 9.39 -0.39 24.54
CA PHE B 52 9.99 -0.65 25.85
C PHE B 52 8.92 -0.64 26.96
N GLU B 53 7.97 0.30 26.88
CA GLU B 53 6.87 0.36 27.84
C GLU B 53 5.93 -0.85 27.67
N ASP B 54 5.60 -1.21 26.43
CA ASP B 54 4.77 -2.41 26.17
C ASP B 54 5.36 -3.68 26.85
N MET B 55 6.70 -3.77 26.87
CA MET B 55 7.41 -4.90 27.46
C MET B 55 7.70 -4.78 28.95
N GLY B 56 7.47 -3.62 29.54
CA GLY B 56 7.80 -3.35 30.93
C GLY B 56 9.30 -3.35 31.20
N LEU B 57 10.09 -3.02 30.18
CA LEU B 57 11.56 -2.99 30.31
C LEU B 57 12.11 -1.87 31.20
N PHE B 58 11.35 -0.77 31.31
CA PHE B 58 11.72 0.37 32.15
C PHE B 58 11.74 -0.06 33.61
N GLU B 59 10.69 -0.78 34.04
CA GLU B 59 10.61 -1.30 35.39
C GLU B 59 11.63 -2.44 35.63
N ALA B 60 11.71 -3.38 34.68
CA ALA B 60 12.61 -4.52 34.75
C ALA B 60 14.09 -4.16 34.98
N PHE B 61 14.55 -3.06 34.36
CA PHE B 61 15.93 -2.62 34.52
C PHE B 61 16.10 -1.24 35.13
N LYS B 62 15.04 -0.74 35.78
CA LYS B 62 15.03 0.55 36.46
C LYS B 62 15.69 1.61 35.57
N ILE B 63 15.24 1.64 34.31
CA ILE B 63 15.76 2.54 33.32
C ILE B 63 15.16 3.92 33.51
N PRO B 64 15.97 4.98 33.68
CA PRO B 64 15.42 6.33 33.75
C PRO B 64 15.03 6.80 32.34
N ILE B 65 13.80 7.29 32.21
CA ILE B 65 13.19 7.55 30.92
C ILE B 65 13.86 8.71 30.20
N ARG B 66 14.28 9.72 30.95
CA ARG B 66 14.91 10.89 30.38
C ARG B 66 16.18 10.50 29.63
N GLU B 67 17.05 9.71 30.28
CA GLU B 67 18.34 9.31 29.69
C GLU B 67 18.11 8.42 28.50
N PHE B 68 17.08 7.56 28.60
CA PHE B 68 16.68 6.67 27.50
C PHE B 68 16.28 7.52 26.29
N MET B 69 15.44 8.53 26.51
CA MET B 69 14.98 9.36 25.40
C MET B 69 16.10 10.23 24.86
N ASN B 70 16.98 10.73 25.75
CA ASN B 70 18.17 11.48 25.32
C ASN B 70 18.99 10.65 24.34
N TYR B 71 19.27 9.40 24.72
CA TYR B 71 20.13 8.56 23.88
C TYR B 71 19.47 8.21 22.56
N PHE B 72 18.21 7.80 22.58
CA PHE B 72 17.53 7.35 21.34
C PHE B 72 17.31 8.54 20.41
N HIS B 73 17.24 9.74 20.96
CA HIS B 73 17.12 10.96 20.12
C HIS B 73 18.48 11.28 19.48
N ALA B 74 19.56 11.26 20.26
CA ALA B 74 20.91 11.47 19.68
C ALA B 74 21.14 10.42 18.60
N LEU B 75 20.78 9.17 18.88
CA LEU B 75 20.95 8.11 17.93
C LEU B 75 20.20 8.40 16.63
N GLU B 76 18.93 8.76 16.74
CA GLU B 76 18.13 8.96 15.53
C GLU B 76 18.62 10.16 14.75
N ILE B 77 19.16 11.17 15.43
CA ILE B 77 19.72 12.34 14.78
C ILE B 77 20.94 12.01 13.92
N GLY B 78 21.67 10.94 14.27
CA GLY B 78 22.87 10.51 13.55
C GLY B 78 22.63 9.51 12.42
N TYR B 79 21.38 9.11 12.24
CA TYR B 79 20.97 8.48 11.00
C TYR B 79 20.82 9.60 10.01
N ARG B 80 21.42 9.41 8.83
CA ARG B 80 21.45 10.43 7.81
C ARG B 80 20.13 10.54 7.07
N ASP B 81 19.92 11.67 6.39
CA ASP B 81 18.79 11.88 5.51
C ASP B 81 19.15 11.32 4.15
N ILE B 82 19.12 9.99 4.06
CA ILE B 82 19.38 9.29 2.83
C ILE B 82 18.16 8.40 2.57
N PRO B 83 17.94 7.95 1.31
CA PRO B 83 16.69 7.28 0.95
C PRO B 83 16.32 5.97 1.68
N TYR B 84 17.29 5.18 2.14
CA TYR B 84 16.98 3.90 2.80
C TYR B 84 17.54 3.72 4.20
N HIS B 85 18.86 3.87 4.37
CA HIS B 85 19.51 3.59 5.66
C HIS B 85 19.36 4.75 6.61
N ASN B 86 18.11 5.04 6.95
CA ASN B 86 17.72 6.20 7.73
C ASN B 86 17.02 5.76 9.01
N ARG B 87 16.58 6.75 9.81
CA ARG B 87 15.96 6.45 11.10
C ARG B 87 14.63 5.70 10.96
N ILE B 88 14.02 5.81 9.78
CA ILE B 88 12.75 5.14 9.49
C ILE B 88 13.02 3.64 9.35
N HIS B 89 14.08 3.28 8.63
CA HIS B 89 14.51 1.91 8.53
C HIS B 89 14.89 1.29 9.87
N ALA B 90 15.60 2.07 10.71
CA ALA B 90 15.93 1.60 12.05
C ALA B 90 14.67 1.29 12.85
N THR B 91 13.70 2.19 12.78
CA THR B 91 12.43 2.05 13.48
C THR B 91 11.70 0.78 13.00
N ASP B 92 11.69 0.57 11.69
CA ASP B 92 11.09 -0.60 11.06
C ASP B 92 11.72 -1.91 11.53
N VAL B 93 13.05 -1.93 11.64
CA VAL B 93 13.75 -3.12 12.08
C VAL B 93 13.46 -3.41 13.55
N LEU B 94 13.40 -2.35 14.36
CA LEU B 94 13.07 -2.48 15.76
C LEU B 94 11.64 -3.03 15.90
N HIS B 95 10.71 -2.50 15.13
CA HIS B 95 9.31 -3.00 15.18
C HIS B 95 9.30 -4.48 14.79
N ALA B 96 10.01 -4.82 13.73
CA ALA B 96 10.07 -6.21 13.30
C ALA B 96 10.63 -7.18 14.34
N VAL B 97 11.74 -6.81 15.02
CA VAL B 97 12.27 -7.71 16.05
C VAL B 97 11.31 -7.84 17.21
N TRP B 98 10.64 -6.75 17.57
CA TRP B 98 9.62 -6.80 18.65
C TRP B 98 8.47 -7.73 18.22
N TYR B 99 7.95 -7.57 17.01
CA TYR B 99 6.86 -8.44 16.51
C TYR B 99 7.31 -9.89 16.57
N LEU B 100 8.45 -10.19 15.98
CA LEU B 100 8.94 -11.56 15.94
C LEU B 100 9.11 -12.21 17.32
N THR B 101 9.44 -11.39 18.33
CA THR B 101 9.74 -11.87 19.67
C THR B 101 8.56 -11.87 20.62
N THR B 102 7.46 -11.19 20.26
CA THR B 102 6.34 -11.02 21.18
C THR B 102 5.04 -11.68 20.73
N GLN B 103 4.99 -11.91 19.42
CA GLN B 103 3.75 -12.39 18.81
C GLN B 103 3.56 -13.93 18.91
N PRO B 104 2.30 -14.47 18.98
CA PRO B 104 2.11 -15.90 19.14
C PRO B 104 2.71 -16.72 18.02
N ILE B 105 3.41 -17.77 18.42
CA ILE B 105 4.07 -18.68 17.51
C ILE B 105 3.44 -20.05 17.77
N PRO B 106 2.78 -20.65 16.77
CA PRO B 106 2.10 -21.94 16.96
C PRO B 106 3.05 -23.04 17.37
N GLY B 107 2.69 -23.72 18.48
CA GLY B 107 3.37 -24.91 18.97
C GLY B 107 4.75 -24.69 19.52
N LEU B 108 5.13 -23.44 19.82
CA LEU B 108 6.39 -23.17 20.49
C LEU B 108 6.16 -23.40 21.98
N SER B 109 7.03 -24.21 22.58
CA SER B 109 6.97 -24.50 24.01
C SER B 109 7.74 -23.42 24.78
N THR B 110 7.19 -23.02 25.94
CA THR B 110 7.93 -22.21 26.91
C THR B 110 9.02 -23.02 27.65
N VAL B 111 10.22 -22.41 27.79
CA VAL B 111 11.34 -23.06 28.45
C VAL B 111 11.00 -23.50 29.88
N ILE B 112 11.49 -24.68 30.26
CA ILE B 112 11.18 -25.22 31.59
C ILE B 112 12.09 -24.46 32.56
N GLY B 113 11.49 -23.81 33.58
CA GLY B 113 12.18 -22.97 34.55
C GLY B 113 12.11 -21.47 34.26
N SER B 118 13.17 -12.39 35.29
CA SER B 118 14.16 -12.93 34.37
C SER B 118 13.63 -12.65 32.93
N TYR B 119 12.31 -12.84 32.75
CA TYR B 119 11.61 -12.78 31.45
C TYR B 119 10.55 -11.69 31.43
N VAL B 120 10.28 -11.15 30.25
CA VAL B 120 9.29 -10.10 30.11
C VAL B 120 8.34 -10.50 28.99
N PHE B 121 7.12 -9.94 29.06
CA PHE B 121 6.03 -10.24 28.13
C PHE B 121 5.35 -8.95 27.70
N SER B 122 4.99 -8.91 26.41
CA SER B 122 4.20 -7.81 25.82
C SER B 122 2.84 -7.77 26.47
N LYS B 123 2.29 -6.57 26.65
CA LYS B 123 0.88 -6.42 27.05
C LYS B 123 -0.10 -7.00 26.02
N THR B 124 0.41 -7.29 24.83
CA THR B 124 -0.41 -7.84 23.72
C THR B 124 -0.42 -9.37 23.78
N TYR B 125 0.27 -9.96 24.76
CA TYR B 125 0.37 -11.44 24.81
C TYR B 125 -0.48 -11.97 25.95
N ASN B 126 -1.43 -12.83 25.63
CA ASN B 126 -2.28 -13.45 26.67
C ASN B 126 -1.56 -14.69 27.19
N VAL B 127 -1.59 -14.90 28.51
CA VAL B 127 -0.94 -16.10 29.11
C VAL B 127 -1.75 -17.35 28.77
N THR B 128 -3.02 -17.19 28.36
CA THR B 128 -3.89 -18.36 28.09
C THR B 128 -3.50 -19.06 26.79
N ASP B 129 -2.49 -18.56 26.08
CA ASP B 129 -1.99 -19.26 24.86
C ASP B 129 -1.31 -20.58 25.29
N ASP B 130 -1.89 -21.73 24.94
CA ASP B 130 -1.34 -23.07 25.29
C ASP B 130 -0.72 -23.72 24.05
N LYS B 131 -1.46 -23.74 22.95
CA LYS B 131 -0.93 -24.20 21.65
C LYS B 131 -0.11 -23.10 20.94
N TYR B 132 0.12 -21.98 21.65
CA TYR B 132 1.00 -20.90 21.19
C TYR B 132 2.02 -20.58 22.28
N GLY B 133 3.18 -20.07 21.87
CA GLY B 133 4.21 -19.49 22.72
C GLY B 133 4.74 -18.24 22.04
N CYS B 134 5.69 -17.54 22.69
CA CYS B 134 6.40 -16.43 22.06
C CYS B 134 7.87 -16.45 22.48
N LEU B 135 8.74 -15.83 21.67
CA LEU B 135 10.16 -15.86 21.94
C LEU B 135 10.53 -15.21 23.27
N SER B 136 9.79 -14.17 23.68
CA SER B 136 10.10 -13.45 24.91
C SER B 136 9.90 -14.33 26.16
N GLY B 137 9.17 -15.45 26.02
CA GLY B 137 9.04 -16.46 27.05
C GLY B 137 10.24 -17.41 27.14
N ASN B 138 11.11 -17.40 26.12
CA ASN B 138 12.27 -18.27 26.00
C ASN B 138 13.64 -17.58 26.04
N ILE B 139 13.64 -16.26 25.85
CA ILE B 139 14.86 -15.44 25.82
C ILE B 139 14.80 -14.46 26.97
N PRO B 140 15.74 -14.51 27.94
CA PRO B 140 15.70 -13.60 29.10
C PRO B 140 15.63 -12.15 28.67
N ALA B 141 14.97 -11.34 29.51
CA ALA B 141 14.79 -9.91 29.28
C ALA B 141 16.06 -9.14 28.90
N LEU B 142 17.19 -9.45 29.56
CA LEU B 142 18.44 -8.74 29.29
C LEU B 142 18.86 -8.94 27.83
N GLU B 143 18.72 -10.17 27.35
CA GLU B 143 19.08 -10.53 25.99
C GLU B 143 18.10 -9.96 24.99
N LEU B 144 16.82 -9.92 25.35
CA LEU B 144 15.82 -9.32 24.50
C LEU B 144 16.06 -7.82 24.36
N MET B 145 16.35 -7.15 25.48
CA MET B 145 16.64 -5.74 25.46
C MET B 145 17.86 -5.43 24.58
N ALA B 146 18.88 -6.28 24.65
CA ALA B 146 20.08 -6.13 23.77
C ALA B 146 19.68 -6.18 22.29
N LEU B 147 18.82 -7.14 21.93
CA LEU B 147 18.34 -7.28 20.56
C LEU B 147 17.57 -6.02 20.09
N TYR B 148 16.72 -5.46 20.96
CA TYR B 148 15.96 -4.27 20.61
C TYR B 148 16.88 -3.06 20.41
N VAL B 149 17.81 -2.89 21.35
CA VAL B 149 18.77 -1.80 21.27
C VAL B 149 19.66 -1.98 20.04
N ALA B 150 20.09 -3.21 19.77
CA ALA B 150 20.83 -3.50 18.54
C ALA B 150 20.07 -3.07 17.29
N ALA B 151 18.78 -3.40 17.21
CA ALA B 151 17.97 -3.01 16.05
C ALA B 151 17.94 -1.48 15.86
N ALA B 152 17.75 -0.75 16.96
CA ALA B 152 17.77 0.70 16.91
C ALA B 152 19.13 1.25 16.39
N MET B 153 20.22 0.62 16.82
CA MET B 153 21.60 1.08 16.48
C MET B 153 22.15 0.59 15.13
N HIS B 154 21.52 -0.42 14.52
CA HIS B 154 22.24 -1.33 13.62
C HIS B 154 22.73 -0.74 12.30
N ASP B 155 22.19 0.41 11.89
CA ASP B 155 22.65 1.13 10.68
C ASP B 155 23.04 2.59 10.98
N TYR B 156 23.39 2.87 12.25
CA TYR B 156 23.77 4.22 12.68
C TYR B 156 24.86 4.80 11.79
N ASP B 157 24.61 6.02 11.30
CA ASP B 157 25.56 6.80 10.49
C ASP B 157 25.98 6.08 9.22
N HIS B 158 25.04 5.38 8.59
CA HIS B 158 25.27 4.71 7.32
C HIS B 158 25.50 5.77 6.25
N PRO B 159 26.55 5.64 5.42
CA PRO B 159 26.85 6.62 4.39
C PRO B 159 26.08 6.46 3.06
N GLY B 160 25.22 5.47 2.93
CA GLY B 160 24.53 5.23 1.65
C GLY B 160 25.35 4.54 0.57
N ARG B 161 26.40 3.81 0.98
CA ARG B 161 27.25 3.02 0.09
C ARG B 161 27.39 1.63 0.69
N THR B 162 27.62 0.62 -0.14
CA THR B 162 27.79 -0.75 0.32
C THR B 162 29.24 -0.97 0.80
N ASN B 163 29.46 -2.05 1.55
CA ASN B 163 30.80 -2.47 1.98
C ASN B 163 31.72 -2.61 0.80
N ALA B 164 31.25 -3.26 -0.27
CA ALA B 164 32.09 -3.52 -1.43
C ALA B 164 32.61 -2.22 -2.07
N PHE B 165 31.78 -1.17 -2.03
CA PHE B 165 32.15 0.13 -2.58
C PHE B 165 33.21 0.78 -1.73
N LEU B 166 33.01 0.73 -0.41
CA LEU B 166 33.98 1.27 0.55
C LEU B 166 35.30 0.58 0.38
N VAL B 167 35.27 -0.74 0.20
CA VAL B 167 36.47 -1.55 0.06
C VAL B 167 37.17 -1.23 -1.27
N ALA B 168 36.40 -1.24 -2.37
CA ALA B 168 36.94 -0.99 -3.70
C ALA B 168 37.57 0.40 -3.86
N THR B 169 37.08 1.39 -3.09
CA THR B 169 37.57 2.77 -3.17
C THR B 169 38.56 3.14 -2.06
N SER B 170 38.94 2.17 -1.22
CA SER B 170 39.82 2.37 -0.06
C SER B 170 39.35 3.49 0.81
N ALA B 171 38.06 3.50 1.08
CA ALA B 171 37.46 4.53 1.91
C ALA B 171 38.18 4.46 3.27
N PRO B 172 38.34 5.60 3.96
CA PRO B 172 38.94 5.59 5.30
C PRO B 172 38.36 4.54 6.25
N GLN B 173 37.07 4.26 6.17
CA GLN B 173 36.44 3.25 7.02
C GLN B 173 36.87 1.82 6.68
N ALA B 174 37.06 1.56 5.39
CA ALA B 174 37.51 0.25 4.95
C ALA B 174 38.95 -0.03 5.42
N VAL B 175 39.80 0.99 5.36
CA VAL B 175 41.17 0.90 5.85
C VAL B 175 41.15 0.69 7.36
N LEU B 176 40.32 1.46 8.05
CA LEU B 176 40.20 1.38 9.51
C LEU B 176 39.79 0.00 10.00
N TYR B 177 38.83 -0.62 9.32
CA TYR B 177 38.32 -1.95 9.69
C TYR B 177 38.88 -3.12 8.87
N ASN B 178 39.99 -2.87 8.15
CA ASN B 178 40.71 -3.92 7.42
C ASN B 178 39.80 -4.72 6.48
N ASP B 179 38.86 -4.02 5.86
CA ASP B 179 37.92 -4.56 4.89
C ASP B 179 36.92 -5.59 5.44
N ARG B 180 36.86 -5.75 6.76
CA ARG B 180 35.99 -6.72 7.40
C ARG B 180 34.75 -6.10 8.05
N SER B 181 33.57 -6.52 7.59
CA SER B 181 32.27 -5.93 8.01
C SER B 181 32.38 -4.45 8.29
N VAL B 182 32.78 -3.69 7.27
CA VAL B 182 33.19 -2.30 7.44
C VAL B 182 32.04 -1.45 8.03
N LEU B 183 30.90 -1.44 7.36
CA LEU B 183 29.76 -0.67 7.83
C LEU B 183 29.27 -1.15 9.20
N GLU B 184 29.15 -2.47 9.37
CA GLU B 184 28.57 -3.02 10.61
C GLU B 184 29.43 -2.73 11.82
N ASN B 185 30.76 -2.84 11.67
CA ASN B 185 31.65 -2.45 12.72
C ASN B 185 31.46 -0.99 13.08
N HIS B 186 31.36 -0.14 12.07
CA HIS B 186 31.16 1.28 12.26
C HIS B 186 29.84 1.61 12.99
N HIS B 187 28.73 1.01 12.55
CA HIS B 187 27.43 1.22 13.21
C HIS B 187 27.54 0.96 14.69
N ALA B 188 28.08 -0.21 15.04
CA ALA B 188 28.19 -0.60 16.44
C ALA B 188 29.16 0.31 17.20
N ALA B 189 30.30 0.63 16.58
CA ALA B 189 31.32 1.38 17.28
C ALA B 189 30.90 2.82 17.51
N ALA B 190 30.35 3.45 16.46
CA ALA B 190 29.89 4.82 16.54
C ALA B 190 28.67 4.95 17.51
N ALA B 191 27.76 3.98 17.48
CA ALA B 191 26.61 4.04 18.41
C ALA B 191 27.04 3.85 19.86
N TRP B 192 28.02 2.96 20.10
CA TRP B 192 28.53 2.74 21.45
C TRP B 192 29.35 3.93 21.96
N ASN B 193 30.11 4.54 21.04
CA ASN B 193 30.88 5.72 21.36
C ASN B 193 29.97 6.88 21.77
N LEU B 194 28.88 7.05 21.02
CA LEU B 194 27.89 8.06 21.30
C LEU B 194 27.36 7.80 22.72
N PHE B 195 26.95 6.55 22.98
CA PHE B 195 26.39 6.17 24.26
C PHE B 195 27.33 6.56 25.41
N MET B 196 28.62 6.26 25.28
CA MET B 196 29.59 6.46 26.36
C MET B 196 30.04 7.89 26.53
N SER B 197 29.80 8.72 25.50
CA SER B 197 30.32 10.08 25.47
C SER B 197 29.70 11.01 26.53
N ARG B 198 28.49 10.71 27.02
CA ARG B 198 27.77 11.61 27.92
C ARG B 198 27.02 10.84 29.02
N PRO B 199 27.07 11.32 30.28
CA PRO B 199 26.22 10.74 31.33
C PRO B 199 24.70 10.91 31.11
N GLU B 200 24.32 11.92 30.32
CA GLU B 200 22.92 12.17 29.94
C GLU B 200 22.33 11.07 29.11
N TYR B 201 23.19 10.19 28.57
CA TYR B 201 22.74 9.05 27.77
C TYR B 201 22.69 7.71 28.49
N ASN B 202 23.15 7.66 29.74
CA ASN B 202 23.32 6.40 30.45
C ASN B 202 22.01 5.84 31.04
N PHE B 203 21.20 5.23 30.18
CA PHE B 203 19.94 4.61 30.58
C PHE B 203 20.13 3.21 31.17
N LEU B 204 21.36 2.68 31.08
CA LEU B 204 21.70 1.36 31.59
C LEU B 204 22.36 1.43 32.95
N ILE B 205 22.28 2.59 33.59
CA ILE B 205 22.95 2.85 34.87
C ILE B 205 22.69 1.82 35.99
N ASN B 206 21.53 1.17 35.97
CA ASN B 206 21.22 0.16 36.98
C ASN B 206 21.50 -1.30 36.62
N LEU B 207 22.12 -1.56 35.48
CA LEU B 207 22.78 -2.85 35.24
C LEU B 207 24.06 -2.85 36.10
N ASP B 208 24.40 -3.98 36.72
CA ASP B 208 25.73 -4.11 37.31
C ASP B 208 26.77 -4.25 36.17
N HIS B 209 28.05 -4.20 36.54
CA HIS B 209 29.15 -4.29 35.61
C HIS B 209 29.16 -5.57 34.76
N VAL B 210 28.90 -6.72 35.38
CA VAL B 210 28.83 -8.02 34.67
C VAL B 210 27.71 -8.01 33.62
N GLU B 211 26.51 -7.62 34.05
CA GLU B 211 25.36 -7.47 33.16
C GLU B 211 25.67 -6.51 31.99
N PHE B 212 26.28 -5.36 32.30
CA PHE B 212 26.58 -4.38 31.28
C PHE B 212 27.53 -4.95 30.22
N LYS B 213 28.60 -5.63 30.66
CA LYS B 213 29.57 -6.20 29.74
C LYS B 213 28.90 -7.25 28.83
N HIS B 214 28.06 -8.11 29.40
CA HIS B 214 27.37 -9.11 28.61
C HIS B 214 26.36 -8.48 27.63
N PHE B 215 25.66 -7.43 28.08
CA PHE B 215 24.73 -6.66 27.25
C PHE B 215 25.43 -6.10 26.02
N ARG B 216 26.58 -5.45 26.25
CA ARG B 216 27.36 -4.83 25.19
C ARG B 216 27.79 -5.89 24.15
N PHE B 217 28.30 -7.03 24.64
CA PHE B 217 28.67 -8.17 23.80
C PHE B 217 27.50 -8.64 22.92
N LEU B 218 26.33 -8.83 23.52
CA LEU B 218 25.11 -9.22 22.74
C LEU B 218 24.71 -8.22 21.67
N VAL B 219 24.80 -6.92 21.99
CA VAL B 219 24.44 -5.88 21.06
C VAL B 219 25.34 -5.90 19.84
N ILE B 220 26.66 -6.00 20.11
CA ILE B 220 27.65 -6.05 19.05
C ILE B 220 27.42 -7.29 18.18
N GLU B 221 27.20 -8.45 18.81
CA GLU B 221 27.01 -9.68 18.04
C GLU B 221 25.80 -9.59 17.13
N ALA B 222 24.74 -8.94 17.61
CA ALA B 222 23.52 -8.79 16.83
C ALA B 222 23.76 -7.87 15.66
N ILE B 223 24.38 -6.71 15.91
CA ILE B 223 24.63 -5.75 14.84
C ILE B 223 25.56 -6.36 13.76
N LEU B 224 26.62 -7.03 14.20
CA LEU B 224 27.59 -7.62 13.25
C LEU B 224 26.95 -8.74 12.41
N ALA B 225 25.91 -9.40 12.94
CA ALA B 225 25.17 -10.40 12.20
C ALA B 225 24.39 -9.87 10.99
N THR B 226 24.17 -8.56 10.93
CA THR B 226 23.49 -7.97 9.78
C THR B 226 24.31 -7.82 8.48
N ASP B 227 25.62 -8.13 8.51
CA ASP B 227 26.49 -8.16 7.31
C ASP B 227 26.13 -9.35 6.43
N LEU B 228 25.57 -9.09 5.25
CA LEU B 228 25.10 -10.17 4.37
C LEU B 228 26.20 -11.08 3.80
N LYS B 229 27.46 -10.63 3.86
CA LYS B 229 28.58 -11.50 3.51
C LYS B 229 28.64 -12.76 4.39
N LYS B 230 28.07 -12.68 5.61
CA LYS B 230 28.00 -13.80 6.55
C LYS B 230 26.67 -14.56 6.53
N HIS B 231 25.80 -14.21 5.58
CA HIS B 231 24.41 -14.68 5.55
C HIS B 231 24.33 -16.21 5.50
N PHE B 232 25.06 -16.80 4.54
CA PHE B 232 24.97 -18.25 4.33
C PHE B 232 25.60 -19.02 5.46
N ASP B 233 26.61 -18.46 6.12
CA ASP B 233 27.20 -19.04 7.33
C ASP B 233 26.21 -19.10 8.47
N PHE B 234 25.49 -18.00 8.73
CA PHE B 234 24.47 -17.98 9.79
C PHE B 234 23.37 -18.96 9.50
N VAL B 235 22.93 -19.01 8.24
CA VAL B 235 21.84 -19.89 7.84
C VAL B 235 22.26 -21.37 7.96
N ALA B 236 23.45 -21.72 7.48
CA ALA B 236 23.98 -23.08 7.60
C ALA B 236 24.14 -23.49 9.08
N LYS B 237 24.69 -22.59 9.89
CA LYS B 237 24.86 -22.84 11.29
C LYS B 237 23.51 -23.09 11.95
N PHE B 238 22.53 -22.25 11.64
CA PHE B 238 21.21 -22.37 12.24
C PHE B 238 20.53 -23.66 11.82
N ASN B 239 20.52 -23.96 10.51
CA ASN B 239 19.98 -25.22 9.99
C ASN B 239 20.68 -26.45 10.60
N GLY B 240 21.99 -26.36 10.83
CA GLY B 240 22.75 -27.40 11.52
C GLY B 240 22.25 -27.63 12.92
N LYS B 241 22.07 -26.55 13.70
CA LYS B 241 21.58 -26.60 15.08
C LYS B 241 20.14 -27.12 15.19
N VAL B 242 19.31 -26.80 14.19
CA VAL B 242 17.92 -27.24 14.16
C VAL B 242 17.79 -28.74 13.90
N ASN B 243 18.67 -29.28 13.03
CA ASN B 243 18.60 -30.67 12.53
C ASN B 243 19.54 -31.70 13.19
N ASP B 244 20.05 -31.30 14.38
CA ASP B 244 20.92 -32.20 15.18
C ASP B 244 20.10 -32.88 16.29
N ASP B 245 20.77 -33.39 17.33
CA ASP B 245 20.07 -34.20 18.36
C ASP B 245 19.17 -33.40 19.32
N VAL B 246 19.55 -32.18 19.69
CA VAL B 246 18.73 -31.46 20.71
C VAL B 246 17.88 -30.41 20.02
N GLY B 247 18.23 -30.00 18.81
CA GLY B 247 17.53 -28.87 18.18
C GLY B 247 17.90 -27.60 18.92
N ILE B 248 17.05 -26.59 18.91
CA ILE B 248 17.31 -25.41 19.74
C ILE B 248 17.14 -25.76 21.22
N ASP B 249 18.16 -25.46 22.01
CA ASP B 249 18.15 -25.67 23.47
C ASP B 249 18.09 -24.29 24.09
N TRP B 250 16.92 -23.93 24.62
CA TRP B 250 16.69 -22.58 25.12
C TRP B 250 17.43 -22.29 26.41
N THR B 251 18.00 -23.31 27.06
CA THR B 251 18.85 -23.14 28.25
C THR B 251 20.33 -22.88 27.92
N ASN B 252 20.68 -22.97 26.64
CA ASN B 252 22.04 -22.79 26.16
C ASN B 252 22.19 -21.36 25.61
N GLU B 253 23.12 -20.59 26.18
CA GLU B 253 23.29 -19.18 25.85
C GLU B 253 23.70 -18.93 24.39
N ASN B 254 24.41 -19.88 23.81
CA ASN B 254 24.91 -19.77 22.44
C ASN B 254 23.81 -20.03 21.43
N ASP B 255 22.91 -20.97 21.75
CA ASP B 255 21.70 -21.22 20.95
C ASP B 255 20.80 -19.99 20.94
N ARG B 256 20.57 -19.40 22.12
CA ARG B 256 19.78 -18.17 22.23
C ARG B 256 20.38 -17.01 21.46
N LEU B 257 21.71 -16.88 21.48
CA LEU B 257 22.37 -15.83 20.72
C LEU B 257 22.10 -16.03 19.22
N LEU B 258 22.26 -17.27 18.76
CA LEU B 258 22.03 -17.60 17.37
C LEU B 258 20.58 -17.29 16.95
N VAL B 259 19.62 -17.58 17.81
CA VAL B 259 18.21 -17.24 17.56
C VAL B 259 18.04 -15.74 17.40
N CYS B 260 18.60 -14.96 18.32
CA CYS B 260 18.55 -13.50 18.24
C CYS B 260 19.18 -12.95 16.96
N GLN B 261 20.30 -13.53 16.54
CA GLN B 261 20.94 -13.13 15.29
C GLN B 261 20.04 -13.41 14.06
N MET B 262 19.39 -14.57 14.03
CA MET B 262 18.45 -14.88 12.95
C MET B 262 17.28 -13.90 12.95
N CYS B 263 16.82 -13.54 14.15
CA CYS B 263 15.72 -12.60 14.34
CA CYS B 263 15.72 -12.59 14.34
C CYS B 263 16.06 -11.24 13.74
N ILE B 264 17.19 -10.67 14.16
CA ILE B 264 17.56 -9.36 13.65
C ILE B 264 17.87 -9.42 12.15
N LYS B 265 18.42 -10.55 11.67
CA LYS B 265 18.66 -10.74 10.25
C LYS B 265 17.34 -10.67 9.44
N LEU B 266 16.32 -11.37 9.92
CA LEU B 266 15.03 -11.42 9.28
C LEU B 266 14.36 -10.03 9.34
N ALA B 267 14.43 -9.39 10.52
CA ALA B 267 13.89 -8.07 10.74
C ALA B 267 14.51 -7.05 9.78
N ASP B 268 15.81 -7.17 9.55
CA ASP B 268 16.54 -6.24 8.70
C ASP B 268 16.12 -6.28 7.23
N ILE B 269 15.78 -7.48 6.74
CA ILE B 269 15.39 -7.65 5.33
C ILE B 269 13.92 -8.05 5.22
N ASN B 270 13.09 -7.52 6.12
CA ASN B 270 11.68 -7.85 6.22
C ASN B 270 10.82 -7.33 5.03
N GLY B 271 11.34 -6.31 4.32
CA GLY B 271 10.63 -5.55 3.31
C GLY B 271 9.83 -6.42 2.33
N PRO B 272 10.50 -7.37 1.65
CA PRO B 272 9.82 -8.28 0.74
C PRO B 272 8.79 -9.21 1.36
N ALA B 273 8.75 -9.27 2.69
CA ALA B 273 7.79 -10.06 3.43
C ALA B 273 6.68 -9.21 4.08
N LYS B 274 6.56 -7.98 3.59
CA LYS B 274 5.48 -7.09 4.04
C LYS B 274 4.50 -6.99 2.87
N CYS B 275 3.42 -6.24 3.05
CA CYS B 275 2.43 -6.02 1.95
C CYS B 275 3.09 -5.26 0.80
N LYS B 276 2.54 -5.39 -0.39
CA LYS B 276 3.07 -4.72 -1.60
C LYS B 276 3.33 -3.23 -1.35
N GLU B 277 2.40 -2.52 -0.72
CA GLU B 277 2.53 -1.05 -0.51
C GLU B 277 3.84 -0.73 0.24
N LEU B 278 4.06 -1.38 1.38
CA LEU B 278 5.29 -1.18 2.18
C LEU B 278 6.52 -1.67 1.39
N HIS B 279 6.46 -2.88 0.86
CA HIS B 279 7.58 -3.48 0.08
C HIS B 279 8.04 -2.53 -1.02
N LEU B 280 7.11 -2.04 -1.84
CA LEU B 280 7.49 -1.18 -2.98
C LEU B 280 8.08 0.16 -2.52
N GLN B 281 7.56 0.74 -1.44
CA GLN B 281 8.20 1.97 -0.96
C GLN B 281 9.62 1.73 -0.49
N TRP B 282 9.85 0.66 0.27
CA TRP B 282 11.20 0.33 0.74
C TRP B 282 12.11 0.05 -0.44
N THR B 283 11.57 -0.66 -1.45
CA THR B 283 12.32 -0.99 -2.66
C THR B 283 12.78 0.26 -3.40
N ASP B 284 11.87 1.23 -3.54
CA ASP B 284 12.23 2.50 -4.11
C ASP B 284 13.42 3.16 -3.38
N GLY B 285 13.39 3.16 -2.05
CA GLY B 285 14.46 3.66 -1.24
C GLY B 285 15.80 3.00 -1.51
N ILE B 286 15.85 1.67 -1.52
CA ILE B 286 17.14 0.99 -1.64
C ILE B 286 17.70 1.23 -3.02
N VAL B 287 16.86 1.18 -4.07
CA VAL B 287 17.40 1.36 -5.42
C VAL B 287 17.83 2.79 -5.67
N ASN B 288 17.19 3.76 -5.00
CA ASN B 288 17.69 5.13 -5.07
C ASN B 288 19.11 5.24 -4.50
N GLU B 289 19.38 4.54 -3.38
CA GLU B 289 20.75 4.50 -2.83
C GLU B 289 21.71 3.86 -3.81
N PHE B 290 21.33 2.68 -4.34
CA PHE B 290 22.13 1.99 -5.35
C PHE B 290 22.49 2.89 -6.52
N TYR B 291 21.52 3.65 -7.03
CA TYR B 291 21.74 4.51 -8.20
C TYR B 291 22.70 5.65 -7.91
N GLU B 292 22.59 6.24 -6.72
CA GLU B 292 23.55 7.26 -6.28
C GLU B 292 24.99 6.69 -6.28
N GLN B 293 25.14 5.45 -5.81
CA GLN B 293 26.42 4.75 -5.77
C GLN B 293 26.94 4.48 -7.18
N GLY B 294 26.04 4.03 -8.07
CA GLY B 294 26.35 3.79 -9.46
C GLY B 294 26.88 5.04 -10.15
N ASP B 295 26.27 6.19 -9.84
CA ASP B 295 26.70 7.47 -10.38
C ASP B 295 28.11 7.76 -9.87
N GLU B 296 28.35 7.53 -8.58
CA GLU B 296 29.66 7.78 -8.04
C GLU B 296 30.71 6.83 -8.64
N GLU B 297 30.36 5.53 -8.77
CA GLU B 297 31.22 4.56 -9.44
C GLU B 297 31.69 5.03 -10.83
N ALA B 298 30.73 5.46 -11.66
CA ALA B 298 31.02 5.96 -13.02
C ALA B 298 31.96 7.14 -12.98
N SER B 299 31.66 8.11 -12.11
CA SER B 299 32.47 9.31 -12.00
C SER B 299 33.89 9.02 -11.50
N LEU B 300 34.05 7.91 -10.78
CA LEU B 300 35.36 7.44 -10.32
C LEU B 300 36.07 6.53 -11.35
N GLY B 301 35.40 6.22 -12.47
CA GLY B 301 35.97 5.38 -13.51
C GLY B 301 35.93 3.89 -13.21
N LEU B 302 35.21 3.51 -12.15
CA LEU B 302 34.99 2.11 -11.80
C LEU B 302 33.85 1.51 -12.61
N PRO B 303 33.76 0.16 -12.69
CA PRO B 303 32.61 -0.47 -13.34
C PRO B 303 31.39 -0.33 -12.41
N ILE B 304 30.24 0.00 -13.00
CA ILE B 304 29.02 0.15 -12.23
C ILE B 304 28.60 -1.23 -11.78
N SER B 305 28.34 -1.39 -10.48
CA SER B 305 27.96 -2.65 -9.89
C SER B 305 26.66 -3.16 -10.50
N PRO B 306 26.42 -4.48 -10.54
CA PRO B 306 25.13 -5.03 -10.96
C PRO B 306 23.97 -4.36 -10.22
N PHE B 307 22.94 -3.99 -11.00
CA PHE B 307 21.68 -3.41 -10.56
C PHE B 307 21.77 -1.96 -10.07
N MET B 308 22.89 -1.29 -10.31
CA MET B 308 23.10 0.06 -9.79
C MET B 308 23.19 1.14 -10.87
N ASP B 309 22.91 0.74 -12.10
CA ASP B 309 22.97 1.63 -13.26
C ASP B 309 21.55 2.12 -13.57
N ARG B 310 21.27 3.38 -13.20
CA ARG B 310 19.94 3.97 -13.35
C ARG B 310 19.46 3.99 -14.78
N SER B 311 20.38 4.03 -15.75
CA SER B 311 20.05 4.06 -17.17
C SER B 311 19.90 2.68 -17.80
N ALA B 312 20.10 1.63 -17.00
CA ALA B 312 19.77 0.25 -17.39
C ALA B 312 19.35 -0.49 -16.12
N PRO B 313 18.19 -0.14 -15.53
CA PRO B 313 17.74 -0.79 -14.30
C PRO B 313 17.28 -2.20 -14.60
N GLN B 314 17.44 -3.10 -13.62
CA GLN B 314 16.84 -4.41 -13.66
C GLN B 314 16.22 -4.61 -12.29
N LEU B 315 15.30 -3.72 -11.93
CA LEU B 315 14.64 -3.74 -10.64
C LEU B 315 14.00 -5.11 -10.33
N ALA B 316 13.21 -5.61 -11.28
CA ALA B 316 12.48 -6.83 -11.10
C ALA B 316 13.44 -8.01 -10.87
N ASN B 317 14.52 -8.08 -11.64
CA ASN B 317 15.52 -9.14 -11.46
C ASN B 317 16.23 -9.05 -10.12
N LEU B 318 16.55 -7.84 -9.68
CA LEU B 318 17.11 -7.61 -8.37
C LEU B 318 16.23 -8.15 -7.26
N GLN B 319 14.94 -7.77 -7.28
CA GLN B 319 14.02 -8.15 -6.21
C GLN B 319 13.72 -9.65 -6.25
N GLU B 320 13.53 -10.20 -7.45
CA GLU B 320 13.31 -11.63 -7.60
C GLU B 320 14.52 -12.46 -7.05
N SER B 321 15.74 -12.06 -7.40
CA SER B 321 16.90 -12.83 -6.98
C SER B 321 17.21 -12.61 -5.49
N PHE B 322 16.96 -11.40 -4.98
CA PHE B 322 17.06 -11.14 -3.55
C PHE B 322 16.10 -12.00 -2.73
N ILE B 323 14.88 -12.17 -3.22
CA ILE B 323 13.91 -13.01 -2.53
C ILE B 323 14.32 -14.49 -2.63
N SER B 324 14.67 -14.94 -3.84
CA SER B 324 14.94 -16.37 -4.02
C SER B 324 16.25 -16.82 -3.35
N HIS B 325 17.28 -15.97 -3.33
CA HIS B 325 18.62 -16.33 -2.81
C HIS B 325 18.91 -15.93 -1.37
N ILE B 326 18.28 -14.86 -0.87
CA ILE B 326 18.53 -14.36 0.48
C ILE B 326 17.35 -14.50 1.44
N VAL B 327 16.22 -13.83 1.14
CA VAL B 327 15.12 -13.74 2.09
C VAL B 327 14.41 -15.07 2.20
N GLY B 328 14.14 -15.70 1.05
CA GLY B 328 13.47 -17.00 1.00
C GLY B 328 14.14 -18.06 1.86
N PRO B 329 15.43 -18.40 1.64
CA PRO B 329 16.13 -19.37 2.48
C PRO B 329 16.20 -19.00 3.93
N LEU B 330 16.33 -17.71 4.23
CA LEU B 330 16.32 -17.25 5.63
C LEU B 330 14.95 -17.53 6.28
N CYS B 331 13.86 -17.15 5.61
CA CYS B 331 12.51 -17.46 6.10
C CYS B 331 12.25 -18.96 6.24
N ASN B 332 12.66 -19.75 5.26
CA ASN B 332 12.54 -21.20 5.33
C ASN B 332 13.29 -21.79 6.54
N SER B 333 14.51 -21.32 6.79
CA SER B 333 15.28 -21.76 7.94
C SER B 333 14.59 -21.42 9.24
N TYR B 334 14.16 -20.17 9.36
CA TYR B 334 13.49 -19.66 10.57
C TYR B 334 12.18 -20.43 10.78
N ASP B 335 11.44 -20.64 9.69
CA ASP B 335 10.19 -21.38 9.72
C ASP B 335 10.44 -22.84 10.13
N SER B 336 11.51 -23.46 9.63
CA SER B 336 11.85 -24.86 9.97
C SER B 336 12.19 -25.08 11.43
N ALA B 337 12.71 -24.02 12.08
CA ALA B 337 12.92 -24.04 13.52
C ALA B 337 11.61 -23.91 14.29
N GLY B 338 10.52 -23.59 13.58
CA GLY B 338 9.19 -23.38 14.15
C GLY B 338 9.07 -22.04 14.88
N LEU B 339 9.80 -21.02 14.42
CA LEU B 339 9.82 -19.71 15.06
C LEU B 339 8.95 -18.62 14.40
N MET B 340 8.34 -18.93 13.25
CA MET B 340 7.51 -17.96 12.53
C MET B 340 6.22 -17.69 13.29
N PRO B 341 5.85 -16.42 13.55
CA PRO B 341 4.50 -16.12 14.04
C PRO B 341 3.45 -16.64 13.03
N GLY B 342 2.28 -17.01 13.54
CA GLY B 342 1.26 -17.61 12.70
C GLY B 342 0.05 -18.03 13.51
N LYS B 343 -0.91 -18.67 12.83
CA LYS B 343 -2.15 -19.19 13.43
C LYS B 343 -2.34 -20.62 13.01
N TRP B 344 -2.90 -21.45 13.90
CA TRP B 344 -3.42 -22.74 13.52
C TRP B 344 -4.63 -22.55 12.62
N VAL B 345 -4.71 -23.34 11.54
CA VAL B 345 -5.90 -23.43 10.71
C VAL B 345 -6.80 -24.40 11.44
N GLU B 346 -7.95 -23.90 11.89
CA GLU B 346 -9.02 -24.78 12.41
C GLU B 346 -9.68 -25.59 11.29
N GLY B 347 -9.85 -26.90 11.53
CA GLY B 347 -10.50 -27.80 10.59
C GLY B 347 -9.63 -28.07 9.38
N ARG B 354 -3.38 -29.47 12.13
CA ARG B 354 -2.10 -29.90 11.57
C ARG B 354 -1.38 -28.77 10.85
N LYS B 355 -2.13 -27.95 10.09
CA LYS B 355 -1.55 -26.85 9.31
C LYS B 355 -1.58 -25.49 10.00
N ILE B 356 -0.66 -24.64 9.55
CA ILE B 356 -0.42 -23.32 10.09
C ILE B 356 -0.55 -22.31 8.97
N TYR B 357 -1.19 -21.15 9.24
CA TYR B 357 -1.19 -20.02 8.33
C TYR B 357 -0.16 -19.00 8.82
N CYS B 358 0.82 -18.71 7.96
CA CYS B 358 1.86 -17.75 8.25
C CYS B 358 1.79 -16.57 7.27
N GLN B 359 1.43 -15.41 7.81
CA GLN B 359 1.28 -14.17 7.06
C GLN B 359 2.60 -13.76 6.38
N ILE B 360 3.68 -13.89 7.12
CA ILE B 360 4.98 -13.45 6.67
C ILE B 360 5.41 -14.17 5.40
N THR B 361 5.32 -15.48 5.38
CA THR B 361 5.73 -16.25 4.22
C THR B 361 4.72 -16.10 3.08
N GLN B 362 3.43 -15.93 3.41
CA GLN B 362 2.44 -15.62 2.39
C GLN B 362 2.76 -14.33 1.63
N HIS B 363 3.10 -13.26 2.36
CA HIS B 363 3.48 -12.00 1.72
C HIS B 363 4.68 -12.18 0.81
N LEU B 364 5.69 -12.91 1.30
CA LEU B 364 6.92 -13.15 0.56
C LEU B 364 6.64 -13.87 -0.75
N LEU B 365 5.78 -14.89 -0.69
CA LEU B 365 5.36 -15.62 -1.87
C LEU B 365 4.62 -14.73 -2.88
N GLN B 366 3.72 -13.87 -2.38
CA GLN B 366 2.96 -12.94 -3.25
C GLN B 366 3.89 -11.96 -3.93
N ASN B 367 4.85 -11.43 -3.18
CA ASN B 367 5.78 -10.41 -3.73
C ASN B 367 6.70 -11.10 -4.75
N HIS B 368 7.07 -12.34 -4.50
CA HIS B 368 7.92 -13.09 -5.42
C HIS B 368 7.21 -13.27 -6.76
N LYS B 369 5.93 -13.67 -6.70
CA LYS B 369 5.09 -13.85 -7.88
C LYS B 369 4.90 -12.56 -8.65
N MET B 370 4.72 -11.46 -7.93
CA MET B 370 4.59 -10.15 -8.55
C MET B 370 5.83 -9.79 -9.42
N TRP B 371 7.02 -9.95 -8.85
CA TRP B 371 8.23 -9.61 -9.57
C TRP B 371 8.50 -10.55 -10.74
N LYS B 372 8.16 -11.84 -10.57
CA LYS B 372 8.26 -12.81 -11.65
C LYS B 372 7.41 -12.37 -12.83
N LYS B 373 6.17 -11.95 -12.55
CA LYS B 373 5.24 -11.49 -13.59
C LYS B 373 5.84 -10.28 -14.36
N VAL B 374 6.41 -9.33 -13.62
CA VAL B 374 7.08 -8.17 -14.22
C VAL B 374 8.23 -8.60 -15.14
N ILE B 375 9.01 -9.59 -14.72
CA ILE B 375 10.10 -10.13 -15.52
C ILE B 375 9.61 -10.71 -16.83
N GLU B 376 8.49 -11.44 -16.81
CA GLU B 376 7.89 -12.03 -18.01
C GLU B 376 7.47 -10.98 -19.06
N GLU B 377 6.94 -9.85 -18.59
CA GLU B 377 6.49 -8.78 -19.47
C GLU B 377 7.67 -8.10 -20.17
N GLU B 378 8.68 -7.75 -19.38
CA GLU B 378 9.89 -7.11 -19.87
C GLU B 378 10.57 -7.80 -21.04
N GLN B 379 10.64 -9.12 -21.02
CA GLN B 379 11.42 -9.88 -22.01
C GLN B 379 10.62 -10.30 -23.27
N ARG B 380 9.28 -10.40 -23.15
CA ARG B 380 8.40 -10.51 -24.33
C ARG B 380 8.49 -9.22 -25.15
N PRO C 3 -33.24 -21.10 -3.21
CA PRO C 3 -32.48 -20.02 -2.57
C PRO C 3 -30.95 -20.23 -2.61
N ILE C 4 -30.20 -19.25 -3.11
CA ILE C 4 -28.72 -19.33 -3.05
C ILE C 4 -28.35 -19.07 -1.58
N LEU C 5 -27.85 -20.08 -0.88
CA LEU C 5 -27.57 -19.92 0.56
C LEU C 5 -26.06 -19.78 0.80
N ALA C 6 -25.67 -19.13 1.89
CA ALA C 6 -24.25 -18.89 2.20
C ALA C 6 -23.56 -20.20 2.56
N PRO C 7 -22.27 -20.45 2.17
CA PRO C 7 -21.63 -21.74 2.45
C PRO C 7 -21.23 -22.12 3.88
N GLU C 8 -20.85 -23.39 4.09
CA GLU C 8 -20.38 -23.93 5.40
C GLU C 8 -19.37 -23.00 6.05
N PRO C 9 -19.10 -23.00 7.38
CA PRO C 9 -18.33 -21.97 8.07
C PRO C 9 -18.60 -20.58 7.48
N LEU C 10 -19.77 -20.02 7.80
CA LEU C 10 -20.20 -18.69 7.26
C LEU C 10 -19.01 -17.72 7.19
N VAL C 11 -18.27 -17.59 8.28
CA VAL C 11 -17.05 -16.73 8.28
C VAL C 11 -15.82 -17.58 7.97
N MET C 12 -15.08 -17.23 6.91
CA MET C 12 -13.83 -17.95 6.55
C MET C 12 -12.74 -17.50 7.54
N ASP C 13 -11.99 -18.44 8.12
CA ASP C 13 -11.04 -18.06 9.20
C ASP C 13 -9.62 -17.87 8.68
N ASN C 14 -9.36 -18.24 7.44
CA ASN C 14 -7.99 -18.11 6.86
C ASN C 14 -7.77 -16.71 6.33
N LEU C 15 -8.63 -15.76 6.66
CA LEU C 15 -8.54 -14.40 6.07
C LEU C 15 -8.23 -13.37 7.16
N ASP C 16 -8.06 -13.78 8.40
CA ASP C 16 -7.91 -12.80 9.51
C ASP C 16 -6.72 -11.84 9.32
N SER C 17 -5.60 -12.29 8.75
CA SER C 17 -4.41 -11.44 8.63
C SER C 17 -4.52 -10.43 7.49
N ILE C 18 -5.21 -10.79 6.41
CA ILE C 18 -5.47 -9.86 5.34
C ILE C 18 -6.61 -8.90 5.70
N MET C 19 -7.63 -9.38 6.44
CA MET C 19 -8.74 -8.52 6.91
C MET C 19 -8.31 -7.44 7.90
N GLU C 20 -7.20 -7.67 8.61
CA GLU C 20 -6.64 -6.67 9.56
C GLU C 20 -6.17 -5.45 8.76
N GLN C 21 -5.98 -5.60 7.45
CA GLN C 21 -5.48 -4.47 6.61
C GLN C 21 -6.64 -3.70 5.97
N LEU C 22 -7.86 -3.82 6.50
CA LEU C 22 -9.02 -3.08 5.95
C LEU C 22 -8.96 -1.60 6.37
N ASN C 23 -8.50 -1.32 7.60
CA ASN C 23 -8.37 0.06 8.12
C ASN C 23 -7.36 0.88 7.30
N THR C 24 -6.89 0.36 6.17
CA THR C 24 -5.99 1.13 5.29
C THR C 24 -6.72 1.53 4.01
N TRP C 25 -6.12 2.66 3.25
CA TRP C 25 -6.75 3.17 2.02
C TRP C 25 -6.42 2.25 0.86
N ASN C 26 -5.14 1.90 0.72
CA ASN C 26 -4.69 1.01 -0.39
C ASN C 26 -4.88 -0.45 0.03
N PHE C 27 -6.12 -0.84 0.33
CA PHE C 27 -6.42 -2.23 0.73
C PHE C 27 -5.98 -3.18 -0.38
N PRO C 28 -5.14 -4.23 -0.15
CA PRO C 28 -4.70 -5.07 -1.28
C PRO C 28 -5.79 -6.09 -1.63
N ILE C 29 -6.83 -5.57 -2.30
CA ILE C 29 -7.98 -6.33 -2.62
C ILE C 29 -7.73 -7.50 -3.57
N PHE C 30 -6.79 -7.34 -4.50
CA PHE C 30 -6.41 -8.42 -5.44
C PHE C 30 -5.67 -9.57 -4.79
N ASP C 31 -5.00 -9.27 -3.68
CA ASP C 31 -4.36 -10.36 -2.89
C ASP C 31 -5.46 -11.07 -2.11
N LEU C 32 -6.48 -10.34 -1.66
CA LEU C 32 -7.59 -11.02 -1.01
C LEU C 32 -8.30 -11.96 -1.97
N VAL C 33 -8.48 -11.52 -3.22
CA VAL C 33 -9.08 -12.33 -4.27
C VAL C 33 -8.33 -13.65 -4.48
N GLU C 34 -6.99 -13.58 -4.53
CA GLU C 34 -6.12 -14.73 -4.69
C GLU C 34 -6.21 -15.69 -3.52
N ASN C 35 -6.24 -15.12 -2.32
CA ASN C 35 -6.36 -15.84 -1.05
C ASN C 35 -7.66 -16.66 -0.99
N ILE C 36 -8.77 -16.09 -1.45
CA ILE C 36 -10.09 -16.79 -1.37
C ILE C 36 -10.25 -17.74 -2.55
N GLY C 37 -9.65 -17.41 -3.70
CA GLY C 37 -9.89 -18.15 -4.92
C GLY C 37 -10.62 -17.27 -5.92
N ARG C 38 -10.10 -17.21 -7.15
CA ARG C 38 -10.43 -16.20 -8.18
C ARG C 38 -11.93 -16.05 -8.52
N LYS C 39 -12.63 -17.17 -8.73
CA LYS C 39 -14.07 -17.17 -9.08
C LYS C 39 -14.92 -17.86 -8.00
N CYS C 40 -14.38 -17.91 -6.77
CA CYS C 40 -15.01 -18.57 -5.64
C CYS C 40 -16.33 -17.92 -5.23
N GLY C 41 -16.41 -16.59 -5.37
CA GLY C 41 -17.65 -15.86 -5.09
C GLY C 41 -17.96 -15.71 -3.61
N ARG C 42 -17.01 -15.20 -2.81
CA ARG C 42 -17.22 -15.02 -1.36
C ARG C 42 -16.61 -13.69 -0.86
N ILE C 43 -15.87 -12.98 -1.70
CA ILE C 43 -15.17 -11.73 -1.28
C ILE C 43 -16.15 -10.70 -0.70
N LEU C 44 -17.24 -10.42 -1.41
CA LEU C 44 -18.16 -9.38 -0.96
C LEU C 44 -18.82 -9.73 0.40
N SER C 45 -19.29 -10.96 0.55
CA SER C 45 -19.94 -11.34 1.81
C SER C 45 -18.96 -11.38 2.99
N GLN C 46 -17.73 -11.79 2.71
CA GLN C 46 -16.70 -11.89 3.80
C GLN C 46 -16.32 -10.48 4.25
N VAL C 47 -16.03 -9.57 3.31
CA VAL C 47 -15.72 -8.19 3.69
C VAL C 47 -16.91 -7.51 4.39
N SER C 48 -18.12 -7.73 3.86
CA SER C 48 -19.33 -7.14 4.45
C SER C 48 -19.50 -7.60 5.90
N TYR C 49 -19.34 -8.89 6.16
CA TYR C 49 -19.39 -9.39 7.51
C TYR C 49 -18.43 -8.61 8.41
N ARG C 50 -17.18 -8.48 7.96
CA ARG C 50 -16.13 -7.86 8.81
C ARG C 50 -16.47 -6.40 9.09
N LEU C 51 -16.90 -5.67 8.07
CA LEU C 51 -17.18 -4.24 8.25
C LEU C 51 -18.43 -4.01 9.12
N PHE C 52 -19.46 -4.84 8.93
CA PHE C 52 -20.66 -4.76 9.77
C PHE C 52 -20.33 -5.06 11.22
N GLU C 53 -19.47 -6.06 11.44
CA GLU C 53 -19.02 -6.41 12.79
C GLU C 53 -18.16 -5.30 13.38
N ASP C 54 -17.22 -4.77 12.59
CA ASP C 54 -16.39 -3.63 13.00
C ASP C 54 -17.22 -2.45 13.53
N MET C 55 -18.37 -2.19 12.90
CA MET C 55 -19.25 -1.10 13.24
C MET C 55 -20.31 -1.40 14.28
N GLY C 56 -20.42 -2.66 14.70
CA GLY C 56 -21.41 -3.07 15.67
C GLY C 56 -22.85 -2.99 15.11
N LEU C 57 -23.00 -3.07 13.80
CA LEU C 57 -24.29 -2.95 13.13
C LEU C 57 -25.22 -4.18 13.36
N PHE C 58 -24.63 -5.36 13.64
CA PHE C 58 -25.40 -6.55 13.92
C PHE C 58 -26.18 -6.38 15.21
N GLU C 59 -25.50 -5.86 16.26
CA GLU C 59 -26.16 -5.58 17.53
C GLU C 59 -27.13 -4.40 17.42
N ALA C 60 -26.69 -3.31 16.77
CA ALA C 60 -27.47 -2.10 16.60
C ALA C 60 -28.85 -2.32 15.95
N PHE C 61 -28.93 -3.23 14.97
CA PHE C 61 -30.19 -3.52 14.30
C PHE C 61 -30.67 -4.98 14.45
N LYS C 62 -30.12 -5.69 15.43
CA LYS C 62 -30.50 -7.07 15.74
C LYS C 62 -30.58 -7.88 14.44
N ILE C 63 -29.54 -7.76 13.64
CA ILE C 63 -29.45 -8.42 12.35
C ILE C 63 -29.05 -9.88 12.54
N PRO C 64 -29.85 -10.85 12.05
CA PRO C 64 -29.45 -12.25 12.12
C PRO C 64 -28.37 -12.54 11.08
N ILE C 65 -27.28 -13.16 11.52
CA ILE C 65 -26.06 -13.28 10.71
C ILE C 65 -26.28 -14.21 9.50
N ARG C 66 -27.06 -15.28 9.72
CA ARG C 66 -27.30 -16.25 8.67
C ARG C 66 -27.98 -15.59 7.46
N GLU C 67 -29.04 -14.83 7.72
CA GLU C 67 -29.82 -14.17 6.66
C GLU C 67 -28.98 -13.11 5.98
N PHE C 68 -28.15 -12.43 6.76
CA PHE C 68 -27.25 -11.42 6.24
C PHE C 68 -26.28 -12.08 5.26
N MET C 69 -25.68 -13.21 5.65
CA MET C 69 -24.71 -13.87 4.79
C MET C 69 -25.39 -14.51 3.58
N ASN C 70 -26.59 -15.06 3.78
CA ASN C 70 -27.38 -15.57 2.66
C ASN C 70 -27.57 -14.50 1.59
N TYR C 71 -28.00 -13.30 2.02
CA TYR C 71 -28.28 -12.24 1.06
C TYR C 71 -27.01 -11.74 0.35
N PHE C 72 -25.94 -11.48 1.10
CA PHE C 72 -24.71 -10.92 0.47
C PHE C 72 -24.04 -11.95 -0.43
N HIS C 73 -24.24 -13.24 -0.16
CA HIS C 73 -23.70 -14.29 -1.06
C HIS C 73 -24.52 -14.34 -2.35
N ALA C 74 -25.85 -14.30 -2.23
CA ALA C 74 -26.71 -14.29 -3.44
C ALA C 74 -26.37 -13.04 -4.25
N LEU C 75 -26.20 -11.91 -3.57
CA LEU C 75 -25.87 -10.68 -4.24
C LEU C 75 -24.55 -10.83 -5.00
N GLU C 76 -23.51 -11.33 -4.34
CA GLU C 76 -22.23 -11.42 -4.99
C GLU C 76 -22.25 -12.40 -6.15
N ILE C 77 -23.05 -13.45 -6.05
CA ILE C 77 -23.19 -14.42 -7.12
C ILE C 77 -23.82 -13.82 -8.39
N GLY C 78 -24.62 -12.76 -8.23
CA GLY C 78 -25.27 -12.08 -9.36
C GLY C 78 -24.48 -10.95 -9.99
N TYR C 79 -23.31 -10.64 -9.43
CA TYR C 79 -22.32 -9.87 -10.17
C TYR C 79 -21.69 -10.83 -11.15
N ARG C 80 -21.62 -10.41 -12.42
CA ARG C 80 -21.12 -11.25 -13.49
C ARG C 80 -19.60 -11.33 -13.47
N ASP C 81 -19.07 -12.35 -14.15
CA ASP C 81 -17.62 -12.54 -14.32
C ASP C 81 -17.21 -11.73 -15.52
N ILE C 82 -17.15 -10.41 -15.33
CA ILE C 82 -16.72 -9.48 -16.35
C ILE C 82 -15.53 -8.71 -15.78
N PRO C 83 -14.70 -8.07 -16.62
CA PRO C 83 -13.43 -7.49 -16.15
C PRO C 83 -13.47 -6.40 -15.07
N TYR C 84 -14.54 -5.58 -15.01
CA TYR C 84 -14.58 -4.48 -14.05
C TYR C 84 -15.80 -4.48 -13.12
N HIS C 85 -17.01 -4.45 -13.69
CA HIS C 85 -18.26 -4.35 -12.88
C HIS C 85 -18.58 -5.71 -12.27
N ASN C 86 -17.72 -6.16 -11.38
CA ASN C 86 -17.80 -7.48 -10.79
C ASN C 86 -17.85 -7.34 -9.27
N ARG C 87 -17.91 -8.47 -8.55
CA ARG C 87 -18.06 -8.45 -7.12
C ARG C 87 -16.83 -7.85 -6.40
N ILE C 88 -15.68 -7.85 -7.09
CA ILE C 88 -14.47 -7.29 -6.56
C ILE C 88 -14.57 -5.77 -6.53
N HIS C 89 -15.10 -5.18 -7.61
CA HIS C 89 -15.38 -3.76 -7.64
C HIS C 89 -16.40 -3.33 -6.57
N ALA C 90 -17.46 -4.13 -6.40
CA ALA C 90 -18.45 -3.83 -5.35
C ALA C 90 -17.79 -3.82 -3.96
N THR C 91 -16.94 -4.82 -3.70
CA THR C 91 -16.23 -4.92 -2.45
C THR C 91 -15.33 -3.70 -2.20
N ASP C 92 -14.62 -3.27 -3.27
CA ASP C 92 -13.78 -2.10 -3.25
C ASP C 92 -14.54 -0.80 -2.90
N VAL C 93 -15.75 -0.65 -3.48
CA VAL C 93 -16.56 0.53 -3.23
C VAL C 93 -17.06 0.52 -1.80
N LEU C 94 -17.45 -0.65 -1.31
CA LEU C 94 -17.91 -0.81 0.06
C LEU C 94 -16.74 -0.44 1.02
N HIS C 95 -15.55 -0.94 0.74
CA HIS C 95 -14.38 -0.64 1.60
C HIS C 95 -14.12 0.87 1.59
N ALA C 96 -14.19 1.49 0.41
CA ALA C 96 -14.01 2.92 0.32
C ALA C 96 -15.04 3.76 1.10
N VAL C 97 -16.33 3.41 1.02
CA VAL C 97 -17.33 4.19 1.79
C VAL C 97 -17.13 4.00 3.28
N TRP C 98 -16.81 2.77 3.68
CA TRP C 98 -16.48 2.50 5.07
C TRP C 98 -15.24 3.33 5.53
N TYR C 99 -14.19 3.35 4.72
CA TYR C 99 -12.97 4.13 5.07
C TYR C 99 -13.33 5.60 5.22
N LEU C 100 -14.00 6.16 4.21
CA LEU C 100 -14.33 7.55 4.23
C LEU C 100 -15.18 7.97 5.44
N THR C 101 -16.04 7.07 5.92
CA THR C 101 -16.99 7.36 6.98
C THR C 101 -16.50 7.03 8.38
N THR C 102 -15.40 6.27 8.50
CA THR C 102 -14.95 5.80 9.82
C THR C 102 -13.59 6.32 10.23
N GLN C 103 -12.78 6.74 9.26
CA GLN C 103 -11.42 7.13 9.53
C GLN C 103 -11.32 8.57 9.98
N PRO C 104 -10.28 8.91 10.79
CA PRO C 104 -10.17 10.25 11.38
C PRO C 104 -10.09 11.34 10.34
N ILE C 105 -10.87 12.39 10.56
CA ILE C 105 -10.92 13.55 9.69
C ILE C 105 -10.46 14.72 10.55
N PRO C 106 -9.32 15.36 10.20
CA PRO C 106 -8.76 16.42 11.03
C PRO C 106 -9.72 17.61 11.20
N GLY C 107 -9.96 17.98 12.45
CA GLY C 107 -10.73 19.14 12.84
C GLY C 107 -12.20 19.14 12.49
N LEU C 108 -12.78 17.96 12.25
CA LEU C 108 -14.20 17.82 11.99
C LEU C 108 -14.97 17.96 13.31
N SER C 109 -15.96 18.86 13.32
CA SER C 109 -16.83 19.11 14.43
C SER C 109 -17.94 18.02 14.54
N THR C 110 -18.19 17.55 15.77
CA THR C 110 -19.15 16.48 16.04
C THR C 110 -20.39 17.14 16.65
N VAL C 111 -21.47 17.24 15.88
CA VAL C 111 -22.71 17.85 16.38
C VAL C 111 -23.24 17.00 17.55
N ILE C 112 -23.91 17.65 18.49
CA ILE C 112 -24.83 16.95 19.39
C ILE C 112 -25.98 16.39 18.50
N GLY C 117 -31.48 9.03 14.57
CA GLY C 117 -31.45 8.62 15.97
C GLY C 117 -30.04 8.26 16.45
N SER C 118 -29.73 6.97 16.41
CA SER C 118 -28.52 6.38 17.03
C SER C 118 -27.26 6.38 16.15
N TYR C 119 -26.07 6.46 16.76
CA TYR C 119 -24.76 6.54 16.06
C TYR C 119 -23.87 5.35 16.37
N VAL C 120 -23.14 4.91 15.35
CA VAL C 120 -22.20 3.76 15.50
C VAL C 120 -20.77 4.23 15.24
N PHE C 121 -19.79 3.51 15.77
CA PHE C 121 -18.36 3.82 15.63
C PHE C 121 -17.54 2.55 15.34
N SER C 122 -16.55 2.67 14.44
CA SER C 122 -15.61 1.60 14.13
C SER C 122 -14.78 1.24 15.34
N LYS C 123 -14.46 -0.03 15.51
CA LYS C 123 -13.46 -0.47 16.51
C LYS C 123 -12.06 0.10 16.25
N THR C 124 -11.80 0.53 15.01
CA THR C 124 -10.52 1.15 14.62
C THR C 124 -10.40 2.65 15.00
N TYR C 125 -11.48 3.22 15.54
CA TYR C 125 -11.59 4.63 15.89
C TYR C 125 -11.56 4.73 17.39
N ASN C 126 -10.56 5.46 17.88
CA ASN C 126 -10.49 5.78 19.33
C ASN C 126 -10.77 7.27 19.51
N VAL C 127 -11.56 7.61 20.52
CA VAL C 127 -11.80 9.04 20.86
C VAL C 127 -10.91 9.49 22.04
N THR C 128 -9.64 9.08 22.01
CA THR C 128 -8.58 9.71 22.83
C THR C 128 -7.56 10.47 21.95
N ASP C 129 -7.92 10.55 20.66
CA ASP C 129 -7.16 11.42 19.75
C ASP C 129 -8.16 12.51 19.34
N ASP C 130 -8.44 13.48 20.22
CA ASP C 130 -9.27 14.64 19.84
C ASP C 130 -8.39 15.45 18.86
N LYS C 131 -8.98 16.50 18.30
CA LYS C 131 -8.56 17.19 17.07
C LYS C 131 -8.99 16.45 15.80
N TYR C 132 -9.68 15.30 15.98
CA TYR C 132 -10.24 14.52 14.88
C TYR C 132 -11.69 14.20 15.18
N GLY C 133 -12.47 14.02 14.11
CA GLY C 133 -13.79 13.41 14.12
C GLY C 133 -13.87 12.38 12.99
N CYS C 134 -15.03 11.74 12.84
CA CYS C 134 -15.30 10.89 11.68
C CYS C 134 -16.79 11.07 11.29
N LEU C 135 -17.12 10.72 10.05
CA LEU C 135 -18.45 10.92 9.56
C LEU C 135 -19.49 10.11 10.34
N SER C 136 -19.11 8.93 10.86
CA SER C 136 -20.00 8.09 11.60
C SER C 136 -20.48 8.72 12.94
N GLY C 137 -19.77 9.76 13.38
CA GLY C 137 -20.18 10.60 14.49
C GLY C 137 -21.23 11.65 14.13
N ASN C 138 -21.43 11.90 12.83
CA ASN C 138 -22.35 12.92 12.33
C ASN C 138 -23.55 12.38 11.52
N ILE C 139 -23.45 11.12 11.08
CA ILE C 139 -24.47 10.46 10.25
C ILE C 139 -25.01 9.27 11.03
N PRO C 140 -26.34 9.25 11.34
CA PRO C 140 -26.90 8.15 12.13
C PRO C 140 -26.61 6.79 11.52
N ALA C 141 -26.48 5.77 12.38
CA ALA C 141 -26.23 4.39 12.00
C ALA C 141 -27.15 3.84 10.87
N LEU C 142 -28.44 4.18 10.92
CA LEU C 142 -29.37 3.71 9.89
C LEU C 142 -28.96 4.19 8.51
N GLU C 143 -28.56 5.47 8.45
CA GLU C 143 -28.14 6.10 7.20
C GLU C 143 -26.82 5.58 6.73
N LEU C 144 -25.92 5.32 7.67
CA LEU C 144 -24.63 4.74 7.35
C LEU C 144 -24.80 3.33 6.78
N MET C 145 -25.65 2.53 7.45
CA MET C 145 -25.90 1.18 6.99
C MET C 145 -26.48 1.18 5.57
N ALA C 146 -27.38 2.12 5.28
CA ALA C 146 -27.93 2.24 3.93
C ALA C 146 -26.85 2.50 2.89
N LEU C 147 -25.93 3.40 3.21
CA LEU C 147 -24.78 3.68 2.33
C LEU C 147 -23.90 2.44 2.07
N TYR C 148 -23.65 1.64 3.12
CA TYR C 148 -22.84 0.43 2.98
C TYR C 148 -23.54 -0.60 2.11
N VAL C 149 -24.82 -0.81 2.40
CA VAL C 149 -25.64 -1.75 1.61
C VAL C 149 -25.75 -1.29 0.18
N ALA C 150 -25.94 0.01 -0.03
CA ALA C 150 -25.94 0.59 -1.37
C ALA C 150 -24.65 0.29 -2.12
N ALA C 151 -23.49 0.48 -1.46
CA ALA C 151 -22.20 0.19 -2.11
C ALA C 151 -22.09 -1.30 -2.54
N ALA C 152 -22.49 -2.21 -1.68
CA ALA C 152 -22.49 -3.62 -2.02
C ALA C 152 -23.40 -3.93 -3.24
N MET C 153 -24.55 -3.25 -3.33
CA MET C 153 -25.55 -3.50 -4.38
C MET C 153 -25.33 -2.74 -5.69
N HIS C 154 -24.47 -1.70 -5.69
CA HIS C 154 -24.61 -0.58 -6.63
C HIS C 154 -24.37 -0.87 -8.11
N ASP C 155 -23.70 -1.98 -8.42
CA ASP C 155 -23.48 -2.43 -9.80
C ASP C 155 -23.99 -3.87 -10.05
N TYR C 156 -24.94 -4.34 -9.21
CA TYR C 156 -25.47 -5.69 -9.29
C TYR C 156 -25.97 -5.98 -10.70
N ASP C 157 -25.55 -7.13 -11.24
CA ASP C 157 -25.94 -7.64 -12.54
C ASP C 157 -25.64 -6.66 -13.68
N HIS C 158 -24.48 -6.00 -13.60
CA HIS C 158 -24.04 -5.10 -14.65
C HIS C 158 -23.71 -5.93 -15.88
N PRO C 159 -24.17 -5.54 -17.08
CA PRO C 159 -23.91 -6.32 -18.29
C PRO C 159 -22.58 -6.01 -19.00
N GLY C 160 -21.76 -5.12 -18.48
CA GLY C 160 -20.50 -4.74 -19.14
C GLY C 160 -20.69 -3.78 -20.33
N ARG C 161 -21.82 -3.06 -20.36
CA ARG C 161 -22.11 -2.05 -21.36
C ARG C 161 -22.52 -0.78 -20.64
N THR C 162 -22.28 0.37 -21.28
CA THR C 162 -22.64 1.68 -20.72
C THR C 162 -24.11 1.97 -20.99
N ASN C 163 -24.66 2.96 -20.26
CA ASN C 163 -26.02 3.46 -20.51
C ASN C 163 -26.21 3.85 -21.94
N ALA C 164 -25.25 4.61 -22.49
CA ALA C 164 -25.38 5.12 -23.85
C ALA C 164 -25.49 3.99 -24.90
N PHE C 165 -24.80 2.87 -24.63
CA PHE C 165 -24.84 1.70 -25.51
C PHE C 165 -26.21 1.05 -25.47
N LEU C 166 -26.72 0.86 -24.25
CA LEU C 166 -28.05 0.30 -24.05
C LEU C 166 -29.10 1.16 -24.73
N VAL C 167 -28.95 2.48 -24.59
CA VAL C 167 -29.89 3.42 -25.18
C VAL C 167 -29.79 3.42 -26.71
N ALA C 168 -28.57 3.51 -27.25
CA ALA C 168 -28.35 3.54 -28.69
C ALA C 168 -28.80 2.27 -29.40
N THR C 169 -28.81 1.13 -28.71
CA THR C 169 -29.23 -0.15 -29.30
C THR C 169 -30.68 -0.55 -28.94
N SER C 170 -31.41 0.32 -28.23
CA SER C 170 -32.77 0.06 -27.74
C SER C 170 -32.86 -1.23 -27.01
N ALA C 171 -31.90 -1.48 -26.13
CA ALA C 171 -31.88 -2.67 -25.34
C ALA C 171 -33.19 -2.73 -24.57
N PRO C 172 -33.74 -3.93 -24.32
CA PRO C 172 -34.91 -4.08 -23.46
C PRO C 172 -34.86 -3.29 -22.14
N GLN C 173 -33.68 -3.16 -21.51
CA GLN C 173 -33.55 -2.39 -20.28
C GLN C 173 -33.74 -0.88 -20.49
N ALA C 174 -33.25 -0.36 -21.62
CA ALA C 174 -33.39 1.04 -21.97
C ALA C 174 -34.88 1.38 -22.23
N VAL C 175 -35.61 0.47 -22.88
CA VAL C 175 -37.02 0.65 -23.11
C VAL C 175 -37.77 0.60 -21.77
N LEU C 176 -37.41 -0.37 -20.93
CA LEU C 176 -38.02 -0.54 -19.64
C LEU C 176 -37.90 0.69 -18.73
N TYR C 177 -36.71 1.32 -18.74
CA TYR C 177 -36.45 2.50 -17.92
C TYR C 177 -36.49 3.83 -18.65
N ASN C 178 -37.09 3.84 -19.83
CA ASN C 178 -37.31 5.06 -20.62
C ASN C 178 -36.03 5.89 -20.81
N ASP C 179 -34.92 5.18 -20.99
CA ASP C 179 -33.59 5.77 -21.23
C ASP C 179 -33.01 6.55 -20.06
N ARG C 180 -33.63 6.50 -18.89
CA ARG C 180 -33.18 7.25 -17.71
C ARG C 180 -32.44 6.40 -16.67
N SER C 181 -31.18 6.76 -16.40
CA SER C 181 -30.28 5.97 -15.52
C SER C 181 -30.54 4.48 -15.63
N VAL C 182 -30.40 3.96 -16.84
CA VAL C 182 -30.85 2.61 -17.16
C VAL C 182 -30.15 1.55 -16.27
N LEU C 183 -28.82 1.55 -16.26
CA LEU C 183 -28.10 0.59 -15.43
C LEU C 183 -28.38 0.77 -13.94
N GLU C 184 -28.37 2.02 -13.47
CA GLU C 184 -28.48 2.29 -12.05
C GLU C 184 -29.86 1.90 -11.51
N ASN C 185 -30.91 2.17 -12.29
CA ASN C 185 -32.23 1.69 -11.95
C ASN C 185 -32.25 0.20 -11.81
N HIS C 186 -31.65 -0.48 -12.78
CA HIS C 186 -31.58 -1.94 -12.79
C HIS C 186 -30.83 -2.50 -11.58
N HIS C 187 -29.65 -1.96 -11.27
CA HIS C 187 -28.88 -2.42 -10.12
C HIS C 187 -29.74 -2.39 -8.86
N ALA C 188 -30.40 -1.24 -8.61
CA ALA C 188 -31.20 -1.09 -7.41
C ALA C 188 -32.42 -2.00 -7.44
N ALA C 189 -33.08 -2.10 -8.59
CA ALA C 189 -34.31 -2.86 -8.68
C ALA C 189 -34.07 -4.34 -8.58
N ALA C 190 -33.08 -4.83 -9.29
CA ALA C 190 -32.73 -6.25 -9.25
C ALA C 190 -32.20 -6.66 -7.86
N ALA C 191 -31.38 -5.81 -7.23
CA ALA C 191 -30.88 -6.15 -5.88
C ALA C 191 -32.00 -6.16 -4.84
N TRP C 192 -32.96 -5.21 -4.96
CA TRP C 192 -34.10 -5.18 -4.04
C TRP C 192 -35.05 -6.34 -4.28
N ASN C 193 -35.24 -6.69 -5.55
CA ASN C 193 -36.07 -7.83 -5.91
C ASN C 193 -35.51 -9.12 -5.35
N LEU C 194 -34.19 -9.29 -5.47
CA LEU C 194 -33.48 -10.41 -4.91
C LEU C 194 -33.77 -10.46 -3.42
N PHE C 195 -33.54 -9.34 -2.74
CA PHE C 195 -33.74 -9.24 -1.30
C PHE C 195 -35.13 -9.72 -0.90
N MET C 196 -36.15 -9.26 -1.60
CA MET C 196 -37.56 -9.54 -1.23
C MET C 196 -38.04 -10.93 -1.64
N SER C 197 -37.30 -11.59 -2.54
CA SER C 197 -37.72 -12.86 -3.13
C SER C 197 -37.76 -14.02 -2.16
N ARG C 198 -36.91 -13.95 -1.13
CA ARG C 198 -36.77 -15.09 -0.21
C ARG C 198 -36.75 -14.66 1.28
N PRO C 199 -37.50 -15.28 2.24
CA PRO C 199 -37.35 -14.96 3.66
C PRO C 199 -35.95 -15.25 4.25
N GLU C 200 -35.20 -16.13 3.59
CA GLU C 200 -33.82 -16.48 4.03
C GLU C 200 -32.86 -15.31 3.78
N TYR C 201 -33.34 -14.25 3.14
CA TYR C 201 -32.47 -13.08 2.85
C TYR C 201 -32.86 -11.89 3.72
N ASN C 202 -33.89 -12.04 4.56
CA ASN C 202 -34.41 -10.88 5.30
C ASN C 202 -33.61 -10.56 6.58
N PHE C 203 -32.46 -9.90 6.39
CA PHE C 203 -31.62 -9.50 7.50
C PHE C 203 -32.07 -8.20 8.17
N LEU C 204 -33.06 -7.54 7.56
CA LEU C 204 -33.61 -6.29 8.07
C LEU C 204 -34.89 -6.52 8.85
N ILE C 205 -35.18 -7.78 9.18
CA ILE C 205 -36.45 -8.16 9.84
C ILE C 205 -36.80 -7.38 11.11
N ASN C 206 -35.78 -6.88 11.83
CA ASN C 206 -36.03 -6.14 13.06
C ASN C 206 -36.03 -4.62 12.97
N LEU C 207 -35.94 -4.08 11.75
CA LEU C 207 -36.31 -2.70 11.51
C LEU C 207 -37.84 -2.64 11.59
N ASP C 208 -38.39 -1.60 12.21
CA ASP C 208 -39.84 -1.37 12.10
C ASP C 208 -40.15 -0.89 10.67
N HIS C 209 -41.43 -0.81 10.34
CA HIS C 209 -41.90 -0.40 9.03
C HIS C 209 -41.38 0.99 8.59
N VAL C 210 -41.41 1.97 9.51
CA VAL C 210 -40.94 3.33 9.22
C VAL C 210 -39.46 3.34 8.88
N GLU C 211 -38.65 2.71 9.75
CA GLU C 211 -37.22 2.53 9.54
C GLU C 211 -36.92 1.85 8.20
N PHE C 212 -37.64 0.76 7.90
CA PHE C 212 -37.39 0.00 6.69
C PHE C 212 -37.65 0.87 5.46
N LYS C 213 -38.76 1.60 5.45
CA LYS C 213 -39.11 2.42 4.29
C LYS C 213 -38.07 3.51 4.07
N HIS C 214 -37.62 4.13 5.14
CA HIS C 214 -36.62 5.16 5.04
C HIS C 214 -35.27 4.59 4.57
N PHE C 215 -34.90 3.41 5.10
CA PHE C 215 -33.71 2.70 4.69
C PHE C 215 -33.70 2.43 3.17
N ARG C 216 -34.82 1.88 2.68
CA ARG C 216 -34.96 1.57 1.27
C ARG C 216 -34.77 2.81 0.39
N PHE C 217 -35.43 3.91 0.79
CA PHE C 217 -35.29 5.19 0.10
C PHE C 217 -33.83 5.67 0.03
N LEU C 218 -33.12 5.61 1.16
CA LEU C 218 -31.69 6.00 1.21
C LEU C 218 -30.80 5.13 0.32
N VAL C 219 -31.06 3.83 0.30
CA VAL C 219 -30.27 2.92 -0.53
C VAL C 219 -30.43 3.26 -2.00
N ILE C 220 -31.69 3.46 -2.42
CA ILE C 220 -32.00 3.80 -3.80
C ILE C 220 -31.34 5.14 -4.18
N GLU C 221 -31.47 6.14 -3.33
CA GLU C 221 -30.87 7.45 -3.59
C GLU C 221 -29.36 7.36 -3.79
N ALA C 222 -28.72 6.51 -2.99
CA ALA C 222 -27.25 6.36 -3.07
C ALA C 222 -26.88 5.66 -4.37
N ILE C 223 -27.58 4.57 -4.70
CA ILE C 223 -27.28 3.83 -5.92
C ILE C 223 -27.50 4.71 -7.17
N LEU C 224 -28.62 5.43 -7.19
CA LEU C 224 -28.95 6.27 -8.33
C LEU C 224 -27.95 7.43 -8.51
N ALA C 225 -27.33 7.88 -7.41
CA ALA C 225 -26.27 8.89 -7.46
C ALA C 225 -24.99 8.46 -8.18
N THR C 226 -24.80 7.15 -8.38
CA THR C 226 -23.63 6.67 -9.15
C THR C 226 -23.69 6.85 -10.68
N ASP C 227 -24.83 7.32 -11.24
CA ASP C 227 -24.94 7.67 -12.67
C ASP C 227 -24.15 8.95 -12.95
N LEU C 228 -23.05 8.85 -13.72
CA LEU C 228 -22.20 10.02 -14.01
C LEU C 228 -22.84 11.12 -14.85
N LYS C 229 -23.95 10.81 -15.52
CA LYS C 229 -24.74 11.83 -16.22
C LYS C 229 -25.23 12.92 -15.25
N LYS C 230 -25.38 12.58 -13.97
CA LYS C 230 -25.79 13.50 -12.92
C LYS C 230 -24.65 14.13 -12.12
N HIS C 231 -23.40 13.84 -12.53
CA HIS C 231 -22.23 14.17 -11.74
C HIS C 231 -22.12 15.67 -11.47
N PHE C 232 -22.23 16.48 -12.52
CA PHE C 232 -22.03 17.91 -12.39
C PHE C 232 -23.09 18.58 -11.56
N ASP C 233 -24.32 18.06 -11.62
CA ASP C 233 -25.42 18.51 -10.78
C ASP C 233 -25.13 18.27 -9.30
N PHE C 234 -24.70 17.05 -8.96
CA PHE C 234 -24.38 16.71 -7.57
C PHE C 234 -23.25 17.58 -7.06
N VAL C 235 -22.21 17.79 -7.88
CA VAL C 235 -21.05 18.56 -7.49
C VAL C 235 -21.40 20.03 -7.30
N ALA C 236 -22.16 20.60 -8.23
CA ALA C 236 -22.64 21.99 -8.10
C ALA C 236 -23.53 22.16 -6.85
N LYS C 237 -24.44 21.23 -6.63
CA LYS C 237 -25.31 21.27 -5.48
C LYS C 237 -24.47 21.21 -4.21
N PHE C 238 -23.50 20.31 -4.14
CA PHE C 238 -22.69 20.15 -2.90
C PHE C 238 -21.89 21.43 -2.63
N ASN C 239 -21.26 21.97 -3.67
CA ASN C 239 -20.45 23.20 -3.55
C ASN C 239 -21.35 24.35 -3.10
N GLY C 240 -22.60 24.38 -3.56
CA GLY C 240 -23.54 25.41 -3.09
C GLY C 240 -23.82 25.28 -1.61
N LYS C 241 -24.09 24.07 -1.13
CA LYS C 241 -24.36 23.84 0.30
C LYS C 241 -23.14 24.24 1.13
N VAL C 242 -21.94 24.01 0.62
CA VAL C 242 -20.70 24.29 1.38
C VAL C 242 -20.37 25.79 1.31
N ASN C 243 -20.38 26.39 0.13
CA ASN C 243 -19.92 27.79 -0.04
C ASN C 243 -21.02 28.81 0.24
N ASP C 244 -22.24 28.58 -0.24
CA ASP C 244 -23.37 29.49 0.06
C ASP C 244 -23.93 29.16 1.44
N ASP C 245 -24.36 30.17 2.18
CA ASP C 245 -24.99 29.97 3.52
C ASP C 245 -24.00 29.54 4.61
N VAL C 246 -24.50 28.91 5.66
CA VAL C 246 -23.67 28.52 6.83
C VAL C 246 -22.98 27.17 6.58
N GLY C 247 -23.19 26.58 5.41
CA GLY C 247 -22.51 25.31 5.09
C GLY C 247 -23.34 24.08 5.42
N ILE C 248 -22.67 22.93 5.50
CA ILE C 248 -23.36 21.65 5.83
C ILE C 248 -23.97 21.72 7.23
N ASP C 249 -25.26 21.42 7.32
CA ASP C 249 -25.98 21.35 8.58
C ASP C 249 -26.25 19.85 8.86
N TRP C 250 -25.51 19.28 9.80
CA TRP C 250 -25.57 17.86 10.07
C TRP C 250 -26.90 17.42 10.71
N THR C 251 -27.73 18.38 11.18
CA THR C 251 -29.05 18.09 11.72
C THR C 251 -30.15 18.06 10.64
N ASN C 252 -29.78 18.39 9.40
CA ASN C 252 -30.70 18.44 8.27
C ASN C 252 -30.56 17.14 7.46
N GLU C 253 -31.65 16.39 7.31
CA GLU C 253 -31.62 15.08 6.67
C GLU C 253 -31.21 15.11 5.22
N ASN C 254 -31.51 16.22 4.54
CA ASN C 254 -31.19 16.38 3.11
C ASN C 254 -29.73 16.69 2.91
N ASP C 255 -29.14 17.47 3.80
CA ASP C 255 -27.68 17.73 3.82
C ASP C 255 -26.90 16.42 4.04
N ARG C 256 -27.34 15.62 5.03
CA ARG C 256 -26.73 14.32 5.27
C ARG C 256 -26.84 13.38 4.11
N LEU C 257 -28.00 13.39 3.42
CA LEU C 257 -28.16 12.55 2.25
C LEU C 257 -27.14 12.97 1.18
N LEU C 258 -27.00 14.28 0.96
CA LEU C 258 -26.09 14.80 -0.03
C LEU C 258 -24.64 14.40 0.29
N VAL C 259 -24.26 14.43 1.57
CA VAL C 259 -22.94 13.99 1.99
C VAL C 259 -22.73 12.52 1.66
N CYS C 260 -23.71 11.68 1.99
CA CYS C 260 -23.67 10.27 1.64
C CYS C 260 -23.55 10.00 0.14
N GLN C 261 -24.26 10.77 -0.66
CA GLN C 261 -24.17 10.65 -2.11
C GLN C 261 -22.78 11.01 -2.61
N MET C 262 -22.17 12.07 -2.07
CA MET C 262 -20.78 12.44 -2.44
C MET C 262 -19.82 11.32 -2.05
N CYS C 263 -20.06 10.71 -0.89
CA CYS C 263 -19.25 9.63 -0.37
CA CYS C 263 -19.26 9.62 -0.38
C CYS C 263 -19.26 8.44 -1.33
N ILE C 264 -20.46 7.96 -1.66
CA ILE C 264 -20.54 6.82 -2.55
C ILE C 264 -20.03 7.17 -3.95
N LYS C 265 -20.23 8.42 -4.38
CA LYS C 265 -19.69 8.87 -5.67
C LYS C 265 -18.16 8.78 -5.69
N LEU C 266 -17.51 9.27 -4.63
CA LEU C 266 -16.06 9.27 -4.51
C LEU C 266 -15.55 7.82 -4.39
N ALA C 267 -16.25 7.00 -3.59
CA ALA C 267 -15.91 5.59 -3.41
C ALA C 267 -15.95 4.85 -4.74
N ASP C 268 -16.95 5.15 -5.55
CA ASP C 268 -17.10 4.41 -6.83
C ASP C 268 -15.92 4.70 -7.75
N ILE C 269 -15.45 5.95 -7.82
CA ILE C 269 -14.39 6.32 -8.76
C ILE C 269 -13.07 6.55 -8.03
N ASN C 270 -12.83 5.76 -6.98
CA ASN C 270 -11.68 5.93 -6.08
C ASN C 270 -10.33 5.57 -6.74
N GLY C 271 -10.38 4.78 -7.83
CA GLY C 271 -9.25 4.15 -8.47
C GLY C 271 -8.06 5.11 -8.65
N PRO C 272 -8.28 6.24 -9.36
CA PRO C 272 -7.21 7.22 -9.57
C PRO C 272 -6.69 7.89 -8.30
N ALA C 273 -7.37 7.70 -7.17
CA ALA C 273 -6.90 8.20 -5.88
C ALA C 273 -6.26 7.12 -4.98
N LYS C 274 -5.98 5.95 -5.57
CA LYS C 274 -5.23 4.86 -4.93
C LYS C 274 -3.77 4.89 -5.42
N CYS C 275 -2.89 4.11 -4.76
CA CYS C 275 -1.51 3.95 -5.23
C CYS C 275 -1.51 3.46 -6.67
N LYS C 276 -0.42 3.76 -7.38
CA LYS C 276 -0.22 3.42 -8.77
C LYS C 276 -0.60 1.96 -9.09
N GLU C 277 -0.12 1.03 -8.27
CA GLU C 277 -0.32 -0.40 -8.48
C GLU C 277 -1.80 -0.80 -8.53
N LEU C 278 -2.60 -0.31 -7.57
CA LEU C 278 -4.04 -0.55 -7.59
C LEU C 278 -4.71 0.18 -8.76
N HIS C 279 -4.40 1.48 -8.91
CA HIS C 279 -4.98 2.31 -9.98
C HIS C 279 -4.80 1.64 -11.33
N LEU C 280 -3.59 1.17 -11.62
CA LEU C 280 -3.31 0.52 -12.91
C LEU C 280 -4.09 -0.76 -13.13
N GLN C 281 -4.23 -1.59 -12.11
CA GLN C 281 -5.01 -2.85 -12.24
C GLN C 281 -6.48 -2.54 -12.55
N TRP C 282 -7.05 -1.59 -11.82
CA TRP C 282 -8.44 -1.20 -12.03
C TRP C 282 -8.64 -0.62 -13.41
N THR C 283 -7.67 0.18 -13.85
CA THR C 283 -7.70 0.80 -15.18
C THR C 283 -7.72 -0.25 -16.28
N ASP C 284 -6.86 -1.27 -16.14
CA ASP C 284 -6.89 -2.39 -17.06
C ASP C 284 -8.28 -3.04 -17.17
N GLY C 285 -8.92 -3.26 -16.02
CA GLY C 285 -10.27 -3.78 -15.98
C GLY C 285 -11.27 -2.95 -16.78
N ILE C 286 -11.31 -1.64 -16.51
CA ILE C 286 -12.35 -0.77 -17.16
C ILE C 286 -12.14 -0.73 -18.66
N VAL C 287 -10.88 -0.64 -19.11
CA VAL C 287 -10.66 -0.55 -20.54
C VAL C 287 -10.90 -1.86 -21.24
N ASN C 288 -10.70 -2.98 -20.55
CA ASN C 288 -11.08 -4.27 -21.15
C ASN C 288 -12.60 -4.36 -21.37
N GLU C 289 -13.40 -3.83 -20.44
CA GLU C 289 -14.85 -3.74 -20.65
C GLU C 289 -15.18 -2.84 -21.83
N PHE C 290 -14.59 -1.64 -21.86
CA PHE C 290 -14.76 -0.72 -22.98
C PHE C 290 -14.46 -1.39 -24.32
N TYR C 291 -13.37 -2.16 -24.39
CA TYR C 291 -12.96 -2.79 -25.65
C TYR C 291 -13.94 -3.86 -26.11
N GLU C 292 -14.47 -4.65 -25.16
CA GLU C 292 -15.52 -5.62 -25.48
C GLU C 292 -16.74 -4.88 -26.12
N GLN C 293 -17.10 -3.72 -25.56
CA GLN C 293 -18.21 -2.91 -26.05
C GLN C 293 -17.92 -2.38 -27.44
N GLY C 294 -16.69 -1.88 -27.63
CA GLY C 294 -16.23 -1.39 -28.91
C GLY C 294 -16.35 -2.45 -30.00
N ASP C 295 -15.99 -3.69 -29.65
CA ASP C 295 -16.09 -4.81 -30.58
C ASP C 295 -17.55 -5.03 -30.92
N GLU C 296 -18.44 -4.99 -29.93
CA GLU C 296 -19.84 -5.18 -30.20
C GLU C 296 -20.40 -4.03 -31.06
N GLU C 297 -20.03 -2.77 -30.74
CA GLU C 297 -20.40 -1.61 -31.54
C GLU C 297 -20.05 -1.79 -33.03
N ALA C 298 -18.80 -2.18 -33.30
CA ALA C 298 -18.33 -2.41 -34.68
C ALA C 298 -19.16 -3.47 -35.37
N SER C 299 -19.39 -4.59 -34.69
CA SER C 299 -20.14 -5.70 -35.26
C SER C 299 -21.60 -5.33 -35.53
N LEU C 300 -22.12 -4.34 -34.80
CA LEU C 300 -23.47 -3.82 -35.00
C LEU C 300 -23.51 -2.68 -36.01
N GLY C 301 -22.36 -2.24 -36.52
CA GLY C 301 -22.29 -1.15 -37.49
C GLY C 301 -22.45 0.23 -36.88
N LEU C 302 -22.39 0.33 -35.55
CA LEU C 302 -22.38 1.59 -34.83
C LEU C 302 -20.99 2.21 -34.82
N PRO C 303 -20.86 3.54 -34.56
CA PRO C 303 -19.55 4.16 -34.40
C PRO C 303 -18.96 3.73 -33.06
N ILE C 304 -17.66 3.37 -33.05
CA ILE C 304 -17.00 2.94 -31.84
C ILE C 304 -16.84 4.17 -30.97
N SER C 305 -17.28 4.06 -29.71
CA SER C 305 -17.29 5.18 -28.78
C SER C 305 -15.87 5.63 -28.49
N PRO C 306 -15.65 6.91 -28.12
CA PRO C 306 -14.33 7.37 -27.70
C PRO C 306 -13.70 6.46 -26.64
N PHE C 307 -12.43 6.10 -26.87
CA PHE C 307 -11.57 5.30 -25.99
C PHE C 307 -11.95 3.82 -25.89
N MET C 308 -12.78 3.34 -26.84
CA MET C 308 -13.25 1.95 -26.78
C MET C 308 -12.76 1.09 -27.93
N ASP C 309 -11.86 1.64 -28.74
CA ASP C 309 -11.31 0.95 -29.89
C ASP C 309 -9.95 0.35 -29.51
N ARG C 310 -9.92 -0.98 -29.30
CA ARG C 310 -8.71 -1.69 -28.86
C ARG C 310 -7.52 -1.52 -29.76
N SER C 311 -7.78 -1.31 -31.07
CA SER C 311 -6.73 -1.13 -32.07
C SER C 311 -6.28 0.32 -32.23
N ALA C 312 -6.88 1.23 -31.46
CA ALA C 312 -6.43 2.61 -31.34
C ALA C 312 -6.70 3.09 -29.92
N PRO C 313 -6.03 2.53 -28.90
CA PRO C 313 -6.27 2.92 -27.51
C PRO C 313 -5.70 4.31 -27.25
N GLN C 314 -6.32 5.05 -26.34
CA GLN C 314 -5.78 6.31 -25.87
C GLN C 314 -5.95 6.30 -24.36
N LEU C 315 -5.34 5.29 -23.73
CA LEU C 315 -5.42 5.07 -22.30
C LEU C 315 -5.07 6.30 -21.47
N ALA C 316 -3.90 6.88 -21.77
CA ALA C 316 -3.40 8.01 -21.03
C ALA C 316 -4.35 9.19 -21.11
N ASN C 317 -4.88 9.47 -22.31
CA ASN C 317 -5.84 10.56 -22.49
C ASN C 317 -7.14 10.32 -21.74
N LEU C 318 -7.62 9.08 -21.75
CA LEU C 318 -8.81 8.69 -20.99
C LEU C 318 -8.63 8.97 -19.50
N GLN C 319 -7.53 8.49 -18.92
CA GLN C 319 -7.29 8.63 -17.49
C GLN C 319 -7.05 10.08 -17.10
N GLU C 320 -6.27 10.79 -17.90
CA GLU C 320 -6.01 12.20 -17.63
C GLU C 320 -7.30 13.02 -17.66
N SER C 321 -8.14 12.81 -18.68
CA SER C 321 -9.36 13.62 -18.79
C SER C 321 -10.40 13.21 -17.73
N PHE C 322 -10.46 11.92 -17.40
CA PHE C 322 -11.31 11.46 -16.31
C PHE C 322 -10.92 12.07 -14.97
N ILE C 323 -9.62 12.20 -14.70
CA ILE C 323 -9.17 12.83 -13.47
C ILE C 323 -9.43 14.33 -13.51
N SER C 324 -9.10 15.00 -14.62
CA SER C 324 -9.25 16.46 -14.65
C SER C 324 -10.72 16.92 -14.67
N HIS C 325 -11.62 16.16 -15.32
CA HIS C 325 -13.04 16.53 -15.47
C HIS C 325 -13.99 15.98 -14.41
N ILE C 326 -13.71 14.79 -13.89
CA ILE C 326 -14.59 14.09 -12.98
C ILE C 326 -14.02 13.93 -11.56
N VAL C 327 -12.93 13.16 -11.40
CA VAL C 327 -12.45 12.77 -10.08
C VAL C 327 -11.84 13.98 -9.36
N GLY C 328 -11.03 14.75 -10.07
CA GLY C 328 -10.33 15.92 -9.53
C GLY C 328 -11.28 16.92 -8.88
N PRO C 329 -12.25 17.48 -9.63
CA PRO C 329 -13.23 18.39 -9.05
C PRO C 329 -14.05 17.76 -7.91
N LEU C 330 -14.37 16.47 -8.01
CA LEU C 330 -15.10 15.79 -6.93
C LEU C 330 -14.25 15.75 -5.65
N CYS C 331 -12.98 15.34 -5.76
CA CYS C 331 -12.07 15.33 -4.61
C CYS C 331 -11.84 16.72 -4.03
N ASN C 332 -11.64 17.71 -4.90
CA ASN C 332 -11.49 19.10 -4.47
C ASN C 332 -12.71 19.59 -3.71
N SER C 333 -13.92 19.29 -4.19
CA SER C 333 -15.18 19.67 -3.52
C SER C 333 -15.21 19.05 -2.14
N TYR C 334 -14.98 17.74 -2.07
CA TYR C 334 -15.05 16.97 -0.82
C TYR C 334 -13.98 17.49 0.15
N ASP C 335 -12.78 17.74 -0.36
CA ASP C 335 -11.68 18.25 0.43
C ASP C 335 -12.00 19.66 0.97
N SER C 336 -12.61 20.52 0.13
CA SER C 336 -12.99 21.90 0.54
C SER C 336 -14.03 21.95 1.64
N ALA C 337 -14.89 20.93 1.70
CA ALA C 337 -15.83 20.79 2.78
C ALA C 337 -15.14 20.33 4.07
N GLY C 338 -13.87 19.92 3.96
CA GLY C 338 -13.08 19.41 5.09
C GLY C 338 -13.50 17.99 5.53
N LEU C 339 -13.95 17.17 4.58
CA LEU C 339 -14.39 15.81 4.86
C LEU C 339 -13.36 14.69 4.53
N MET C 340 -12.22 15.06 3.92
CA MET C 340 -11.19 14.09 3.52
C MET C 340 -10.50 13.54 4.77
N PRO C 341 -10.39 12.20 4.93
CA PRO C 341 -9.52 11.66 5.98
C PRO C 341 -8.09 12.13 5.80
N GLY C 342 -7.36 12.29 6.90
CA GLY C 342 -6.03 12.90 6.89
C GLY C 342 -5.48 12.93 8.30
N LYS C 343 -4.24 13.39 8.42
CA LYS C 343 -3.54 13.48 9.70
C LYS C 343 -2.97 14.87 9.86
N TRP C 344 -2.97 15.38 11.08
CA TRP C 344 -2.19 16.52 11.44
C TRP C 344 -0.71 16.07 11.46
N VAL C 345 0.17 16.93 10.94
CA VAL C 345 1.60 16.83 11.10
C VAL C 345 1.92 17.38 12.52
N GLU C 346 2.17 16.47 13.47
CA GLU C 346 2.20 16.83 14.88
C GLU C 346 3.45 17.54 15.31
N GLY C 347 4.52 17.49 14.49
CA GLY C 347 5.75 18.23 14.76
C GLY C 347 5.50 19.69 14.44
N ARG C 354 -0.85 22.12 12.60
CA ARG C 354 -1.29 23.22 11.73
C ARG C 354 -1.40 22.81 10.25
N LYS C 355 -0.46 21.99 9.75
CA LYS C 355 -0.56 21.34 8.42
C LYS C 355 -1.22 19.96 8.47
N ILE C 356 -1.81 19.57 7.34
CA ILE C 356 -2.52 18.31 7.19
C ILE C 356 -1.86 17.49 6.10
N TYR C 357 -1.64 16.19 6.36
CA TYR C 357 -1.23 15.24 5.33
C TYR C 357 -2.44 14.43 4.90
N CYS C 358 -2.78 14.51 3.61
CA CYS C 358 -3.91 13.80 3.06
C CYS C 358 -3.44 12.87 1.95
N GLN C 359 -3.45 11.56 2.28
CA GLN C 359 -2.90 10.57 1.35
C GLN C 359 -3.73 10.48 0.09
N ILE C 360 -5.06 10.62 0.24
CA ILE C 360 -5.94 10.46 -0.89
C ILE C 360 -5.65 11.48 -1.98
N THR C 361 -5.54 12.76 -1.61
CA THR C 361 -5.30 13.80 -2.59
C THR C 361 -3.87 13.74 -3.11
N GLN C 362 -2.92 13.33 -2.26
CA GLN C 362 -1.53 13.10 -2.72
C GLN C 362 -1.49 12.05 -3.84
N HIS C 363 -2.16 10.91 -3.65
CA HIS C 363 -2.22 9.86 -4.68
C HIS C 363 -2.82 10.38 -5.99
N LEU C 364 -3.93 11.12 -5.87
CA LEU C 364 -4.62 11.66 -7.04
C LEU C 364 -3.69 12.57 -7.84
N LEU C 365 -2.97 13.46 -7.14
CA LEU C 365 -2.01 14.37 -7.82
C LEU C 365 -0.90 13.55 -8.50
N GLN C 366 -0.37 12.54 -7.82
CA GLN C 366 0.71 11.74 -8.38
C GLN C 366 0.24 11.02 -9.63
N ASN C 367 -0.95 10.40 -9.56
CA ASN C 367 -1.48 9.68 -10.70
C ASN C 367 -1.78 10.61 -11.88
N HIS C 368 -2.23 11.83 -11.58
CA HIS C 368 -2.53 12.81 -12.62
C HIS C 368 -1.24 13.21 -13.35
N LYS C 369 -0.19 13.48 -12.57
CA LYS C 369 1.13 13.83 -13.11
C LYS C 369 1.71 12.70 -13.96
N MET C 370 1.53 11.46 -13.50
CA MET C 370 2.00 10.31 -14.25
C MET C 370 1.37 10.23 -15.65
N TRP C 371 0.06 10.37 -15.74
CA TRP C 371 -0.62 10.28 -17.03
C TRP C 371 -0.25 11.46 -17.94
N LYS C 372 -0.10 12.65 -17.35
CA LYS C 372 0.36 13.81 -18.10
C LYS C 372 1.70 13.55 -18.75
N LYS C 373 2.64 13.00 -17.98
CA LYS C 373 3.97 12.68 -18.47
C LYS C 373 3.91 11.69 -19.65
N VAL C 374 3.08 10.65 -19.52
CA VAL C 374 2.87 9.66 -20.59
C VAL C 374 2.35 10.34 -21.85
N ILE C 375 1.40 11.28 -21.70
CA ILE C 375 0.84 12.02 -22.83
C ILE C 375 1.90 12.82 -23.57
N GLU C 376 2.82 13.46 -22.82
CA GLU C 376 3.92 14.23 -23.42
C GLU C 376 4.86 13.40 -24.29
N GLU C 377 5.15 12.18 -23.84
CA GLU C 377 6.05 11.28 -24.57
C GLU C 377 5.41 10.80 -25.88
N GLU C 378 4.15 10.35 -25.79
CA GLU C 378 3.40 9.84 -26.93
C GLU C 378 3.39 10.76 -28.15
N GLN C 379 3.20 12.06 -27.93
CA GLN C 379 2.95 13.00 -29.04
C GLN C 379 4.24 13.66 -29.60
N ARG C 380 5.32 13.72 -28.79
CA ARG C 380 6.62 14.14 -29.33
C ARG C 380 7.19 13.01 -30.18
N LYS D 2 -49.88 -12.55 -30.96
CA LYS D 2 -50.63 -12.13 -32.18
C LYS D 2 -50.79 -10.62 -32.20
N PRO D 3 -50.58 -9.93 -33.35
CA PRO D 3 -50.83 -8.50 -33.43
C PRO D 3 -52.33 -8.18 -33.30
N ILE D 4 -52.63 -7.14 -32.53
CA ILE D 4 -53.95 -6.55 -32.48
C ILE D 4 -53.95 -5.60 -33.65
N LEU D 5 -54.85 -5.85 -34.59
CA LEU D 5 -54.93 -5.02 -35.81
C LEU D 5 -56.20 -4.18 -35.75
N ALA D 6 -56.18 -3.02 -36.38
CA ALA D 6 -57.33 -2.10 -36.36
C ALA D 6 -58.54 -2.72 -37.05
N PRO D 7 -59.79 -2.59 -36.53
CA PRO D 7 -60.99 -3.07 -37.25
C PRO D 7 -61.07 -2.68 -38.73
N GLU D 8 -61.49 -3.61 -39.58
CA GLU D 8 -61.46 -3.45 -41.08
C GLU D 8 -61.89 -2.09 -41.60
N PRO D 9 -63.13 -1.57 -41.43
CA PRO D 9 -63.43 -0.21 -41.86
C PRO D 9 -62.61 0.68 -40.91
N LEU D 10 -61.46 1.19 -41.35
CA LEU D 10 -60.53 1.94 -40.47
C LEU D 10 -61.21 3.16 -39.82
N VAL D 11 -61.70 4.09 -40.64
CA VAL D 11 -62.43 5.28 -40.10
C VAL D 11 -63.92 4.95 -40.02
N MET D 12 -64.49 5.04 -38.83
CA MET D 12 -65.96 4.84 -38.68
C MET D 12 -66.65 6.06 -39.29
N ASP D 13 -67.62 5.86 -40.17
CA ASP D 13 -68.21 7.02 -40.87
C ASP D 13 -69.45 7.65 -40.22
N ASN D 14 -70.01 6.98 -39.21
CA ASN D 14 -71.23 7.41 -38.52
C ASN D 14 -71.02 8.40 -37.35
N LEU D 15 -69.77 8.82 -37.17
CA LEU D 15 -69.38 9.73 -36.09
C LEU D 15 -69.18 11.18 -36.55
N ASP D 16 -69.49 11.48 -37.82
CA ASP D 16 -69.13 12.77 -38.42
C ASP D 16 -69.72 13.98 -37.66
N SER D 17 -70.99 13.88 -37.27
CA SER D 17 -71.72 15.01 -36.69
C SER D 17 -71.28 15.32 -35.26
N ILE D 18 -70.88 14.30 -34.51
CA ILE D 18 -70.34 14.52 -33.19
C ILE D 18 -68.87 14.99 -33.27
N MET D 19 -68.10 14.49 -34.23
CA MET D 19 -66.71 14.92 -34.43
C MET D 19 -66.57 16.39 -34.86
N GLU D 20 -67.63 16.97 -35.43
CA GLU D 20 -67.61 18.40 -35.82
C GLU D 20 -67.61 19.29 -34.57
N GLN D 21 -67.85 18.71 -33.39
CA GLN D 21 -67.87 19.48 -32.13
C GLN D 21 -66.56 19.35 -31.35
N LEU D 22 -65.48 18.87 -31.99
CA LEU D 22 -64.18 18.66 -31.29
C LEU D 22 -63.55 20.01 -30.97
N ASN D 23 -63.83 21.03 -31.79
CA ASN D 23 -63.30 22.40 -31.57
C ASN D 23 -64.07 23.12 -30.45
N THR D 24 -64.68 22.37 -29.55
CA THR D 24 -65.37 22.95 -28.38
C THR D 24 -64.67 22.40 -27.13
N TRP D 25 -64.54 23.21 -26.09
CA TRP D 25 -63.84 22.79 -24.85
C TRP D 25 -64.64 21.68 -24.16
N ASN D 26 -65.94 21.91 -23.99
CA ASN D 26 -66.84 20.92 -23.36
C ASN D 26 -67.27 19.90 -24.41
N PHE D 27 -66.32 19.27 -25.07
CA PHE D 27 -66.62 18.22 -26.06
C PHE D 27 -67.50 17.15 -25.39
N PRO D 28 -68.69 16.74 -25.94
CA PRO D 28 -69.53 15.75 -25.25
C PRO D 28 -68.99 14.34 -25.46
N ILE D 29 -67.89 14.06 -24.76
CA ILE D 29 -67.18 12.81 -24.91
C ILE D 29 -68.02 11.58 -24.46
N PHE D 30 -68.87 11.74 -23.44
CA PHE D 30 -69.76 10.67 -22.99
C PHE D 30 -70.90 10.33 -23.96
N ASP D 31 -71.37 11.34 -24.68
CA ASP D 31 -72.25 11.11 -25.81
C ASP D 31 -71.54 10.37 -26.95
N LEU D 32 -70.25 10.68 -27.19
CA LEU D 32 -69.51 9.95 -28.20
C LEU D 32 -69.35 8.49 -27.80
N VAL D 33 -69.09 8.24 -26.51
CA VAL D 33 -68.99 6.89 -25.95
C VAL D 33 -70.25 6.08 -26.21
N GLU D 34 -71.42 6.67 -25.98
CA GLU D 34 -72.72 6.01 -26.19
C GLU D 34 -72.96 5.70 -27.67
N ASN D 35 -72.61 6.66 -28.53
CA ASN D 35 -72.74 6.54 -29.98
C ASN D 35 -71.88 5.36 -30.52
N ILE D 36 -70.64 5.25 -30.02
CA ILE D 36 -69.69 4.23 -30.45
C ILE D 36 -70.01 2.86 -29.82
N GLY D 37 -70.49 2.86 -28.58
CA GLY D 37 -70.64 1.67 -27.76
C GLY D 37 -69.65 1.69 -26.60
N ARG D 38 -70.17 1.43 -25.39
CA ARG D 38 -69.47 1.57 -24.11
C ARG D 38 -68.11 0.82 -24.00
N LYS D 39 -68.05 -0.43 -24.48
CA LYS D 39 -66.86 -1.28 -24.43
C LYS D 39 -66.34 -1.64 -25.83
N CYS D 40 -66.60 -0.73 -26.78
CA CYS D 40 -66.26 -0.93 -28.18
C CYS D 40 -64.75 -1.06 -28.43
N GLY D 41 -63.98 -0.32 -27.63
CA GLY D 41 -62.55 -0.23 -27.72
C GLY D 41 -62.05 0.49 -28.95
N ARG D 42 -62.66 1.61 -29.34
CA ARG D 42 -62.27 2.32 -30.61
C ARG D 42 -62.26 3.84 -30.47
N ILE D 43 -62.65 4.40 -29.34
CA ILE D 43 -62.80 5.83 -29.18
C ILE D 43 -61.45 6.55 -29.34
N LEU D 44 -60.39 6.01 -28.73
CA LEU D 44 -59.08 6.67 -28.81
C LEU D 44 -58.52 6.71 -30.25
N SER D 45 -58.59 5.58 -30.98
CA SER D 45 -58.06 5.55 -32.34
C SER D 45 -58.88 6.43 -33.30
N GLN D 46 -60.19 6.50 -33.07
CA GLN D 46 -61.06 7.29 -33.93
C GLN D 46 -60.86 8.80 -33.72
N VAL D 47 -60.75 9.24 -32.46
CA VAL D 47 -60.46 10.64 -32.18
C VAL D 47 -59.02 10.99 -32.66
N SER D 48 -58.07 10.09 -32.44
CA SER D 48 -56.68 10.31 -32.87
C SER D 48 -56.60 10.51 -34.38
N TYR D 49 -57.27 9.63 -35.13
CA TYR D 49 -57.33 9.79 -36.54
C TYR D 49 -57.81 11.21 -36.93
N ARG D 50 -58.90 11.66 -36.31
CA ARG D 50 -59.51 12.94 -36.68
C ARG D 50 -58.59 14.08 -36.37
N LEU D 51 -57.95 14.05 -35.19
CA LEU D 51 -57.09 15.15 -34.79
C LEU D 51 -55.82 15.20 -35.65
N PHE D 52 -55.23 14.03 -35.97
CA PHE D 52 -54.07 13.96 -36.84
C PHE D 52 -54.41 14.46 -38.23
N GLU D 53 -55.60 14.10 -38.74
CA GLU D 53 -56.06 14.58 -40.02
C GLU D 53 -56.33 16.08 -39.98
N ASP D 54 -56.99 16.57 -38.93
CA ASP D 54 -57.24 18.00 -38.75
C ASP D 54 -55.94 18.83 -38.83
N MET D 55 -54.83 18.28 -38.30
CA MET D 55 -53.55 18.94 -38.27
C MET D 55 -52.66 18.70 -39.46
N GLY D 56 -53.07 17.82 -40.38
CA GLY D 56 -52.27 17.47 -41.54
C GLY D 56 -51.00 16.71 -41.18
N LEU D 57 -51.00 16.01 -40.04
CA LEU D 57 -49.81 15.29 -39.58
C LEU D 57 -49.49 14.04 -40.39
N PHE D 58 -50.51 13.45 -41.05
CA PHE D 58 -50.30 12.29 -41.92
C PHE D 58 -49.44 12.67 -43.11
N GLU D 59 -49.76 13.81 -43.73
CA GLU D 59 -48.96 14.33 -44.85
C GLU D 59 -47.59 14.82 -44.39
N ALA D 60 -47.55 15.58 -43.28
CA ALA D 60 -46.34 16.16 -42.74
C ALA D 60 -45.24 15.14 -42.44
N PHE D 61 -45.63 13.95 -41.94
CA PHE D 61 -44.67 12.91 -41.60
C PHE D 61 -44.84 11.62 -42.38
N LYS D 62 -45.57 11.70 -43.50
CA LYS D 62 -45.79 10.57 -44.40
C LYS D 62 -46.15 9.33 -43.58
N ILE D 63 -47.10 9.51 -42.68
CA ILE D 63 -47.53 8.46 -41.77
C ILE D 63 -48.48 7.53 -42.51
N PRO D 64 -48.20 6.21 -42.58
CA PRO D 64 -49.16 5.28 -43.19
C PRO D 64 -50.32 5.04 -42.20
N ILE D 65 -51.55 5.17 -42.69
CA ILE D 65 -52.73 5.22 -41.86
C ILE D 65 -53.00 3.88 -41.19
N ARG D 66 -52.76 2.80 -41.91
CA ARG D 66 -53.03 1.46 -41.42
C ARG D 66 -52.21 1.19 -40.15
N GLU D 67 -50.91 1.47 -40.22
CA GLU D 67 -50.00 1.21 -39.09
C GLU D 67 -50.36 2.12 -37.92
N PHE D 68 -50.76 3.36 -38.23
CA PHE D 68 -51.19 4.32 -37.23
C PHE D 68 -52.41 3.76 -36.49
N MET D 69 -53.40 3.26 -37.25
CA MET D 69 -54.62 2.76 -36.63
C MET D 69 -54.36 1.44 -35.89
N ASN D 70 -53.47 0.59 -36.44
CA ASN D 70 -53.06 -0.62 -35.76
C ASN D 70 -52.50 -0.30 -34.37
N TYR D 71 -51.58 0.68 -34.32
CA TYR D 71 -50.95 1.00 -33.04
C TYR D 71 -51.94 1.63 -32.05
N PHE D 72 -52.71 2.62 -32.48
CA PHE D 72 -53.64 3.28 -31.58
C PHE D 72 -54.78 2.37 -31.12
N HIS D 73 -55.10 1.35 -31.92
CA HIS D 73 -56.10 0.35 -31.48
C HIS D 73 -55.46 -0.60 -30.47
N ALA D 74 -54.23 -1.04 -30.73
CA ALA D 74 -53.54 -1.87 -29.74
C ALA D 74 -53.40 -1.14 -28.41
N LEU D 75 -53.06 0.14 -28.50
CA LEU D 75 -52.90 0.99 -27.33
C LEU D 75 -54.21 1.09 -26.56
N GLU D 76 -55.31 1.40 -27.25
CA GLU D 76 -56.56 1.58 -26.56
C GLU D 76 -57.05 0.31 -25.93
N ILE D 77 -56.76 -0.83 -26.56
CA ILE D 77 -57.12 -2.14 -26.02
C ILE D 77 -56.43 -2.47 -24.70
N GLY D 78 -55.26 -1.87 -24.46
CA GLY D 78 -54.49 -2.06 -23.24
C GLY D 78 -54.78 -1.11 -22.11
N TYR D 79 -55.66 -0.14 -22.36
CA TYR D 79 -56.30 0.59 -21.28
C TYR D 79 -57.35 -0.35 -20.70
N ARG D 80 -57.33 -0.51 -19.37
CA ARG D 80 -58.21 -1.46 -18.71
C ARG D 80 -59.61 -0.91 -18.58
N ASP D 81 -60.56 -1.79 -18.31
CA ASP D 81 -61.96 -1.45 -18.08
C ASP D 81 -62.13 -1.09 -16.63
N ILE D 82 -61.63 0.10 -16.27
CA ILE D 82 -61.69 0.59 -14.91
C ILE D 82 -62.39 1.94 -14.95
N PRO D 83 -62.94 2.44 -13.81
CA PRO D 83 -63.81 3.62 -13.86
C PRO D 83 -63.20 4.95 -14.34
N TYR D 84 -61.90 5.18 -14.18
CA TYR D 84 -61.31 6.46 -14.61
C TYR D 84 -60.13 6.36 -15.58
N HIS D 85 -59.09 5.61 -15.22
CA HIS D 85 -57.87 5.57 -16.05
C HIS D 85 -58.03 4.60 -17.21
N ASN D 86 -58.98 4.93 -18.07
CA ASN D 86 -59.39 4.11 -19.19
C ASN D 86 -59.16 4.88 -20.49
N ARG D 87 -59.55 4.26 -21.62
CA ARG D 87 -59.30 4.82 -22.93
C ARG D 87 -60.09 6.11 -23.17
N ILE D 88 -61.18 6.29 -22.41
CA ILE D 88 -62.00 7.47 -22.50
C ILE D 88 -61.26 8.67 -21.90
N HIS D 89 -60.61 8.46 -20.75
CA HIS D 89 -59.76 9.48 -20.17
C HIS D 89 -58.57 9.85 -21.06
N ALA D 90 -57.94 8.85 -21.71
CA ALA D 90 -56.83 9.11 -22.63
C ALA D 90 -57.32 10.01 -23.78
N THR D 91 -58.50 9.68 -24.32
CA THR D 91 -59.09 10.42 -25.41
C THR D 91 -59.36 11.88 -24.99
N ASP D 92 -59.90 12.05 -23.78
CA ASP D 92 -60.17 13.35 -23.19
C ASP D 92 -58.90 14.22 -23.07
N VAL D 93 -57.79 13.59 -22.64
CA VAL D 93 -56.55 14.30 -22.45
C VAL D 93 -55.98 14.71 -23.80
N LEU D 94 -56.09 13.81 -24.78
CA LEU D 94 -55.65 14.10 -26.13
C LEU D 94 -56.44 15.27 -26.70
N HIS D 95 -57.76 15.24 -26.53
CA HIS D 95 -58.62 16.35 -27.02
C HIS D 95 -58.18 17.66 -26.35
N ALA D 96 -57.99 17.63 -25.03
CA ALA D 96 -57.56 18.84 -24.32
C ALA D 96 -56.20 19.41 -24.80
N VAL D 97 -55.18 18.56 -25.03
CA VAL D 97 -53.90 19.09 -25.52
C VAL D 97 -54.03 19.64 -26.91
N TRP D 98 -54.86 19.02 -27.75
CA TRP D 98 -55.14 19.56 -29.10
C TRP D 98 -55.83 20.92 -28.98
N TYR D 99 -56.88 21.04 -28.17
CA TYR D 99 -57.61 22.30 -27.98
C TYR D 99 -56.61 23.38 -27.53
N LEU D 100 -55.85 23.07 -26.49
CA LEU D 100 -54.94 24.08 -25.95
C LEU D 100 -53.90 24.55 -26.97
N THR D 101 -53.49 23.68 -27.89
CA THR D 101 -52.44 23.98 -28.86
C THR D 101 -52.94 24.50 -30.20
N THR D 102 -54.24 24.41 -30.46
CA THR D 102 -54.79 24.80 -31.78
C THR D 102 -55.74 25.97 -31.74
N GLN D 103 -56.31 26.17 -30.56
CA GLN D 103 -57.38 27.17 -30.44
C GLN D 103 -56.88 28.61 -30.25
N PRO D 104 -57.62 29.66 -30.68
CA PRO D 104 -57.14 31.04 -30.60
C PRO D 104 -56.83 31.47 -29.18
N ILE D 105 -55.67 32.09 -29.02
CA ILE D 105 -55.20 32.61 -27.75
C ILE D 105 -55.04 34.10 -27.96
N PRO D 106 -55.80 34.93 -27.21
CA PRO D 106 -55.75 36.38 -27.40
C PRO D 106 -54.35 36.96 -27.15
N GLY D 107 -53.86 37.73 -28.14
CA GLY D 107 -52.62 38.47 -28.05
C GLY D 107 -51.35 37.66 -28.02
N LEU D 108 -51.42 36.38 -28.40
CA LEU D 108 -50.23 35.57 -28.55
C LEU D 108 -49.61 35.91 -29.90
N SER D 109 -48.31 36.22 -29.89
CA SER D 109 -47.57 36.46 -31.13
C SER D 109 -47.08 35.15 -31.74
N THR D 110 -47.24 34.99 -33.06
CA THR D 110 -46.66 33.86 -33.79
C THR D 110 -45.15 34.11 -34.00
N VAL D 111 -44.34 33.07 -33.87
CA VAL D 111 -42.89 33.20 -34.15
C VAL D 111 -42.68 33.47 -35.64
N ILE D 112 -41.72 34.32 -35.98
CA ILE D 112 -41.38 34.53 -37.39
C ILE D 112 -40.87 33.18 -37.95
N GLY D 113 -41.39 32.75 -39.09
CA GLY D 113 -41.04 31.42 -39.64
C GLY D 113 -41.96 30.36 -39.08
N GLY D 114 -42.99 30.76 -38.33
CA GLY D 114 -43.91 29.81 -37.65
C GLY D 114 -45.01 29.27 -38.54
N SER D 115 -44.98 29.57 -39.84
CA SER D 115 -45.95 28.98 -40.78
C SER D 115 -45.15 28.27 -41.87
N GLY D 116 -43.90 27.91 -41.55
CA GLY D 116 -43.05 27.18 -42.50
C GLY D 116 -43.39 25.70 -42.55
N GLY D 117 -42.55 24.90 -43.20
CA GLY D 117 -42.84 23.46 -43.34
C GLY D 117 -42.61 22.70 -42.06
N SER D 118 -41.92 23.30 -41.09
CA SER D 118 -41.65 22.65 -39.80
C SER D 118 -42.85 22.84 -38.86
N TYR D 119 -43.88 23.56 -39.32
CA TYR D 119 -45.03 23.87 -38.46
C TYR D 119 -46.32 23.41 -39.12
N VAL D 120 -47.33 23.10 -38.31
CA VAL D 120 -48.65 22.67 -38.83
C VAL D 120 -49.73 23.58 -38.27
N PHE D 121 -50.95 23.48 -38.78
CA PHE D 121 -52.10 24.32 -38.39
C PHE D 121 -53.41 23.51 -38.48
N SER D 122 -54.30 23.69 -37.49
CA SER D 122 -55.62 23.05 -37.49
C SER D 122 -56.44 23.63 -38.61
N LYS D 123 -57.25 22.80 -39.28
CA LYS D 123 -58.25 23.31 -40.23
C LYS D 123 -59.34 24.15 -39.56
N THR D 124 -59.45 24.07 -38.24
CA THR D 124 -60.49 24.81 -37.48
C THR D 124 -59.98 26.19 -37.09
N TYR D 125 -58.71 26.47 -37.38
CA TYR D 125 -58.07 27.74 -37.05
C TYR D 125 -58.20 28.61 -38.30
N ASN D 126 -59.31 29.33 -38.35
CA ASN D 126 -59.82 30.03 -39.54
C ASN D 126 -59.61 31.52 -39.33
N VAL D 127 -59.57 31.94 -38.05
CA VAL D 127 -59.39 33.33 -37.61
C VAL D 127 -58.12 33.98 -38.18
N THR D 128 -58.32 35.15 -38.81
CA THR D 128 -57.19 35.89 -39.43
C THR D 128 -57.01 37.19 -38.65
N ASP D 129 -57.82 37.38 -37.60
CA ASP D 129 -57.63 38.55 -36.72
C ASP D 129 -56.25 38.43 -36.09
N ASP D 130 -55.32 39.34 -36.42
CA ASP D 130 -53.92 39.30 -35.92
C ASP D 130 -53.86 39.41 -34.39
N LYS D 131 -54.99 39.69 -33.74
CA LYS D 131 -55.03 39.82 -32.26
C LYS D 131 -55.15 38.43 -31.62
N TYR D 132 -55.05 37.36 -32.41
CA TYR D 132 -55.06 36.00 -31.87
C TYR D 132 -53.97 35.14 -32.49
N GLY D 133 -53.32 34.29 -31.70
CA GLY D 133 -52.40 33.28 -32.18
C GLY D 133 -52.82 31.93 -31.63
N CYS D 134 -52.08 30.88 -31.99
CA CYS D 134 -52.22 29.57 -31.37
C CYS D 134 -50.85 28.94 -31.16
N LEU D 135 -50.77 27.97 -30.25
CA LEU D 135 -49.50 27.35 -29.94
C LEU D 135 -48.88 26.63 -31.14
N SER D 136 -49.73 26.18 -32.07
CA SER D 136 -49.28 25.45 -33.30
C SER D 136 -48.43 26.36 -34.21
N GLY D 137 -48.52 27.68 -34.04
CA GLY D 137 -47.70 28.61 -34.83
C GLY D 137 -46.41 28.92 -34.10
N ASN D 138 -46.21 28.34 -32.92
CA ASN D 138 -45.01 28.66 -32.10
C ASN D 138 -44.28 27.37 -31.74
N ILE D 139 -44.92 26.21 -31.92
CA ILE D 139 -44.32 24.90 -31.56
C ILE D 139 -44.25 24.04 -32.82
N PRO D 140 -43.05 23.57 -33.21
CA PRO D 140 -42.89 22.74 -34.37
C PRO D 140 -43.74 21.47 -34.40
N ALA D 141 -44.14 21.05 -35.59
CA ALA D 141 -45.02 19.88 -35.78
C ALA D 141 -44.50 18.61 -35.10
N LEU D 142 -43.19 18.37 -35.17
CA LEU D 142 -42.62 17.18 -34.54
C LEU D 142 -42.89 17.16 -33.03
N GLU D 143 -42.73 18.33 -32.41
CA GLU D 143 -42.91 18.47 -30.96
C GLU D 143 -44.37 18.41 -30.60
N LEU D 144 -45.23 18.96 -31.45
CA LEU D 144 -46.67 18.86 -31.25
C LEU D 144 -47.13 17.41 -31.34
N MET D 145 -46.65 16.70 -32.37
CA MET D 145 -46.99 15.30 -32.56
C MET D 145 -46.57 14.45 -31.35
N ALA D 146 -45.39 14.74 -30.80
CA ALA D 146 -44.95 14.04 -29.60
C ALA D 146 -45.90 14.24 -28.43
N LEU D 147 -46.34 15.49 -28.23
CA LEU D 147 -47.33 15.81 -27.17
C LEU D 147 -48.65 15.03 -27.37
N TYR D 148 -49.13 14.95 -28.61
CA TYR D 148 -50.40 14.27 -28.88
C TYR D 148 -50.26 12.77 -28.62
N VAL D 149 -49.17 12.19 -29.12
CA VAL D 149 -48.89 10.78 -28.91
C VAL D 149 -48.72 10.48 -27.42
N ALA D 150 -48.00 11.36 -26.72
CA ALA D 150 -47.89 11.25 -25.27
C ALA D 150 -49.23 11.22 -24.56
N ALA D 151 -50.14 12.12 -24.93
CA ALA D 151 -51.48 12.17 -24.31
C ALA D 151 -52.23 10.85 -24.54
N ALA D 152 -52.19 10.31 -25.75
CA ALA D 152 -52.79 9.01 -26.03
C ALA D 152 -52.21 7.87 -25.17
N MET D 153 -50.90 7.91 -24.94
CA MET D 153 -50.18 6.86 -24.20
C MET D 153 -50.18 6.99 -22.67
N HIS D 154 -50.53 8.17 -22.15
CA HIS D 154 -49.98 8.61 -20.85
C HIS D 154 -50.44 7.85 -19.62
N ASP D 155 -51.54 7.08 -19.73
CA ASP D 155 -52.04 6.24 -18.65
C ASP D 155 -52.22 4.77 -19.07
N TYR D 156 -51.50 4.35 -20.12
CA TYR D 156 -51.60 3.00 -20.66
C TYR D 156 -51.38 1.94 -19.57
N ASP D 157 -52.29 0.97 -19.52
CA ASP D 157 -52.25 -0.16 -18.62
C ASP D 157 -52.22 0.26 -17.15
N HIS D 158 -52.96 1.31 -16.81
CA HIS D 158 -53.09 1.76 -15.45
C HIS D 158 -53.86 0.69 -14.66
N PRO D 159 -53.38 0.31 -13.46
CA PRO D 159 -54.06 -0.70 -12.66
C PRO D 159 -55.19 -0.21 -11.77
N GLY D 160 -55.53 1.07 -11.78
CA GLY D 160 -56.54 1.61 -10.87
C GLY D 160 -56.10 1.79 -9.41
N ARG D 161 -54.78 1.92 -9.18
CA ARG D 161 -54.22 2.20 -7.87
C ARG D 161 -53.24 3.37 -8.03
N THR D 162 -53.02 4.11 -6.94
CA THR D 162 -52.11 5.25 -6.95
C THR D 162 -50.67 4.76 -6.75
N ASN D 163 -49.69 5.63 -7.06
CA ASN D 163 -48.28 5.32 -6.81
C ASN D 163 -48.05 4.95 -5.38
N ALA D 164 -48.63 5.72 -4.46
CA ALA D 164 -48.39 5.52 -3.03
C ALA D 164 -48.88 4.13 -2.57
N PHE D 165 -49.95 3.62 -3.18
CA PHE D 165 -50.47 2.29 -2.86
C PHE D 165 -49.52 1.22 -3.36
N LEU D 166 -49.06 1.38 -4.60
CA LEU D 166 -48.05 0.47 -5.18
C LEU D 166 -46.82 0.42 -4.32
N VAL D 167 -46.39 1.60 -3.86
CA VAL D 167 -45.17 1.72 -3.05
C VAL D 167 -45.38 1.11 -1.66
N ALA D 168 -46.50 1.45 -1.01
CA ALA D 168 -46.82 0.95 0.33
C ALA D 168 -46.96 -0.57 0.39
N THR D 169 -47.38 -1.20 -0.72
CA THR D 169 -47.59 -2.63 -0.78
C THR D 169 -46.45 -3.40 -1.44
N SER D 170 -45.36 -2.71 -1.81
CA SER D 170 -44.22 -3.29 -2.50
C SER D 170 -44.62 -4.04 -3.71
N ALA D 171 -45.50 -3.44 -4.50
CA ALA D 171 -46.01 -4.06 -5.70
C ALA D 171 -44.80 -4.31 -6.59
N PRO D 172 -44.80 -5.39 -7.39
CA PRO D 172 -43.72 -5.63 -8.34
C PRO D 172 -43.32 -4.43 -9.19
N GLN D 173 -44.26 -3.58 -9.59
CA GLN D 173 -43.95 -2.39 -10.37
C GLN D 173 -43.16 -1.32 -9.57
N ALA D 174 -43.50 -1.18 -8.28
CA ALA D 174 -42.83 -0.27 -7.40
C ALA D 174 -41.37 -0.71 -7.17
N VAL D 175 -41.15 -2.02 -7.01
CA VAL D 175 -39.81 -2.57 -6.87
C VAL D 175 -39.02 -2.34 -8.18
N LEU D 176 -39.69 -2.60 -9.31
CA LEU D 176 -39.07 -2.45 -10.60
C LEU D 176 -38.58 -1.02 -10.88
N TYR D 177 -39.40 -0.03 -10.50
CA TYR D 177 -39.10 1.39 -10.69
C TYR D 177 -38.54 2.12 -9.48
N ASN D 178 -38.10 1.37 -8.47
CA ASN D 178 -37.48 1.93 -7.28
C ASN D 178 -38.28 3.04 -6.63
N ASP D 179 -39.61 2.85 -6.63
CA ASP D 179 -40.58 3.76 -6.01
C ASP D 179 -40.69 5.13 -6.67
N ARG D 180 -40.05 5.31 -7.83
CA ARG D 180 -40.04 6.62 -8.49
C ARG D 180 -40.92 6.69 -9.70
N SER D 181 -41.88 7.62 -9.69
CA SER D 181 -42.91 7.74 -10.76
C SER D 181 -43.28 6.37 -11.31
N VAL D 182 -43.76 5.49 -10.42
CA VAL D 182 -43.92 4.09 -10.75
C VAL D 182 -44.90 3.90 -11.93
N LEU D 183 -46.09 4.45 -11.81
CA LEU D 183 -47.09 4.34 -12.87
C LEU D 183 -46.62 5.01 -14.16
N GLU D 184 -46.08 6.23 -14.04
CA GLU D 184 -45.73 6.99 -15.23
C GLU D 184 -44.61 6.35 -16.03
N ASN D 185 -43.59 5.83 -15.33
CA ASN D 185 -42.54 5.07 -15.99
C ASN D 185 -43.14 3.87 -16.74
N HIS D 186 -44.05 3.16 -16.07
CA HIS D 186 -44.72 2.02 -16.69
C HIS D 186 -45.54 2.39 -17.94
N HIS D 187 -46.36 3.45 -17.85
CA HIS D 187 -47.17 3.89 -19.00
C HIS D 187 -46.26 4.09 -20.21
N ALA D 188 -45.17 4.84 -20.03
CA ALA D 188 -44.29 5.15 -21.13
C ALA D 188 -43.57 3.90 -21.64
N ALA D 189 -43.10 3.06 -20.72
CA ALA D 189 -42.32 1.91 -21.08
C ALA D 189 -43.15 0.84 -21.75
N ALA D 190 -44.33 0.58 -21.21
CA ALA D 190 -45.23 -0.41 -21.80
C ALA D 190 -45.76 0.07 -23.15
N ALA D 191 -46.08 1.35 -23.29
CA ALA D 191 -46.56 1.87 -24.58
C ALA D 191 -45.46 1.82 -25.66
N TRP D 192 -44.22 2.13 -25.27
CA TRP D 192 -43.08 2.08 -26.21
C TRP D 192 -42.73 0.65 -26.58
N ASN D 193 -42.80 -0.24 -25.60
CA ASN D 193 -42.56 -1.64 -25.85
C ASN D 193 -43.56 -2.25 -26.82
N LEU D 194 -44.83 -1.90 -26.61
CA LEU D 194 -45.92 -2.28 -27.51
C LEU D 194 -45.57 -1.80 -28.92
N PHE D 195 -45.22 -0.51 -29.03
CA PHE D 195 -44.91 0.09 -30.31
C PHE D 195 -43.84 -0.68 -31.04
N MET D 196 -42.77 -1.03 -30.32
CA MET D 196 -41.58 -1.67 -30.94
C MET D 196 -41.78 -3.16 -31.23
N SER D 197 -42.80 -3.77 -30.61
CA SER D 197 -43.00 -5.21 -30.68
C SER D 197 -43.38 -5.74 -32.05
N ARG D 198 -43.98 -4.90 -32.90
CA ARG D 198 -44.51 -5.34 -34.21
C ARG D 198 -44.25 -4.31 -35.30
N PRO D 199 -43.83 -4.74 -36.50
CA PRO D 199 -43.75 -3.83 -37.65
C PRO D 199 -45.10 -3.25 -38.10
N GLU D 200 -46.20 -3.95 -37.78
CA GLU D 200 -47.56 -3.52 -38.09
C GLU D 200 -47.94 -2.26 -37.35
N TYR D 201 -47.16 -1.90 -36.33
CA TYR D 201 -47.40 -0.68 -35.55
C TYR D 201 -46.53 0.52 -35.91
N ASN D 202 -45.56 0.34 -36.82
CA ASN D 202 -44.57 1.38 -37.09
C ASN D 202 -45.08 2.52 -38.00
N PHE D 203 -45.84 3.44 -37.40
CA PHE D 203 -46.37 4.59 -38.12
C PHE D 203 -45.35 5.74 -38.23
N LEU D 204 -44.21 5.60 -37.54
CA LEU D 204 -43.16 6.59 -37.55
C LEU D 204 -42.05 6.23 -38.53
N ILE D 205 -42.30 5.25 -39.40
CA ILE D 205 -41.28 4.71 -40.32
C ILE D 205 -40.56 5.76 -41.18
N ASN D 206 -41.22 6.89 -41.49
CA ASN D 206 -40.58 7.94 -42.29
C ASN D 206 -39.93 9.10 -41.53
N LEU D 207 -39.86 9.01 -40.20
CA LEU D 207 -38.91 9.83 -39.45
C LEU D 207 -37.51 9.26 -39.71
N ASP D 208 -36.51 10.13 -39.86
CA ASP D 208 -35.12 9.64 -39.83
C ASP D 208 -34.78 9.25 -38.36
N HIS D 209 -33.59 8.64 -38.20
CA HIS D 209 -33.11 8.19 -36.90
C HIS D 209 -33.00 9.31 -35.85
N VAL D 210 -32.45 10.46 -36.26
CA VAL D 210 -32.31 11.63 -35.37
C VAL D 210 -33.67 12.13 -34.88
N GLU D 211 -34.60 12.34 -35.82
CA GLU D 211 -35.98 12.71 -35.53
C GLU D 211 -36.64 11.71 -34.58
N PHE D 212 -36.48 10.41 -34.87
CA PHE D 212 -37.14 9.39 -34.07
C PHE D 212 -36.64 9.43 -32.63
N LYS D 213 -35.32 9.54 -32.45
CA LYS D 213 -34.75 9.57 -31.10
C LYS D 213 -35.27 10.79 -30.32
N HIS D 214 -35.29 11.94 -30.97
CA HIS D 214 -35.76 13.15 -30.33
C HIS D 214 -37.27 13.06 -30.01
N PHE D 215 -38.05 12.48 -30.92
CA PHE D 215 -39.48 12.26 -30.74
C PHE D 215 -39.73 11.42 -29.49
N ARG D 216 -39.01 10.31 -29.37
CA ARG D 216 -39.14 9.39 -28.26
C ARG D 216 -38.84 10.11 -26.93
N PHE D 217 -37.74 10.88 -26.90
CA PHE D 217 -37.38 11.70 -25.76
C PHE D 217 -38.50 12.67 -25.34
N LEU D 218 -39.07 13.40 -26.30
CA LEU D 218 -40.21 14.32 -26.02
C LEU D 218 -41.46 13.62 -25.47
N VAL D 219 -41.77 12.44 -26.03
CA VAL D 219 -42.93 11.69 -25.56
C VAL D 219 -42.75 11.26 -24.11
N ILE D 220 -41.56 10.73 -23.80
CA ILE D 220 -41.25 10.28 -22.44
C ILE D 220 -41.29 11.45 -21.47
N GLU D 221 -40.70 12.59 -21.86
CA GLU D 221 -40.69 13.76 -20.98
C GLU D 221 -42.11 14.23 -20.67
N ALA D 222 -42.99 14.16 -21.67
CA ALA D 222 -44.36 14.60 -21.50
C ALA D 222 -45.09 13.64 -20.57
N ILE D 223 -44.97 12.34 -20.81
CA ILE D 223 -45.67 11.35 -19.98
C ILE D 223 -45.20 11.43 -18.52
N LEU D 224 -43.88 11.52 -18.31
CA LEU D 224 -43.33 11.56 -16.98
C LEU D 224 -43.75 12.83 -16.23
N ALA D 225 -44.01 13.92 -16.95
CA ALA D 225 -44.50 15.17 -16.35
C ALA D 225 -45.90 15.06 -15.73
N THR D 226 -46.67 14.02 -16.07
CA THR D 226 -47.98 13.81 -15.42
C THR D 226 -47.98 13.27 -13.98
N ASP D 227 -46.81 12.90 -13.42
CA ASP D 227 -46.67 12.53 -12.00
C ASP D 227 -46.85 13.76 -11.10
N LEU D 228 -47.94 13.80 -10.32
CA LEU D 228 -48.23 14.96 -9.47
C LEU D 228 -47.26 15.22 -8.32
N LYS D 229 -46.44 14.22 -7.97
CA LYS D 229 -45.36 14.43 -7.03
C LYS D 229 -44.37 15.53 -7.50
N LYS D 230 -44.27 15.73 -8.82
CA LYS D 230 -43.40 16.74 -9.44
C LYS D 230 -44.13 18.04 -9.81
N HIS D 231 -45.39 18.16 -9.40
CA HIS D 231 -46.27 19.24 -9.82
C HIS D 231 -45.72 20.62 -9.48
N PHE D 232 -45.34 20.79 -8.23
CA PHE D 232 -44.86 22.09 -7.74
C PHE D 232 -43.54 22.47 -8.35
N ASP D 233 -42.70 21.48 -8.66
CA ASP D 233 -41.43 21.74 -9.39
C ASP D 233 -41.67 22.28 -10.78
N PHE D 234 -42.60 21.65 -11.52
CA PHE D 234 -42.93 22.12 -12.88
C PHE D 234 -43.49 23.52 -12.84
N VAL D 235 -44.39 23.76 -11.87
CA VAL D 235 -45.05 25.05 -11.77
C VAL D 235 -44.05 26.15 -11.36
N ALA D 236 -43.19 25.87 -10.38
CA ALA D 236 -42.11 26.83 -9.98
C ALA D 236 -41.16 27.13 -11.15
N LYS D 237 -40.75 26.08 -11.86
CA LYS D 237 -39.87 26.26 -12.99
C LYS D 237 -40.54 27.15 -14.04
N PHE D 238 -41.82 26.89 -14.33
CA PHE D 238 -42.54 27.67 -15.37
C PHE D 238 -42.67 29.12 -14.90
N ASN D 239 -43.12 29.34 -13.67
CA ASN D 239 -43.26 30.70 -13.11
C ASN D 239 -41.91 31.44 -13.23
N GLY D 240 -40.80 30.74 -12.98
CA GLY D 240 -39.47 31.34 -13.08
C GLY D 240 -39.15 31.82 -14.48
N LYS D 241 -39.47 30.99 -15.49
CA LYS D 241 -39.20 31.36 -16.90
C LYS D 241 -40.14 32.47 -17.36
N VAL D 242 -41.23 32.70 -16.63
CA VAL D 242 -42.23 33.72 -17.10
C VAL D 242 -41.90 35.03 -16.40
N ASN D 243 -41.49 34.96 -15.13
CA ASN D 243 -41.07 36.18 -14.39
C ASN D 243 -39.78 36.69 -15.04
N ASP D 244 -39.22 35.94 -15.98
CA ASP D 244 -38.00 36.38 -16.70
C ASP D 244 -38.37 37.55 -17.63
N ASP D 245 -37.43 38.46 -17.86
CA ASP D 245 -37.67 39.60 -18.79
C ASP D 245 -38.00 39.04 -20.17
N VAL D 246 -37.22 38.05 -20.63
CA VAL D 246 -37.44 37.43 -21.96
C VAL D 246 -38.78 36.68 -21.95
N GLY D 247 -39.16 36.11 -20.80
CA GLY D 247 -40.39 35.30 -20.74
C GLY D 247 -40.15 34.07 -21.59
N ILE D 248 -41.13 33.65 -22.38
CA ILE D 248 -40.95 32.39 -23.14
C ILE D 248 -40.22 32.68 -24.45
N ASP D 249 -39.11 31.99 -24.70
CA ASP D 249 -38.40 32.14 -25.99
C ASP D 249 -38.86 30.98 -26.88
N TRP D 250 -39.68 31.29 -27.88
CA TRP D 250 -40.23 30.22 -28.74
C TRP D 250 -39.14 29.63 -29.64
N THR D 251 -37.96 30.26 -29.68
CA THR D 251 -36.84 29.69 -30.44
C THR D 251 -35.95 28.75 -29.61
N ASN D 252 -36.22 28.66 -28.30
CA ASN D 252 -35.43 27.86 -27.38
C ASN D 252 -36.15 26.52 -27.12
N GLU D 253 -35.46 25.42 -27.42
CA GLU D 253 -36.03 24.08 -27.37
C GLU D 253 -36.50 23.67 -25.98
N ASN D 254 -35.81 24.18 -24.96
CA ASN D 254 -36.07 23.83 -23.57
C ASN D 254 -37.30 24.56 -23.04
N ASP D 255 -37.52 25.78 -23.53
CA ASP D 255 -38.72 26.57 -23.17
C ASP D 255 -39.93 25.92 -23.82
N ARG D 256 -39.81 25.52 -25.09
CA ARG D 256 -40.89 24.80 -25.76
C ARG D 256 -41.24 23.48 -25.08
N LEU D 257 -40.24 22.74 -24.60
CA LEU D 257 -40.49 21.49 -23.90
C LEU D 257 -41.29 21.78 -22.62
N LEU D 258 -40.86 22.79 -21.87
CA LEU D 258 -41.54 23.16 -20.65
C LEU D 258 -43.02 23.58 -20.91
N VAL D 259 -43.27 24.28 -22.02
CA VAL D 259 -44.66 24.67 -22.39
C VAL D 259 -45.47 23.40 -22.67
N CYS D 260 -44.90 22.49 -23.45
CA CYS D 260 -45.57 21.22 -23.72
C CYS D 260 -45.90 20.41 -22.46
N GLN D 261 -44.97 20.40 -21.51
CA GLN D 261 -45.22 19.73 -20.23
C GLN D 261 -46.36 20.38 -19.45
N MET D 262 -46.42 21.72 -19.43
CA MET D 262 -47.52 22.42 -18.76
C MET D 262 -48.86 22.11 -19.44
N CYS D 263 -48.83 22.01 -20.77
CA CYS D 263 -49.97 21.70 -21.58
CA CYS D 263 -50.01 21.70 -21.55
C CYS D 263 -50.55 20.34 -21.20
N ILE D 264 -49.69 19.30 -21.27
CA ILE D 264 -50.18 17.97 -20.94
C ILE D 264 -50.58 17.87 -19.47
N LYS D 265 -49.89 18.60 -18.58
CA LYS D 265 -50.28 18.63 -17.18
C LYS D 265 -51.72 19.19 -16.99
N LEU D 266 -52.02 20.30 -17.67
CA LEU D 266 -53.31 20.94 -17.58
C LEU D 266 -54.37 20.03 -18.24
N ALA D 267 -54.04 19.43 -19.38
CA ALA D 267 -54.93 18.54 -20.11
C ALA D 267 -55.30 17.35 -19.23
N ASP D 268 -54.33 16.82 -18.48
CA ASP D 268 -54.55 15.66 -17.64
C ASP D 268 -55.55 15.90 -16.52
N ILE D 269 -55.53 17.10 -15.94
CA ILE D 269 -56.41 17.43 -14.82
C ILE D 269 -57.43 18.49 -15.21
N ASN D 270 -57.90 18.42 -16.46
CA ASN D 270 -58.81 19.41 -17.05
C ASN D 270 -60.23 19.38 -16.43
N GLY D 271 -60.59 18.24 -15.80
CA GLY D 271 -61.95 17.93 -15.37
C GLY D 271 -62.62 19.07 -14.61
N PRO D 272 -61.99 19.56 -13.53
CA PRO D 272 -62.53 20.69 -12.78
C PRO D 272 -62.63 22.00 -13.54
N ALA D 273 -62.03 22.07 -14.73
CA ALA D 273 -62.14 23.25 -15.58
C ALA D 273 -63.12 23.07 -16.77
N LYS D 274 -63.90 21.99 -16.73
CA LYS D 274 -64.99 21.74 -17.67
C LYS D 274 -66.33 22.15 -17.02
N CYS D 275 -67.41 22.21 -17.81
CA CYS D 275 -68.76 22.45 -17.28
C CYS D 275 -69.07 21.44 -16.16
N LYS D 276 -69.98 21.84 -15.28
CA LYS D 276 -70.44 21.05 -14.16
C LYS D 276 -70.68 19.57 -14.51
N GLU D 277 -71.44 19.36 -15.59
CA GLU D 277 -71.88 18.02 -15.99
C GLU D 277 -70.73 17.09 -16.31
N LEU D 278 -69.74 17.58 -17.07
CA LEU D 278 -68.54 16.80 -17.36
C LEU D 278 -67.69 16.60 -16.10
N HIS D 279 -67.44 17.69 -15.35
CA HIS D 279 -66.64 17.63 -14.13
C HIS D 279 -67.17 16.57 -13.17
N LEU D 280 -68.49 16.58 -12.96
CA LEU D 280 -69.11 15.62 -12.05
C LEU D 280 -68.98 14.17 -12.49
N GLN D 281 -69.15 13.89 -13.78
CA GLN D 281 -68.99 12.51 -14.27
C GLN D 281 -67.55 12.02 -14.07
N TRP D 282 -66.56 12.85 -14.39
CA TRP D 282 -65.17 12.48 -14.23
C TRP D 282 -64.84 12.25 -12.76
N THR D 283 -65.42 13.10 -11.90
CA THR D 283 -65.23 13.00 -10.46
C THR D 283 -65.77 11.69 -9.92
N ASP D 284 -66.95 11.30 -10.36
CA ASP D 284 -67.50 9.99 -10.04
C ASP D 284 -66.55 8.83 -10.37
N GLY D 285 -65.97 8.87 -11.58
CA GLY D 285 -65.00 7.89 -11.97
C GLY D 285 -63.79 7.81 -11.03
N ILE D 286 -63.18 8.95 -10.70
CA ILE D 286 -61.93 8.91 -9.93
C ILE D 286 -62.23 8.43 -8.53
N VAL D 287 -63.34 8.88 -7.93
CA VAL D 287 -63.64 8.45 -6.55
C VAL D 287 -64.02 7.01 -6.48
N ASN D 288 -64.60 6.47 -7.55
CA ASN D 288 -64.83 5.02 -7.61
C ASN D 288 -63.53 4.25 -7.58
N GLU D 289 -62.49 4.71 -8.31
CA GLU D 289 -61.17 4.10 -8.22
C GLU D 289 -60.62 4.20 -6.80
N PHE D 290 -60.66 5.41 -6.22
CA PHE D 290 -60.21 5.60 -4.83
C PHE D 290 -60.88 4.64 -3.86
N TYR D 291 -62.20 4.46 -3.99
CA TYR D 291 -62.94 3.60 -3.04
C TYR D 291 -62.57 2.13 -3.19
N GLU D 292 -62.34 1.67 -4.41
CA GLU D 292 -61.86 0.32 -4.66
C GLU D 292 -60.51 0.11 -3.95
N GLN D 293 -59.64 1.13 -4.01
CA GLN D 293 -58.33 1.09 -3.36
C GLN D 293 -58.46 1.07 -1.86
N GLY D 294 -59.36 1.90 -1.32
CA GLY D 294 -59.65 1.93 0.09
C GLY D 294 -60.09 0.59 0.61
N ASP D 295 -60.93 -0.10 -0.16
CA ASP D 295 -61.39 -1.44 0.22
C ASP D 295 -60.20 -2.38 0.25
N GLU D 296 -59.31 -2.28 -0.76
CA GLU D 296 -58.15 -3.14 -0.78
C GLU D 296 -57.20 -2.82 0.38
N GLU D 297 -56.99 -1.53 0.68
CA GLU D 297 -56.20 -1.10 1.83
C GLU D 297 -56.67 -1.75 3.13
N ALA D 298 -57.97 -1.66 3.39
CA ALA D 298 -58.61 -2.26 4.57
C ALA D 298 -58.35 -3.75 4.65
N SER D 299 -58.60 -4.43 3.53
CA SER D 299 -58.42 -5.88 3.47
C SER D 299 -56.98 -6.32 3.68
N LEU D 300 -56.03 -5.42 3.35
CA LEU D 300 -54.60 -5.66 3.59
C LEU D 300 -54.14 -5.22 4.98
N GLY D 301 -55.03 -4.62 5.78
CA GLY D 301 -54.69 -4.16 7.11
C GLY D 301 -53.92 -2.85 7.15
N LEU D 302 -53.85 -2.17 6.01
CA LEU D 302 -53.26 -0.83 5.90
C LEU D 302 -54.28 0.23 6.33
N PRO D 303 -53.83 1.44 6.72
CA PRO D 303 -54.78 2.53 7.01
C PRO D 303 -55.36 3.02 5.67
N ILE D 304 -56.66 3.31 5.66
CA ILE D 304 -57.32 3.79 4.47
C ILE D 304 -56.81 5.21 4.22
N SER D 305 -56.35 5.47 2.99
CA SER D 305 -55.81 6.77 2.62
C SER D 305 -56.90 7.84 2.75
N PRO D 306 -56.52 9.12 3.00
CA PRO D 306 -57.49 10.21 2.99
C PRO D 306 -58.34 10.21 1.72
N PHE D 307 -59.67 10.36 1.93
CA PHE D 307 -60.69 10.48 0.90
C PHE D 307 -61.01 9.20 0.15
N MET D 308 -60.52 8.04 0.64
CA MET D 308 -60.72 6.78 -0.06
C MET D 308 -61.62 5.80 0.68
N ASP D 309 -62.24 6.28 1.76
CA ASP D 309 -63.11 5.46 2.58
C ASP D 309 -64.57 5.73 2.16
N ARG D 310 -65.16 4.79 1.41
CA ARG D 310 -66.52 4.94 0.86
C ARG D 310 -67.57 5.13 1.94
N SER D 311 -67.32 4.63 3.15
CA SER D 311 -68.28 4.75 4.27
C SER D 311 -68.09 6.03 5.08
N ALA D 312 -67.11 6.86 4.70
CA ALA D 312 -66.94 8.21 5.23
C ALA D 312 -66.35 9.07 4.13
N PRO D 313 -67.13 9.34 3.04
CA PRO D 313 -66.60 10.12 1.92
C PRO D 313 -66.50 11.58 2.35
N GLN D 314 -65.52 12.29 1.79
CA GLN D 314 -65.43 13.74 1.96
C GLN D 314 -65.16 14.31 0.60
N LEU D 315 -66.07 14.01 -0.33
CA LEU D 315 -65.97 14.36 -1.72
C LEU D 315 -65.71 15.87 -1.92
N ALA D 316 -66.54 16.70 -1.29
CA ALA D 316 -66.44 18.14 -1.45
C ALA D 316 -65.07 18.66 -1.01
N ASN D 317 -64.56 18.17 0.11
CA ASN D 317 -63.24 18.57 0.62
C ASN D 317 -62.11 18.13 -0.32
N LEU D 318 -62.23 16.92 -0.85
CA LEU D 318 -61.30 16.42 -1.86
C LEU D 318 -61.24 17.34 -3.10
N GLN D 319 -62.40 17.65 -3.67
CA GLN D 319 -62.48 18.44 -4.89
C GLN D 319 -62.06 19.88 -4.67
N GLU D 320 -62.50 20.45 -3.55
CA GLU D 320 -62.11 21.81 -3.19
C GLU D 320 -60.58 21.92 -3.02
N SER D 321 -59.95 20.98 -2.31
CA SER D 321 -58.53 21.07 -2.07
C SER D 321 -57.72 20.77 -3.32
N PHE D 322 -58.20 19.83 -4.15
CA PHE D 322 -57.58 19.58 -5.44
C PHE D 322 -57.59 20.82 -6.34
N ILE D 323 -58.69 21.56 -6.35
CA ILE D 323 -58.77 22.76 -7.16
C ILE D 323 -57.88 23.86 -6.57
N SER D 324 -57.95 24.08 -5.26
CA SER D 324 -57.22 25.16 -4.63
C SER D 324 -55.70 24.96 -4.68
N HIS D 325 -55.25 23.71 -4.49
CA HIS D 325 -53.82 23.38 -4.32
C HIS D 325 -53.11 22.92 -5.59
N ILE D 326 -53.84 22.30 -6.52
CA ILE D 326 -53.27 21.76 -7.74
C ILE D 326 -53.74 22.45 -9.03
N VAL D 327 -55.04 22.39 -9.34
CA VAL D 327 -55.52 22.87 -10.64
C VAL D 327 -55.44 24.39 -10.73
N GLY D 328 -55.88 25.05 -9.66
CA GLY D 328 -55.90 26.51 -9.56
C GLY D 328 -54.52 27.15 -9.85
N PRO D 329 -53.47 26.82 -9.07
CA PRO D 329 -52.14 27.37 -9.33
C PRO D 329 -51.57 27.00 -10.70
N LEU D 330 -51.89 25.80 -11.20
CA LEU D 330 -51.48 25.44 -12.54
C LEU D 330 -52.12 26.33 -13.60
N CYS D 331 -53.45 26.53 -13.51
CA CYS D 331 -54.14 27.44 -14.42
C CYS D 331 -53.66 28.87 -14.33
N ASN D 332 -53.44 29.36 -13.11
CA ASN D 332 -52.89 30.71 -12.89
C ASN D 332 -51.53 30.88 -13.55
N SER D 333 -50.65 29.89 -13.41
CA SER D 333 -49.31 29.93 -14.03
C SER D 333 -49.43 29.98 -15.55
N TYR D 334 -50.24 29.09 -16.10
CA TYR D 334 -50.45 29.00 -17.54
C TYR D 334 -51.06 30.29 -18.07
N ASP D 335 -52.04 30.81 -17.34
CA ASP D 335 -52.74 32.05 -17.69
C ASP D 335 -51.74 33.24 -17.65
N SER D 336 -50.86 33.27 -16.65
CA SER D 336 -49.90 34.37 -16.49
C SER D 336 -48.86 34.42 -17.63
N ALA D 337 -48.66 33.30 -18.31
CA ALA D 337 -47.74 33.26 -19.47
C ALA D 337 -48.52 33.69 -20.70
N GLY D 338 -49.82 33.92 -20.53
CA GLY D 338 -50.68 34.34 -21.62
C GLY D 338 -51.01 33.24 -22.63
N LEU D 339 -51.11 31.98 -22.17
CA LEU D 339 -51.31 30.84 -23.10
C LEU D 339 -52.73 30.27 -23.05
N MET D 340 -53.58 30.84 -22.21
CA MET D 340 -54.94 30.32 -22.07
C MET D 340 -55.82 30.70 -23.27
N PRO D 341 -56.47 29.75 -24.01
CA PRO D 341 -57.46 30.12 -25.02
C PRO D 341 -58.53 31.03 -24.43
N GLY D 342 -59.08 31.90 -25.26
CA GLY D 342 -60.06 32.89 -24.84
C GLY D 342 -60.45 33.81 -25.96
N LYS D 343 -61.30 34.80 -25.65
CA LYS D 343 -61.81 35.77 -26.61
C LYS D 343 -61.63 37.17 -26.07
N TRP D 344 -61.37 38.11 -26.99
CA TRP D 344 -61.50 39.53 -26.67
C TRP D 344 -62.99 39.85 -26.55
N VAL D 345 -63.33 40.67 -25.56
CA VAL D 345 -64.61 41.38 -25.51
C VAL D 345 -64.65 42.50 -26.55
N ARG D 354 -58.35 46.46 -23.85
CA ARG D 354 -59.47 45.54 -23.98
C ARG D 354 -59.39 44.39 -22.95
N LYS D 355 -60.55 43.81 -22.60
CA LYS D 355 -60.64 42.65 -21.69
C LYS D 355 -60.68 41.30 -22.44
N ILE D 356 -60.37 40.23 -21.70
CA ILE D 356 -60.40 38.88 -22.20
C ILE D 356 -61.41 38.04 -21.43
N TYR D 357 -62.20 37.25 -22.16
CA TYR D 357 -63.07 36.27 -21.56
C TYR D 357 -62.45 34.90 -21.70
N CYS D 358 -62.20 34.23 -20.55
CA CYS D 358 -61.55 32.93 -20.55
C CYS D 358 -62.46 31.86 -19.98
N GLN D 359 -62.98 30.99 -20.85
CA GLN D 359 -63.98 29.97 -20.52
C GLN D 359 -63.40 29.00 -19.49
N ILE D 360 -62.15 28.60 -19.72
CA ILE D 360 -61.51 27.62 -18.90
C ILE D 360 -61.45 28.03 -17.43
N THR D 361 -60.97 29.25 -17.17
CA THR D 361 -60.84 29.76 -15.78
C THR D 361 -62.22 30.05 -15.20
N GLN D 362 -63.15 30.52 -16.03
CA GLN D 362 -64.53 30.72 -15.58
C GLN D 362 -65.14 29.43 -15.04
N HIS D 363 -65.01 28.32 -15.78
CA HIS D 363 -65.52 27.03 -15.34
C HIS D 363 -64.88 26.59 -14.03
N LEU D 364 -63.55 26.76 -13.96
CA LEU D 364 -62.80 26.37 -12.75
C LEU D 364 -63.30 27.12 -11.54
N LEU D 365 -63.50 28.43 -11.70
CA LEU D 365 -64.04 29.27 -10.65
C LEU D 365 -65.44 28.86 -10.22
N GLN D 366 -66.32 28.53 -11.17
CA GLN D 366 -67.70 28.08 -10.88
C GLN D 366 -67.67 26.77 -10.10
N ASN D 367 -66.84 25.82 -10.57
CA ASN D 367 -66.76 24.53 -9.91
C ASN D 367 -66.19 24.65 -8.49
N HIS D 368 -65.24 25.56 -8.31
CA HIS D 368 -64.63 25.79 -7.00
C HIS D 368 -65.68 26.34 -6.03
N LYS D 369 -66.48 27.31 -6.49
CA LYS D 369 -67.56 27.91 -5.71
C LYS D 369 -68.61 26.90 -5.32
N MET D 370 -68.95 26.02 -6.26
CA MET D 370 -69.91 24.95 -5.99
C MET D 370 -69.46 24.04 -4.80
N TRP D 371 -68.22 23.58 -4.84
CA TRP D 371 -67.73 22.70 -3.80
C TRP D 371 -67.58 23.43 -2.45
N LYS D 372 -67.16 24.69 -2.50
CA LYS D 372 -67.10 25.53 -1.31
C LYS D 372 -68.45 25.61 -0.63
N LYS D 373 -69.50 25.87 -1.42
CA LYS D 373 -70.86 25.97 -0.92
C LYS D 373 -71.30 24.66 -0.25
N VAL D 374 -70.99 23.53 -0.87
CA VAL D 374 -71.28 22.21 -0.30
C VAL D 374 -70.60 22.03 1.06
N ILE D 375 -69.33 22.46 1.16
CA ILE D 375 -68.59 22.39 2.41
C ILE D 375 -69.23 23.21 3.52
N GLU D 376 -69.74 24.41 3.20
CA GLU D 376 -70.45 25.27 4.16
C GLU D 376 -71.72 24.62 4.75
N GLU D 377 -72.47 23.91 3.91
CA GLU D 377 -73.69 23.24 4.34
C GLU D 377 -73.38 22.08 5.30
N GLU D 378 -72.41 21.23 4.90
CA GLU D 378 -71.97 20.07 5.68
C GLU D 378 -71.65 20.37 7.14
N GLN D 379 -70.95 21.49 7.40
CA GLN D 379 -70.90 22.03 8.78
C GLN D 379 -72.07 23.00 9.03
P AMP E . 52.22 -10.05 20.08
O1P AMP E . 51.43 -8.88 20.66
O2P AMP E . 52.11 -10.14 18.51
O3P AMP E . 53.66 -10.12 20.57
O5' AMP E . 51.49 -11.36 20.69
C5' AMP E . 52.24 -12.38 21.40
C4' AMP E . 51.38 -12.93 22.53
O4' AMP E . 52.10 -13.98 23.22
C3' AMP E . 51.03 -11.92 23.63
O3' AMP E . 49.80 -12.30 24.25
C2' AMP E . 52.23 -12.06 24.56
O2' AMP E . 51.99 -11.61 25.87
C1' AMP E . 52.45 -13.57 24.52
N9 AMP E . 53.82 -14.00 24.78
C8 AMP E . 54.84 -14.03 23.86
N7 AMP E . 55.96 -14.48 24.35
C5 AMP E . 55.67 -14.78 25.67
C6 AMP E . 56.46 -15.31 26.72
N6 AMP E . 57.74 -15.64 26.58
N1 AMP E . 55.85 -15.47 27.92
C2 AMP E . 54.56 -15.15 28.04
N3 AMP E . 53.73 -14.65 27.13
C4 AMP E . 54.35 -14.48 25.95
MN MN F . 54.34 -9.72 18.20
MG MG G . 50.66 -8.67 18.67
CA CA H . 42.35 -39.14 8.30
C ACT I . 66.91 0.60 16.74
O ACT I . 66.11 1.13 17.53
OXT ACT I . 67.00 0.88 15.51
CH3 ACT I . 67.86 -0.46 17.29
P AMP J . 20.95 -3.26 5.65
O1P AMP J . 19.67 -2.56 6.13
O2P AMP J . 21.78 -3.76 6.83
O3P AMP J . 21.76 -2.44 4.68
O5' AMP J . 20.48 -4.57 4.81
C5' AMP J . 21.46 -5.52 4.32
C4' AMP J . 21.49 -5.49 2.80
O4' AMP J . 20.27 -6.05 2.27
C3' AMP J . 21.51 -4.09 2.17
O3' AMP J . 22.83 -3.57 2.17
C2' AMP J . 20.96 -4.35 0.76
O2' AMP J . 21.98 -4.60 -0.18
C1' AMP J . 20.10 -5.61 0.94
N9 AMP J . 18.68 -5.40 0.68
C8 AMP J . 17.68 -5.12 1.58
N7 AMP J . 16.49 -5.01 1.03
C5 AMP J . 16.72 -5.24 -0.32
C6 AMP J . 15.85 -5.26 -1.43
N6 AMP J . 14.53 -5.08 -1.36
N1 AMP J . 16.39 -5.52 -2.65
C2 AMP J . 17.71 -5.72 -2.72
N3 AMP J . 18.61 -5.72 -1.74
C4 AMP J . 18.05 -5.47 -0.55
MN MN K . 19.52 -2.29 8.02
MG MG L . 23.26 -2.62 7.47
C ACT M . 11.30 11.43 11.22
O ACT M . 11.37 11.56 12.46
OXT ACT M . 12.23 11.71 10.41
CH3 ACT M . 9.99 10.87 10.65
P AMP N . -19.87 2.44 -12.04
O1P AMP N . -20.64 1.98 -13.30
O2P AMP N . -20.79 2.62 -10.75
O3P AMP N . -18.69 1.58 -11.75
O5' AMP N . -19.07 3.83 -12.35
C5' AMP N . -19.52 4.80 -13.33
C4' AMP N . -18.57 4.89 -14.50
O4' AMP N . -17.35 5.61 -14.17
C3' AMP N . -17.98 3.59 -15.04
O3' AMP N . -18.94 2.75 -15.67
C2' AMP N . -16.94 4.18 -16.00
O2' AMP N . -17.49 4.62 -17.22
C1' AMP N . -16.43 5.40 -15.23
N9 AMP N . -15.07 5.23 -14.73
C8 AMP N . -14.67 4.75 -13.50
N7 AMP N . -13.37 4.71 -13.36
C5 AMP N . -12.86 5.18 -14.56
C6 AMP N . -11.54 5.37 -15.03
N6 AMP N . -10.45 5.10 -14.30
N1 AMP N . -11.39 5.85 -16.28
C2 AMP N . -12.49 6.12 -17.01
N3 AMP N . -13.77 5.98 -16.68
C4 AMP N . -13.90 5.50 -15.42
MN MN O . -19.37 1.05 -9.72
MG MG P . -22.41 1.92 -11.97
C ACT Q . -14.24 -13.88 -5.53
O ACT Q . -14.87 -14.07 -6.60
OXT ACT Q . -14.70 -14.10 -4.39
CH3 ACT Q . -12.83 -13.33 -5.64
P AMP R . -53.70 10.77 -13.93
O1P AMP R . -54.91 10.79 -14.84
O2P AMP R . -52.40 10.86 -14.73
O3P AMP R . -53.66 9.63 -12.96
O5' AMP R . -53.92 12.13 -13.06
C5' AMP R . -53.05 12.49 -11.98
C4' AMP R . -53.80 12.46 -10.68
O4' AMP R . -54.57 13.67 -10.47
C3' AMP R . -54.89 11.39 -10.53
O3' AMP R . -54.38 10.06 -10.48
C2' AMP R . -55.56 11.89 -9.24
O2' AMP R . -54.88 11.56 -8.05
C1' AMP R . -55.54 13.40 -9.47
N9 AMP R . -56.87 13.89 -9.87
C8 AMP R . -57.36 14.05 -11.15
N7 AMP R . -58.58 14.50 -11.18
C5 AMP R . -58.95 14.61 -9.85
C6 AMP R . -60.15 15.02 -9.22
N6 AMP R . -61.24 15.42 -9.88
N1 AMP R . -60.18 15.00 -7.87
C2 AMP R . -59.08 14.61 -7.20
N3 AMP R . -57.90 14.21 -7.68
C4 AMP R . -57.90 14.23 -9.03
MN MN S . -54.25 10.79 -16.78
MG MG T . -51.41 9.13 -14.77
C ACT U . -64.82 2.81 -26.25
O ACT U . -64.46 2.89 -27.45
OXT ACT U . -64.47 1.91 -25.46
CH3 ACT U . -65.77 3.88 -25.71
#